data_6XEH
#
_entry.id   6XEH
#
_entity_poly.entity_id   1
_entity_poly.type   'polypeptide(L)'
_entity_poly.pdbx_seq_one_letter_code
;MGKVVFLSDDQEIIEEVSKKAEEEGYDIQTSNDKKEIIDRLKRRNIDMIIVKTEDKESISEIIKQVLDSGAKVLILSSDE
NIIESIRKQYPKVETRRAQDKEEVKDAVEEFLKEGGSLEHHHHHH
;
_entity_poly.pdbx_strand_id   A
#
# COMPACT_ATOMS: atom_id res chain seq x y z
N MET A 1 -3.10 0.24 -18.27
CA MET A 1 -1.86 0.26 -17.46
C MET A 1 -2.17 0.79 -16.04
N GLY A 2 -2.84 -0.05 -15.24
CA GLY A 2 -3.07 0.21 -13.84
C GLY A 2 -1.82 -0.13 -13.05
N LYS A 3 -0.86 0.82 -13.04
CA LYS A 3 0.47 0.62 -12.45
C LYS A 3 0.35 0.40 -10.92
N VAL A 4 0.35 -0.90 -10.53
CA VAL A 4 0.38 -1.29 -9.12
C VAL A 4 1.84 -1.41 -8.70
N VAL A 5 2.24 -0.64 -7.69
CA VAL A 5 3.60 -0.71 -7.12
C VAL A 5 3.51 -0.99 -5.62
N PHE A 6 4.05 -2.13 -5.19
CA PHE A 6 4.23 -2.47 -3.79
C PHE A 6 5.60 -1.95 -3.30
N LEU A 7 5.65 -1.55 -2.03
CA LEU A 7 6.85 -1.07 -1.35
C LEU A 7 6.91 -1.72 0.05
N SER A 8 8.07 -2.30 0.39
CA SER A 8 8.36 -2.80 1.74
C SER A 8 9.87 -2.82 1.94
N ASP A 9 10.30 -2.41 3.13
CA ASP A 9 11.71 -2.41 3.55
C ASP A 9 12.21 -3.84 3.83
N ASP A 10 11.26 -4.75 4.10
CA ASP A 10 11.55 -6.16 4.44
C ASP A 10 11.31 -7.06 3.22
N GLN A 11 12.28 -7.98 2.97
CA GLN A 11 12.25 -8.92 1.84
C GLN A 11 11.11 -9.97 1.97
N GLU A 12 10.97 -10.57 3.16
CA GLU A 12 9.98 -11.67 3.39
C GLU A 12 8.54 -11.19 3.19
N ILE A 13 8.31 -9.89 3.37
CA ILE A 13 7.02 -9.26 3.07
C ILE A 13 6.81 -9.26 1.53
N ILE A 14 7.83 -8.75 0.81
CA ILE A 14 7.86 -8.65 -0.67
C ILE A 14 7.61 -10.02 -1.33
N GLU A 15 8.20 -11.08 -0.72
CA GLU A 15 8.11 -12.46 -1.23
C GLU A 15 6.68 -12.99 -1.19
N GLU A 16 5.96 -12.68 -0.10
CA GLU A 16 4.59 -13.15 0.13
C GLU A 16 3.58 -12.40 -0.75
N VAL A 17 3.81 -11.10 -0.94
CA VAL A 17 2.98 -10.26 -1.84
C VAL A 17 3.17 -10.68 -3.31
N SER A 18 4.44 -10.96 -3.67
CA SER A 18 4.80 -11.49 -4.99
C SER A 18 4.23 -12.90 -5.19
N LYS A 19 4.13 -13.67 -4.08
CA LYS A 19 3.60 -15.04 -4.10
C LYS A 19 2.10 -15.02 -4.34
N LYS A 20 1.39 -14.12 -3.64
CA LYS A 20 -0.05 -13.88 -3.85
C LYS A 20 -0.31 -13.41 -5.29
N ALA A 21 0.58 -12.55 -5.81
CA ALA A 21 0.54 -12.07 -7.20
C ALA A 21 0.82 -13.20 -8.21
N GLU A 22 1.56 -14.22 -7.76
CA GLU A 22 1.85 -15.42 -8.57
C GLU A 22 0.61 -16.33 -8.66
N GLU A 23 0.05 -16.69 -7.48
CA GLU A 23 -1.13 -17.58 -7.36
C GLU A 23 -2.33 -17.04 -8.17
N GLU A 24 -2.63 -15.75 -7.97
CA GLU A 24 -3.78 -15.07 -8.58
C GLU A 24 -3.45 -14.53 -10.00
N GLY A 25 -2.15 -14.35 -10.29
CA GLY A 25 -1.71 -13.76 -11.56
C GLY A 25 -1.94 -12.25 -11.61
N TYR A 26 -1.73 -11.57 -10.47
CA TYR A 26 -1.88 -10.10 -10.36
C TYR A 26 -0.61 -9.36 -10.83
N ASP A 27 -0.83 -8.21 -11.48
CA ASP A 27 0.24 -7.32 -11.95
C ASP A 27 0.70 -6.41 -10.79
N ILE A 28 1.90 -6.65 -10.25
CA ILE A 28 2.52 -5.78 -9.21
C ILE A 28 4.00 -5.57 -9.54
N GLN A 29 4.50 -4.36 -9.27
CA GLN A 29 5.94 -4.05 -9.22
C GLN A 29 6.34 -3.89 -7.76
N THR A 30 7.20 -4.79 -7.24
CA THR A 30 7.63 -4.75 -5.84
C THR A 30 8.99 -4.04 -5.74
N SER A 31 9.10 -3.11 -4.78
CA SER A 31 10.30 -2.31 -4.53
C SER A 31 10.64 -2.33 -3.05
N ASN A 32 11.93 -2.23 -2.74
CA ASN A 32 12.43 -2.21 -1.36
C ASN A 32 12.76 -0.77 -0.91
N ASP A 33 13.13 0.08 -1.88
CA ASP A 33 13.67 1.44 -1.62
C ASP A 33 12.56 2.52 -1.72
N LYS A 34 12.33 3.24 -0.60
CA LYS A 34 11.29 4.29 -0.49
C LYS A 34 11.61 5.55 -1.34
N LYS A 35 12.90 5.89 -1.48
CA LYS A 35 13.35 7.15 -2.14
C LYS A 35 13.02 7.12 -3.64
N GLU A 36 13.16 5.92 -4.23
CA GLU A 36 12.75 5.63 -5.61
C GLU A 36 11.26 5.94 -5.77
N ILE A 37 10.46 5.37 -4.85
CA ILE A 37 8.99 5.40 -4.89
C ILE A 37 8.46 6.84 -4.78
N ILE A 38 9.13 7.66 -3.95
CA ILE A 38 8.82 9.10 -3.81
C ILE A 38 8.96 9.80 -5.18
N ASP A 39 10.01 9.41 -5.93
CA ASP A 39 10.31 9.99 -7.27
C ASP A 39 9.33 9.49 -8.34
N ARG A 40 8.83 8.25 -8.19
CA ARG A 40 7.85 7.66 -9.12
C ARG A 40 6.49 8.36 -8.97
N LEU A 41 6.18 8.75 -7.72
CA LEU A 41 5.00 9.55 -7.37
C LEU A 41 5.21 11.04 -7.75
N LYS A 42 6.49 11.49 -7.80
CA LYS A 42 6.88 12.82 -8.33
C LYS A 42 6.57 12.91 -9.84
N ARG A 43 6.74 11.77 -10.54
CA ARG A 43 6.39 11.64 -11.97
C ARG A 43 4.89 11.28 -12.14
N ARG A 44 4.20 10.97 -11.01
CA ARG A 44 2.78 10.55 -10.95
C ARG A 44 2.54 9.24 -11.76
N ASN A 45 3.63 8.47 -11.98
CA ASN A 45 3.63 7.27 -12.85
C ASN A 45 3.24 5.99 -12.08
N ILE A 46 2.73 6.13 -10.85
CA ILE A 46 2.11 5.03 -10.10
C ILE A 46 0.59 5.29 -10.01
N ASP A 47 -0.22 4.33 -10.50
CA ASP A 47 -1.69 4.45 -10.53
C ASP A 47 -2.30 4.09 -9.17
N MET A 48 -1.72 3.05 -8.54
CA MET A 48 -2.16 2.53 -7.26
C MET A 48 -0.94 1.91 -6.54
N ILE A 49 -0.80 2.21 -5.25
CA ILE A 49 0.42 1.89 -4.49
C ILE A 49 0.05 1.28 -3.14
N ILE A 50 0.92 0.39 -2.63
CA ILE A 50 0.77 -0.29 -1.34
C ILE A 50 2.12 -0.21 -0.60
N VAL A 51 2.14 0.44 0.58
CA VAL A 51 3.35 0.58 1.40
C VAL A 51 3.17 -0.17 2.74
N LYS A 52 3.99 -1.21 2.92
CA LYS A 52 4.06 -1.96 4.18
C LYS A 52 5.38 -1.63 4.91
N THR A 53 5.25 -0.96 6.06
CA THR A 53 6.36 -0.65 6.97
C THR A 53 5.80 0.02 8.24
N GLU A 54 6.59 0.03 9.32
CA GLU A 54 6.28 0.78 10.56
C GLU A 54 6.99 2.14 10.55
N ASP A 55 7.88 2.34 9.57
CA ASP A 55 8.67 3.56 9.42
C ASP A 55 7.76 4.72 8.99
N LYS A 56 7.31 5.50 9.99
CA LYS A 56 6.38 6.63 9.83
C LYS A 56 6.90 7.68 8.83
N GLU A 57 8.24 7.80 8.74
CA GLU A 57 8.93 8.73 7.83
C GLU A 57 8.57 8.45 6.36
N SER A 58 8.64 7.17 5.95
CA SER A 58 8.32 6.73 4.59
C SER A 58 6.81 6.83 4.34
N ILE A 59 6.03 6.28 5.28
CA ILE A 59 4.55 6.28 5.20
C ILE A 59 4.01 7.69 4.91
N SER A 60 4.41 8.66 5.77
CA SER A 60 4.00 10.07 5.66
C SER A 60 4.32 10.66 4.27
N GLU A 61 5.61 10.62 3.88
CA GLU A 61 6.09 11.28 2.66
C GLU A 61 5.49 10.68 1.39
N ILE A 62 5.40 9.34 1.32
CA ILE A 62 4.76 8.65 0.18
C ILE A 62 3.30 9.14 0.00
N ILE A 63 2.51 9.17 1.10
CA ILE A 63 1.09 9.60 1.05
C ILE A 63 0.97 11.03 0.52
N LYS A 64 1.86 11.91 0.99
CA LYS A 64 1.91 13.33 0.60
C LYS A 64 2.19 13.49 -0.91
N GLN A 65 2.95 12.53 -1.46
CA GLN A 65 3.22 12.44 -2.91
C GLN A 65 2.02 11.83 -3.67
N VAL A 66 1.26 10.95 -3.00
CA VAL A 66 0.05 10.31 -3.59
C VAL A 66 -1.12 11.32 -3.65
N LEU A 67 -1.15 12.26 -2.69
CA LEU A 67 -2.15 13.35 -2.67
C LEU A 67 -1.99 14.23 -3.93
N ASP A 68 -0.72 14.48 -4.30
CA ASP A 68 -0.36 15.24 -5.52
C ASP A 68 -0.77 14.45 -6.79
N SER A 69 -0.54 13.13 -6.78
CA SER A 69 -0.75 12.29 -7.97
C SER A 69 -2.23 11.91 -8.17
N GLY A 70 -3.00 11.92 -7.07
CA GLY A 70 -4.41 11.50 -7.09
C GLY A 70 -4.57 9.99 -7.27
N ALA A 71 -3.53 9.24 -6.87
CA ALA A 71 -3.50 7.78 -7.00
C ALA A 71 -4.21 7.09 -5.83
N LYS A 72 -4.39 5.75 -5.92
CA LYS A 72 -4.87 4.93 -4.79
C LYS A 72 -3.66 4.58 -3.92
N VAL A 73 -3.81 4.61 -2.60
CA VAL A 73 -2.73 4.28 -1.64
C VAL A 73 -3.26 3.39 -0.51
N LEU A 74 -2.54 2.29 -0.25
CA LEU A 74 -2.86 1.36 0.82
C LEU A 74 -1.68 1.32 1.81
N ILE A 75 -1.92 1.78 3.04
CA ILE A 75 -0.93 1.78 4.11
C ILE A 75 -1.15 0.57 5.01
N LEU A 76 -0.08 -0.21 5.18
CA LEU A 76 -0.06 -1.43 5.99
C LEU A 76 1.06 -1.28 7.04
N SER A 77 0.70 -1.39 8.32
CA SER A 77 1.68 -1.35 9.42
C SER A 77 1.21 -2.26 10.56
N SER A 78 2.18 -2.77 11.32
CA SER A 78 1.94 -3.65 12.47
C SER A 78 1.23 -2.90 13.59
N ASP A 79 1.57 -1.60 13.71
CA ASP A 79 1.09 -0.73 14.78
C ASP A 79 -0.21 -0.02 14.37
N GLU A 80 -1.25 -0.23 15.19
CA GLU A 80 -2.62 0.26 14.95
C GLU A 80 -2.72 1.77 15.16
N ASN A 81 -1.79 2.34 15.95
CA ASN A 81 -1.76 3.78 16.24
C ASN A 81 -1.25 4.54 15.01
N ILE A 82 -0.32 3.91 14.26
CA ILE A 82 0.16 4.44 12.97
C ILE A 82 -1.00 4.44 11.96
N ILE A 83 -1.65 3.27 11.80
CA ILE A 83 -2.81 3.10 10.89
C ILE A 83 -3.89 4.18 11.18
N GLU A 84 -4.30 4.27 12.45
CA GLU A 84 -5.36 5.18 12.91
C GLU A 84 -4.99 6.66 12.69
N SER A 85 -3.70 7.01 12.92
CA SER A 85 -3.18 8.37 12.65
C SER A 85 -3.38 8.74 11.17
N ILE A 86 -3.07 7.78 10.29
CA ILE A 86 -3.15 7.96 8.84
C ILE A 86 -4.63 8.09 8.38
N ARG A 87 -5.55 7.42 9.10
CA ARG A 87 -7.00 7.48 8.80
C ARG A 87 -7.59 8.85 9.15
N LYS A 88 -7.26 9.37 10.35
CA LYS A 88 -7.83 10.63 10.86
C LYS A 88 -7.23 11.86 10.14
N GLN A 89 -5.97 11.74 9.70
CA GLN A 89 -5.31 12.78 8.88
C GLN A 89 -5.80 12.74 7.43
N TYR A 90 -5.95 11.52 6.89
CA TYR A 90 -6.30 11.30 5.47
C TYR A 90 -7.56 10.40 5.39
N PRO A 91 -8.77 10.96 5.09
CA PRO A 91 -10.00 10.14 4.95
C PRO A 91 -10.01 9.23 3.69
N LYS A 92 -9.32 9.67 2.62
CA LYS A 92 -9.33 8.98 1.31
C LYS A 92 -8.30 7.84 1.18
N VAL A 93 -7.43 7.68 2.19
CA VAL A 93 -6.40 6.60 2.18
C VAL A 93 -7.07 5.25 2.50
N GLU A 94 -6.61 4.18 1.83
CA GLU A 94 -6.95 2.81 2.22
C GLU A 94 -5.95 2.40 3.30
N THR A 95 -6.42 1.93 4.43
CA THR A 95 -5.55 1.54 5.56
C THR A 95 -6.03 0.21 6.14
N ARG A 96 -5.07 -0.65 6.50
CA ARG A 96 -5.35 -1.95 7.09
C ARG A 96 -4.15 -2.36 7.94
N ARG A 97 -4.44 -2.92 9.11
CA ARG A 97 -3.42 -3.35 10.07
C ARG A 97 -2.84 -4.68 9.59
N ALA A 98 -1.54 -4.70 9.34
CA ALA A 98 -0.87 -5.88 8.82
C ALA A 98 0.43 -6.06 9.59
N GLN A 99 0.44 -7.05 10.48
CA GLN A 99 1.59 -7.35 11.34
C GLN A 99 2.44 -8.43 10.68
N ASP A 100 1.77 -9.54 10.33
CA ASP A 100 2.40 -10.68 9.66
C ASP A 100 2.30 -10.48 8.14
N LYS A 101 3.24 -11.10 7.41
CA LYS A 101 3.32 -11.05 5.94
C LYS A 101 2.08 -11.71 5.27
N GLU A 102 1.37 -12.57 6.02
CA GLU A 102 0.08 -13.14 5.61
C GLU A 102 -0.98 -12.03 5.42
N GLU A 103 -1.08 -11.17 6.45
CA GLU A 103 -2.02 -10.03 6.48
C GLU A 103 -1.73 -9.01 5.39
N VAL A 104 -0.42 -8.86 5.07
CA VAL A 104 0.05 -7.93 4.04
C VAL A 104 -0.46 -8.37 2.66
N LYS A 105 -0.13 -9.62 2.26
CA LYS A 105 -0.49 -10.15 0.92
C LYS A 105 -2.02 -10.30 0.76
N ASP A 106 -2.71 -10.60 1.88
CA ASP A 106 -4.19 -10.58 1.95
C ASP A 106 -4.73 -9.21 1.56
N ALA A 107 -4.23 -8.16 2.24
CA ALA A 107 -4.67 -6.78 2.03
C ALA A 107 -4.40 -6.32 0.59
N VAL A 108 -3.24 -6.75 0.06
CA VAL A 108 -2.84 -6.49 -1.32
C VAL A 108 -3.87 -7.09 -2.29
N GLU A 109 -4.22 -8.37 -2.04
CA GLU A 109 -5.18 -9.11 -2.86
C GLU A 109 -6.57 -8.46 -2.83
N GLU A 110 -7.06 -8.12 -1.63
CA GLU A 110 -8.37 -7.50 -1.42
C GLU A 110 -8.48 -6.14 -2.12
N PHE A 111 -7.35 -5.43 -2.12
CA PHE A 111 -7.17 -4.14 -2.78
C PHE A 111 -7.29 -4.30 -4.30
N LEU A 112 -6.67 -5.38 -4.82
CA LEU A 112 -6.57 -5.64 -6.26
C LEU A 112 -7.87 -6.22 -6.86
N LYS A 113 -8.61 -7.06 -6.09
CA LYS A 113 -9.91 -7.62 -6.53
C LYS A 113 -10.90 -6.49 -6.87
N GLU A 114 -10.95 -5.50 -5.97
CA GLU A 114 -11.89 -4.37 -6.04
C GLU A 114 -11.25 -3.14 -6.75
N GLY A 115 -10.07 -3.36 -7.36
CA GLY A 115 -9.43 -2.37 -8.24
C GLY A 115 -8.92 -1.11 -7.54
N GLY A 116 -8.75 -1.17 -6.22
CA GLY A 116 -8.20 -0.07 -5.42
C GLY A 116 -9.13 0.36 -4.29
N SER A 117 -10.19 -0.43 -4.03
CA SER A 117 -11.18 -0.13 -2.99
C SER A 117 -11.10 -1.19 -1.87
N LEU A 118 -10.21 -0.99 -0.90
CA LEU A 118 -10.05 -1.92 0.22
C LEU A 118 -10.88 -1.44 1.41
N GLU A 119 -10.52 -0.26 1.92
CA GLU A 119 -11.12 0.29 3.13
C GLU A 119 -12.50 0.88 2.82
N HIS A 120 -13.54 0.18 3.29
CA HIS A 120 -14.94 0.57 3.17
C HIS A 120 -15.76 -0.30 4.13
N HIS A 121 -16.36 0.33 5.16
CA HIS A 121 -17.36 -0.34 6.02
C HIS A 121 -18.71 -0.40 5.28
N HIS A 122 -19.81 -0.67 6.01
CA HIS A 122 -21.16 -0.73 5.43
C HIS A 122 -21.64 0.70 5.08
N HIS A 123 -21.09 1.22 3.97
CA HIS A 123 -21.33 2.60 3.51
C HIS A 123 -22.68 2.69 2.77
N HIS A 124 -23.06 1.58 2.11
CA HIS A 124 -24.38 1.45 1.49
C HIS A 124 -25.31 0.73 2.47
N HIS A 125 -26.37 1.42 2.92
CA HIS A 125 -27.39 0.87 3.84
C HIS A 125 -28.11 -0.35 3.19
N MET A 1 -4.36 -0.87 -17.45
CA MET A 1 -5.02 0.07 -16.53
C MET A 1 -4.77 -0.37 -15.07
N GLY A 2 -4.64 0.62 -14.16
CA GLY A 2 -4.43 0.34 -12.75
C GLY A 2 -3.01 -0.11 -12.45
N LYS A 3 -2.03 0.79 -12.65
CA LYS A 3 -0.61 0.49 -12.38
C LYS A 3 -0.40 0.21 -10.89
N VAL A 4 -0.25 -1.10 -10.55
CA VAL A 4 -0.05 -1.57 -9.19
C VAL A 4 1.44 -1.55 -8.87
N VAL A 5 1.79 -0.91 -7.75
CA VAL A 5 3.16 -0.89 -7.22
C VAL A 5 3.10 -1.23 -5.73
N PHE A 6 3.83 -2.27 -5.33
CA PHE A 6 3.97 -2.62 -3.91
C PHE A 6 5.34 -2.14 -3.40
N LEU A 7 5.32 -1.46 -2.27
CA LEU A 7 6.51 -1.01 -1.56
C LEU A 7 6.45 -1.54 -0.13
N SER A 8 7.61 -1.96 0.39
CA SER A 8 7.81 -2.20 1.83
C SER A 8 9.26 -1.88 2.18
N ASP A 9 9.47 -1.57 3.46
CA ASP A 9 10.81 -1.36 4.01
C ASP A 9 11.48 -2.72 4.30
N ASP A 10 10.63 -3.75 4.53
CA ASP A 10 11.08 -5.14 4.77
C ASP A 10 11.00 -5.99 3.48
N GLN A 11 11.99 -6.89 3.31
CA GLN A 11 12.09 -7.79 2.15
C GLN A 11 11.10 -8.96 2.24
N GLU A 12 11.01 -9.62 3.42
CA GLU A 12 10.21 -10.85 3.59
C GLU A 12 8.70 -10.60 3.33
N ILE A 13 8.26 -9.37 3.61
CA ILE A 13 6.91 -8.91 3.28
C ILE A 13 6.70 -8.93 1.73
N ILE A 14 7.67 -8.35 1.00
CA ILE A 14 7.66 -8.23 -0.47
C ILE A 14 7.66 -9.61 -1.15
N GLU A 15 8.41 -10.57 -0.57
CA GLU A 15 8.54 -11.94 -1.11
C GLU A 15 7.19 -12.69 -1.04
N GLU A 16 6.45 -12.45 0.05
CA GLU A 16 5.09 -13.01 0.27
C GLU A 16 4.07 -12.44 -0.73
N VAL A 17 4.08 -11.11 -0.87
CA VAL A 17 3.16 -10.38 -1.76
C VAL A 17 3.44 -10.71 -3.23
N SER A 18 4.73 -10.84 -3.58
CA SER A 18 5.16 -11.13 -4.96
C SER A 18 4.89 -12.60 -5.32
N LYS A 19 4.92 -13.50 -4.29
CA LYS A 19 4.56 -14.92 -4.46
C LYS A 19 3.06 -15.03 -4.77
N LYS A 20 2.23 -14.36 -3.95
CA LYS A 20 0.77 -14.33 -4.13
C LYS A 20 0.39 -13.61 -5.45
N ALA A 21 1.18 -12.59 -5.82
CA ALA A 21 1.03 -11.86 -7.09
C ALA A 21 1.36 -12.76 -8.29
N GLU A 22 2.31 -13.68 -8.10
CA GLU A 22 2.74 -14.65 -9.12
C GLU A 22 1.66 -15.72 -9.33
N GLU A 23 1.19 -16.32 -8.22
CA GLU A 23 0.16 -17.38 -8.24
C GLU A 23 -1.14 -16.91 -8.89
N GLU A 24 -1.52 -15.66 -8.60
CA GLU A 24 -2.77 -15.05 -9.10
C GLU A 24 -2.56 -14.28 -10.43
N GLY A 25 -1.29 -14.04 -10.79
CA GLY A 25 -0.94 -13.35 -12.05
C GLY A 25 -1.11 -11.83 -11.96
N TYR A 26 -1.19 -11.28 -10.72
CA TYR A 26 -1.25 -9.83 -10.49
C TYR A 26 0.09 -9.18 -10.86
N ASP A 27 0.08 -8.35 -11.88
CA ASP A 27 1.26 -7.60 -12.32
C ASP A 27 1.51 -6.44 -11.36
N ILE A 28 2.53 -6.58 -10.49
CA ILE A 28 2.87 -5.58 -9.46
C ILE A 28 4.37 -5.23 -9.58
N GLN A 29 4.69 -3.93 -9.65
CA GLN A 29 6.08 -3.45 -9.49
C GLN A 29 6.42 -3.46 -8.00
N THR A 30 7.23 -4.43 -7.58
CA THR A 30 7.68 -4.57 -6.18
C THR A 30 9.08 -3.95 -6.02
N SER A 31 9.32 -3.26 -4.89
CA SER A 31 10.58 -2.55 -4.62
C SER A 31 10.79 -2.40 -3.11
N ASN A 32 12.06 -2.58 -2.68
CA ASN A 32 12.49 -2.35 -1.29
C ASN A 32 12.76 -0.86 -1.06
N ASP A 33 13.42 -0.24 -2.06
CA ASP A 33 13.82 1.17 -1.99
C ASP A 33 12.60 2.10 -2.16
N LYS A 34 12.24 2.77 -1.05
CA LYS A 34 11.17 3.76 -1.00
C LYS A 34 11.48 4.98 -1.87
N LYS A 35 12.77 5.34 -2.02
CA LYS A 35 13.21 6.56 -2.74
C LYS A 35 12.92 6.44 -4.24
N GLU A 36 13.02 5.19 -4.74
CA GLU A 36 12.62 4.84 -6.12
C GLU A 36 11.13 5.16 -6.33
N ILE A 37 10.32 4.67 -5.40
CA ILE A 37 8.85 4.72 -5.48
C ILE A 37 8.30 6.15 -5.36
N ILE A 38 8.90 6.96 -4.45
CA ILE A 38 8.55 8.39 -4.28
C ILE A 38 8.79 9.15 -5.61
N ASP A 39 9.88 8.75 -6.29
CA ASP A 39 10.30 9.34 -7.57
C ASP A 39 9.32 8.97 -8.69
N ARG A 40 8.78 7.73 -8.66
CA ARG A 40 7.80 7.24 -9.66
C ARG A 40 6.43 7.95 -9.48
N LEU A 41 6.12 8.30 -8.23
CA LEU A 41 4.93 9.09 -7.86
C LEU A 41 5.08 10.55 -8.36
N LYS A 42 6.34 11.06 -8.38
CA LYS A 42 6.67 12.38 -9.00
C LYS A 42 6.41 12.35 -10.52
N ARG A 43 6.72 11.20 -11.18
CA ARG A 43 6.49 11.01 -12.63
C ARG A 43 5.00 10.72 -12.90
N ARG A 44 4.27 10.33 -11.82
CA ARG A 44 2.84 10.00 -11.81
C ARG A 44 2.57 8.67 -12.57
N ASN A 45 3.62 7.84 -12.67
CA ASN A 45 3.57 6.51 -13.34
C ASN A 45 2.62 5.54 -12.62
N ILE A 46 2.39 5.78 -11.32
CA ILE A 46 1.67 4.85 -10.43
C ILE A 46 0.19 5.28 -10.32
N ASP A 47 -0.74 4.31 -10.46
CA ASP A 47 -2.18 4.55 -10.27
C ASP A 47 -2.59 4.13 -8.86
N MET A 48 -2.11 2.97 -8.45
CA MET A 48 -2.47 2.36 -7.17
C MET A 48 -1.22 1.75 -6.54
N ILE A 49 -1.01 2.03 -5.26
CA ILE A 49 0.20 1.67 -4.53
C ILE A 49 -0.18 1.17 -3.12
N ILE A 50 0.54 0.15 -2.63
CA ILE A 50 0.32 -0.44 -1.30
C ILE A 50 1.67 -0.48 -0.58
N VAL A 51 1.76 0.17 0.61
CA VAL A 51 3.01 0.29 1.38
C VAL A 51 2.83 -0.38 2.74
N LYS A 52 3.69 -1.39 3.05
CA LYS A 52 3.73 -2.05 4.36
C LYS A 52 5.04 -1.66 5.06
N THR A 53 4.91 -0.82 6.08
CA THR A 53 5.99 -0.47 7.02
C THR A 53 5.37 0.22 8.23
N GLU A 54 6.09 0.17 9.36
CA GLU A 54 5.68 0.80 10.62
C GLU A 54 6.27 2.21 10.73
N ASP A 55 7.29 2.50 9.89
CA ASP A 55 8.00 3.79 9.89
C ASP A 55 7.04 4.89 9.37
N LYS A 56 6.41 5.61 10.32
CA LYS A 56 5.39 6.65 10.04
C LYS A 56 5.91 7.76 9.09
N GLU A 57 7.22 8.04 9.15
CA GLU A 57 7.86 9.15 8.40
C GLU A 57 7.97 8.81 6.89
N SER A 58 8.26 7.52 6.60
CA SER A 58 8.36 7.04 5.22
C SER A 58 6.96 6.91 4.60
N ILE A 59 6.01 6.35 5.40
CA ILE A 59 4.57 6.28 5.05
C ILE A 59 4.05 7.67 4.64
N SER A 60 4.40 8.66 5.48
CA SER A 60 4.05 10.08 5.31
C SER A 60 4.44 10.60 3.91
N GLU A 61 5.72 10.41 3.52
CA GLU A 61 6.27 10.91 2.24
C GLU A 61 5.49 10.37 1.04
N ILE A 62 5.28 9.03 1.01
CA ILE A 62 4.56 8.36 -0.06
C ILE A 62 3.12 8.93 -0.20
N ILE A 63 2.39 8.99 0.94
CA ILE A 63 0.99 9.50 0.97
C ILE A 63 0.93 10.94 0.45
N LYS A 64 1.90 11.79 0.84
CA LYS A 64 1.99 13.20 0.38
C LYS A 64 2.08 13.27 -1.16
N GLN A 65 2.86 12.34 -1.75
CA GLN A 65 3.01 12.23 -3.21
C GLN A 65 1.71 11.70 -3.87
N VAL A 66 0.98 10.83 -3.15
CA VAL A 66 -0.30 10.25 -3.63
C VAL A 66 -1.46 11.28 -3.48
N LEU A 67 -1.34 12.19 -2.50
CA LEU A 67 -2.27 13.32 -2.31
C LEU A 67 -2.09 14.30 -3.47
N ASP A 68 -0.81 14.53 -3.80
CA ASP A 68 -0.37 15.40 -4.90
C ASP A 68 -0.79 14.84 -6.27
N SER A 69 -0.66 13.52 -6.46
CA SER A 69 -0.95 12.84 -7.74
C SER A 69 -2.42 12.40 -7.87
N GLY A 70 -3.15 12.37 -6.72
CA GLY A 70 -4.56 11.96 -6.69
C GLY A 70 -4.77 10.47 -7.00
N ALA A 71 -3.91 9.61 -6.44
CA ALA A 71 -3.91 8.15 -6.74
C ALA A 71 -4.53 7.33 -5.59
N LYS A 72 -4.66 6.01 -5.81
CA LYS A 72 -5.16 5.05 -4.81
C LYS A 72 -3.97 4.52 -3.99
N VAL A 73 -4.12 4.45 -2.64
CA VAL A 73 -3.06 3.93 -1.75
C VAL A 73 -3.67 3.14 -0.58
N LEU A 74 -3.02 2.02 -0.24
CA LEU A 74 -3.34 1.20 0.94
C LEU A 74 -2.13 1.17 1.85
N ILE A 75 -2.27 1.73 3.06
CA ILE A 75 -1.22 1.71 4.07
C ILE A 75 -1.47 0.55 5.04
N LEU A 76 -0.49 -0.32 5.15
CA LEU A 76 -0.50 -1.47 6.04
C LEU A 76 0.58 -1.26 7.11
N SER A 77 0.21 -1.42 8.38
CA SER A 77 1.16 -1.39 9.51
C SER A 77 0.70 -2.42 10.53
N SER A 78 1.64 -3.16 11.14
CA SER A 78 1.35 -4.16 12.18
C SER A 78 0.77 -3.48 13.43
N ASP A 79 1.15 -2.20 13.61
CA ASP A 79 0.66 -1.35 14.71
C ASP A 79 -0.53 -0.48 14.21
N GLU A 80 -1.68 -0.65 14.89
CA GLU A 80 -2.96 0.00 14.51
C GLU A 80 -3.07 1.44 15.04
N ASN A 81 -2.19 1.83 15.99
CA ASN A 81 -2.14 3.22 16.52
C ASN A 81 -1.41 4.12 15.50
N ILE A 82 -0.47 3.50 14.76
CA ILE A 82 0.17 4.09 13.58
C ILE A 82 -0.87 4.24 12.47
N ILE A 83 -1.63 3.14 12.18
CA ILE A 83 -2.77 3.16 11.22
C ILE A 83 -3.78 4.29 11.58
N GLU A 84 -4.07 4.45 12.89
CA GLU A 84 -5.01 5.47 13.42
C GLU A 84 -4.48 6.89 13.12
N SER A 85 -3.17 7.10 13.37
CA SER A 85 -2.47 8.36 13.10
C SER A 85 -2.50 8.71 11.61
N ILE A 86 -2.36 7.69 10.75
CA ILE A 86 -2.37 7.84 9.29
C ILE A 86 -3.78 8.22 8.78
N ARG A 87 -4.84 7.71 9.44
CA ARG A 87 -6.24 8.02 9.06
C ARG A 87 -6.66 9.44 9.53
N LYS A 88 -6.07 9.92 10.65
CA LYS A 88 -6.47 11.21 11.24
C LYS A 88 -5.67 12.40 10.66
N GLN A 89 -4.40 12.15 10.27
CA GLN A 89 -3.57 13.14 9.55
C GLN A 89 -3.98 13.20 8.07
N TYR A 90 -4.22 12.02 7.49
CA TYR A 90 -4.64 11.87 6.08
C TYR A 90 -6.01 11.16 6.07
N PRO A 91 -7.15 11.92 6.00
CA PRO A 91 -8.50 11.30 6.07
C PRO A 91 -8.85 10.43 4.84
N LYS A 92 -8.23 10.76 3.69
CA LYS A 92 -8.59 10.18 2.38
C LYS A 92 -7.73 8.96 1.98
N VAL A 93 -6.86 8.46 2.90
CA VAL A 93 -6.01 7.28 2.63
C VAL A 93 -6.73 5.99 3.06
N GLU A 94 -6.73 4.96 2.18
CA GLU A 94 -7.17 3.61 2.58
C GLU A 94 -6.08 2.98 3.44
N THR A 95 -6.47 2.41 4.60
CA THR A 95 -5.53 1.77 5.54
C THR A 95 -6.12 0.44 6.04
N ARG A 96 -5.25 -0.41 6.58
CA ARG A 96 -5.64 -1.61 7.32
C ARG A 96 -4.46 -2.03 8.20
N ARG A 97 -4.76 -2.46 9.44
CA ARG A 97 -3.77 -3.12 10.29
C ARG A 97 -3.41 -4.48 9.68
N ALA A 98 -2.13 -4.70 9.40
CA ALA A 98 -1.64 -5.98 8.89
C ALA A 98 -0.45 -6.41 9.74
N GLN A 99 -0.70 -7.36 10.65
CA GLN A 99 0.31 -7.84 11.60
C GLN A 99 1.23 -8.83 10.90
N ASP A 100 0.62 -9.95 10.48
CA ASP A 100 1.32 -11.06 9.84
C ASP A 100 1.62 -10.71 8.37
N LYS A 101 2.64 -11.38 7.83
CA LYS A 101 2.94 -11.38 6.38
C LYS A 101 1.75 -11.93 5.58
N GLU A 102 0.95 -12.80 6.26
CA GLU A 102 -0.33 -13.33 5.76
C GLU A 102 -1.34 -12.18 5.58
N GLU A 103 -1.52 -11.37 6.64
CA GLU A 103 -2.41 -10.19 6.65
C GLU A 103 -2.07 -9.23 5.50
N VAL A 104 -0.76 -9.04 5.25
CA VAL A 104 -0.27 -8.11 4.23
C VAL A 104 -0.63 -8.57 2.81
N LYS A 105 -0.19 -9.79 2.44
CA LYS A 105 -0.31 -10.29 1.07
C LYS A 105 -1.78 -10.49 0.65
N ASP A 106 -2.63 -10.89 1.62
CA ASP A 106 -4.09 -11.00 1.41
C ASP A 106 -4.78 -9.62 1.35
N ALA A 107 -4.24 -8.62 2.09
CA ALA A 107 -4.74 -7.23 2.03
C ALA A 107 -4.42 -6.59 0.68
N VAL A 108 -3.24 -6.95 0.11
CA VAL A 108 -2.82 -6.51 -1.23
C VAL A 108 -3.75 -7.16 -2.27
N GLU A 109 -3.80 -8.51 -2.22
CA GLU A 109 -4.60 -9.36 -3.13
C GLU A 109 -6.06 -8.88 -3.24
N GLU A 110 -6.63 -8.54 -2.06
CA GLU A 110 -8.03 -8.07 -1.94
C GLU A 110 -8.22 -6.69 -2.59
N PHE A 111 -7.31 -5.76 -2.26
CA PHE A 111 -7.32 -4.37 -2.80
C PHE A 111 -7.24 -4.40 -4.35
N LEU A 112 -6.62 -5.48 -4.89
CA LEU A 112 -6.50 -5.71 -6.33
C LEU A 112 -7.79 -6.32 -6.92
N LYS A 113 -8.40 -7.31 -6.21
CA LYS A 113 -9.67 -7.95 -6.63
C LYS A 113 -10.79 -6.89 -6.73
N GLU A 114 -10.84 -6.02 -5.71
CA GLU A 114 -11.86 -4.97 -5.61
C GLU A 114 -11.51 -3.79 -6.55
N GLY A 115 -10.22 -3.69 -6.94
CA GLY A 115 -9.74 -2.61 -7.83
C GLY A 115 -9.23 -1.41 -7.04
N GLY A 116 -10.00 -1.04 -6.02
CA GLY A 116 -9.62 0.00 -5.07
C GLY A 116 -10.39 -0.22 -3.78
N SER A 117 -9.76 0.11 -2.64
CA SER A 117 -10.34 -0.01 -1.27
C SER A 117 -10.73 -1.45 -0.86
N LEU A 118 -11.17 -1.60 0.40
CA LEU A 118 -11.48 -2.89 1.02
C LEU A 118 -12.95 -2.92 1.51
N GLU A 119 -13.33 -1.90 2.32
CA GLU A 119 -14.70 -1.81 2.90
C GLU A 119 -15.72 -1.44 1.80
N HIS A 120 -15.59 -0.21 1.26
CA HIS A 120 -16.38 0.27 0.11
C HIS A 120 -15.41 0.80 -0.95
N HIS A 121 -15.59 0.29 -2.17
CA HIS A 121 -14.54 0.23 -3.20
C HIS A 121 -14.33 1.57 -3.91
N HIS A 122 -13.05 1.98 -3.98
CA HIS A 122 -12.62 3.24 -4.61
C HIS A 122 -12.56 3.03 -6.13
N HIS A 123 -13.75 3.00 -6.76
CA HIS A 123 -13.86 2.88 -8.22
C HIS A 123 -13.99 4.28 -8.86
N HIS A 124 -13.00 5.12 -8.51
CA HIS A 124 -12.91 6.52 -8.96
C HIS A 124 -11.42 6.90 -9.03
N HIS A 125 -10.98 7.34 -10.20
CA HIS A 125 -9.58 7.75 -10.45
C HIS A 125 -9.57 9.01 -11.33
N MET A 1 -6.09 1.92 -15.74
CA MET A 1 -4.66 2.28 -15.64
C MET A 1 -3.92 1.18 -14.88
N GLY A 2 -3.30 0.26 -15.64
CA GLY A 2 -2.63 -0.89 -15.08
C GLY A 2 -1.22 -0.58 -14.58
N LYS A 3 -1.13 -0.14 -13.32
CA LYS A 3 0.13 -0.09 -12.59
C LYS A 3 -0.12 -0.13 -11.08
N VAL A 4 0.01 -1.35 -10.52
CA VAL A 4 0.10 -1.57 -9.08
C VAL A 4 1.57 -1.63 -8.70
N VAL A 5 1.93 -0.93 -7.61
CA VAL A 5 3.29 -0.97 -7.05
C VAL A 5 3.19 -1.28 -5.55
N PHE A 6 3.81 -2.39 -5.13
CA PHE A 6 3.91 -2.74 -3.71
C PHE A 6 5.29 -2.32 -3.19
N LEU A 7 5.28 -1.41 -2.22
CA LEU A 7 6.46 -1.04 -1.45
C LEU A 7 6.38 -1.70 -0.07
N SER A 8 7.52 -2.16 0.44
CA SER A 8 7.66 -2.57 1.84
C SER A 8 9.10 -2.35 2.29
N ASP A 9 9.26 -2.00 3.56
CA ASP A 9 10.57 -1.76 4.17
C ASP A 9 11.16 -3.08 4.69
N ASP A 10 10.29 -4.10 4.83
CA ASP A 10 10.66 -5.48 5.22
C ASP A 10 10.68 -6.38 3.97
N GLN A 11 11.79 -7.14 3.79
CA GLN A 11 12.01 -8.00 2.60
C GLN A 11 11.05 -9.20 2.52
N GLU A 12 10.80 -9.87 3.66
CA GLU A 12 9.93 -11.07 3.69
C GLU A 12 8.53 -10.74 3.15
N ILE A 13 7.99 -9.61 3.62
CA ILE A 13 6.70 -9.05 3.14
C ILE A 13 6.67 -8.93 1.60
N ILE A 14 7.74 -8.32 1.02
CA ILE A 14 7.89 -8.09 -0.43
C ILE A 14 7.75 -9.40 -1.21
N GLU A 15 8.47 -10.44 -0.75
CA GLU A 15 8.50 -11.75 -1.39
C GLU A 15 7.14 -12.46 -1.31
N GLU A 16 6.41 -12.25 -0.22
CA GLU A 16 5.06 -12.81 -0.02
C GLU A 16 4.07 -12.24 -1.05
N VAL A 17 4.06 -10.92 -1.17
CA VAL A 17 3.14 -10.19 -2.05
C VAL A 17 3.49 -10.41 -3.53
N SER A 18 4.81 -10.45 -3.84
CA SER A 18 5.30 -10.67 -5.22
C SER A 18 5.01 -12.11 -5.69
N LYS A 19 5.16 -13.07 -4.78
CA LYS A 19 4.86 -14.50 -5.04
C LYS A 19 3.35 -14.68 -5.28
N LYS A 20 2.55 -14.04 -4.43
CA LYS A 20 1.08 -14.05 -4.52
C LYS A 20 0.60 -13.35 -5.80
N ALA A 21 1.31 -12.28 -6.19
CA ALA A 21 1.05 -11.54 -7.42
C ALA A 21 1.37 -12.39 -8.65
N GLU A 22 2.36 -13.28 -8.53
CA GLU A 22 2.75 -14.23 -9.59
C GLU A 22 1.67 -15.32 -9.74
N GLU A 23 1.12 -15.79 -8.59
CA GLU A 23 0.00 -16.76 -8.56
C GLU A 23 -1.21 -16.20 -9.33
N GLU A 24 -1.56 -14.95 -9.01
CA GLU A 24 -2.75 -14.27 -9.57
C GLU A 24 -2.48 -13.62 -10.94
N GLY A 25 -1.19 -13.44 -11.27
CA GLY A 25 -0.80 -12.76 -12.52
C GLY A 25 -0.97 -11.24 -12.47
N TYR A 26 -1.01 -10.70 -11.24
CA TYR A 26 -1.08 -9.24 -11.01
C TYR A 26 0.27 -8.58 -11.33
N ASP A 27 0.25 -7.63 -12.29
CA ASP A 27 1.40 -6.76 -12.59
C ASP A 27 1.63 -5.80 -11.38
N ILE A 28 2.51 -6.22 -10.47
CA ILE A 28 2.90 -5.43 -9.28
C ILE A 28 4.42 -5.24 -9.26
N GLN A 29 4.86 -3.97 -9.25
CA GLN A 29 6.27 -3.62 -9.05
C GLN A 29 6.57 -3.62 -7.55
N THR A 30 7.42 -4.56 -7.13
CA THR A 30 7.79 -4.71 -5.72
C THR A 30 9.22 -4.21 -5.50
N SER A 31 9.41 -3.42 -4.43
CA SER A 31 10.71 -2.81 -4.09
C SER A 31 10.83 -2.60 -2.58
N ASN A 32 12.07 -2.43 -2.11
CA ASN A 32 12.41 -2.18 -0.70
C ASN A 32 12.75 -0.71 -0.51
N ASP A 33 13.34 -0.11 -1.57
CA ASP A 33 13.77 1.29 -1.56
C ASP A 33 12.56 2.22 -1.80
N LYS A 34 12.10 2.85 -0.71
CA LYS A 34 10.95 3.77 -0.71
C LYS A 34 11.23 5.02 -1.56
N LYS A 35 12.52 5.39 -1.65
CA LYS A 35 12.98 6.62 -2.30
C LYS A 35 12.77 6.56 -3.81
N GLU A 36 12.98 5.36 -4.38
CA GLU A 36 12.70 5.06 -5.80
C GLU A 36 11.19 5.22 -6.06
N ILE A 37 10.40 4.60 -5.17
CA ILE A 37 8.95 4.51 -5.31
C ILE A 37 8.28 5.90 -5.25
N ILE A 38 8.84 6.79 -4.40
CA ILE A 38 8.45 8.21 -4.33
C ILE A 38 8.65 8.91 -5.69
N ASP A 39 9.82 8.61 -6.30
CA ASP A 39 10.21 9.18 -7.61
C ASP A 39 9.28 8.69 -8.73
N ARG A 40 8.79 7.45 -8.61
CA ARG A 40 7.87 6.83 -9.58
C ARG A 40 6.44 7.42 -9.43
N LEU A 41 6.11 7.86 -8.20
CA LEU A 41 4.88 8.63 -7.91
C LEU A 41 4.97 10.05 -8.54
N LYS A 42 6.19 10.60 -8.56
CA LYS A 42 6.49 11.92 -9.17
C LYS A 42 6.33 11.88 -10.71
N ARG A 43 6.62 10.72 -11.31
CA ARG A 43 6.43 10.48 -12.76
C ARG A 43 4.93 10.37 -13.11
N ARG A 44 4.09 10.16 -12.06
CA ARG A 44 2.64 9.83 -12.18
C ARG A 44 2.47 8.42 -12.81
N ASN A 45 3.52 7.59 -12.71
CA ASN A 45 3.60 6.29 -13.37
C ASN A 45 2.79 5.24 -12.61
N ILE A 46 2.55 5.49 -11.31
CA ILE A 46 1.87 4.57 -10.41
C ILE A 46 0.38 4.97 -10.29
N ASP A 47 -0.54 4.02 -10.57
CA ASP A 47 -1.99 4.26 -10.47
C ASP A 47 -2.49 3.94 -9.06
N MET A 48 -1.99 2.83 -8.51
CA MET A 48 -2.35 2.36 -7.17
C MET A 48 -1.13 1.71 -6.53
N ILE A 49 -0.94 1.99 -5.24
CA ILE A 49 0.27 1.61 -4.49
C ILE A 49 -0.12 1.10 -3.10
N ILE A 50 0.65 0.14 -2.57
CA ILE A 50 0.42 -0.44 -1.24
C ILE A 50 1.77 -0.48 -0.49
N VAL A 51 1.84 0.21 0.65
CA VAL A 51 3.08 0.35 1.44
C VAL A 51 2.93 -0.34 2.80
N LYS A 52 3.83 -1.29 3.10
CA LYS A 52 3.93 -1.96 4.39
C LYS A 52 5.23 -1.58 5.09
N THR A 53 5.13 -0.80 6.18
CA THR A 53 6.28 -0.42 7.01
C THR A 53 5.81 0.10 8.38
N GLU A 54 6.67 -0.07 9.39
CA GLU A 54 6.46 0.42 10.77
C GLU A 54 7.04 1.83 10.93
N ASP A 55 7.62 2.37 9.84
CA ASP A 55 8.23 3.70 9.84
C ASP A 55 7.19 4.74 9.42
N LYS A 56 6.77 5.54 10.41
CA LYS A 56 5.79 6.64 10.26
C LYS A 56 6.16 7.62 9.12
N GLU A 57 7.47 7.91 8.97
CA GLU A 57 7.96 8.90 7.98
C GLU A 57 7.89 8.31 6.56
N SER A 58 8.20 7.00 6.43
CA SER A 58 8.21 6.30 5.14
C SER A 58 6.79 6.21 4.58
N ILE A 59 5.84 5.91 5.47
CA ILE A 59 4.41 5.90 5.16
C ILE A 59 3.98 7.32 4.69
N SER A 60 4.30 8.33 5.53
CA SER A 60 3.87 9.72 5.36
C SER A 60 4.26 10.29 3.98
N GLU A 61 5.56 10.15 3.62
CA GLU A 61 6.12 10.73 2.37
C GLU A 61 5.37 10.23 1.13
N ILE A 62 5.17 8.89 1.05
CA ILE A 62 4.44 8.26 -0.06
C ILE A 62 3.02 8.83 -0.18
N ILE A 63 2.27 8.88 0.96
CA ILE A 63 0.86 9.33 0.95
C ILE A 63 0.75 10.76 0.43
N LYS A 64 1.68 11.63 0.86
CA LYS A 64 1.74 13.05 0.44
C LYS A 64 1.85 13.16 -1.09
N GLN A 65 2.74 12.31 -1.66
CA GLN A 65 2.91 12.20 -3.13
C GLN A 65 1.58 11.79 -3.80
N VAL A 66 0.99 10.70 -3.25
CA VAL A 66 -0.19 10.03 -3.85
C VAL A 66 -1.45 10.92 -3.84
N LEU A 67 -1.65 11.67 -2.75
CA LEU A 67 -2.84 12.56 -2.60
C LEU A 67 -2.78 13.71 -3.60
N ASP A 68 -1.57 14.22 -3.84
CA ASP A 68 -1.32 15.32 -4.78
C ASP A 68 -1.38 14.82 -6.23
N SER A 69 -0.90 13.58 -6.44
CA SER A 69 -0.86 12.92 -7.75
C SER A 69 -2.23 12.31 -8.14
N GLY A 70 -3.12 12.16 -7.14
CA GLY A 70 -4.46 11.60 -7.36
C GLY A 70 -4.43 10.13 -7.75
N ALA A 71 -3.87 9.31 -6.87
CA ALA A 71 -3.77 7.85 -7.06
C ALA A 71 -4.35 7.13 -5.83
N LYS A 72 -4.48 5.80 -5.90
CA LYS A 72 -4.96 4.98 -4.77
C LYS A 72 -3.75 4.50 -3.95
N VAL A 73 -3.92 4.45 -2.62
CA VAL A 73 -2.87 4.00 -1.69
C VAL A 73 -3.48 3.21 -0.52
N LEU A 74 -2.87 2.05 -0.23
CA LEU A 74 -3.20 1.23 0.93
C LEU A 74 -1.98 1.19 1.86
N ILE A 75 -2.20 1.58 3.12
CA ILE A 75 -1.16 1.56 4.15
C ILE A 75 -1.42 0.41 5.11
N LEU A 76 -0.41 -0.44 5.25
CA LEU A 76 -0.40 -1.59 6.13
C LEU A 76 0.77 -1.43 7.12
N SER A 77 0.50 -1.65 8.41
CA SER A 77 1.52 -1.58 9.46
C SER A 77 1.06 -2.42 10.64
N SER A 78 2.01 -3.10 11.29
CA SER A 78 1.76 -3.94 12.46
C SER A 78 1.26 -3.10 13.65
N ASP A 79 1.69 -1.83 13.67
CA ASP A 79 1.32 -0.88 14.70
C ASP A 79 0.07 -0.09 14.25
N GLU A 80 -1.05 -0.39 14.92
CA GLU A 80 -2.37 0.18 14.60
C GLU A 80 -2.52 1.62 15.11
N ASN A 81 -1.59 2.09 15.98
CA ASN A 81 -1.56 3.49 16.43
C ASN A 81 -1.07 4.37 15.27
N ILE A 82 -0.08 3.85 14.51
CA ILE A 82 0.44 4.51 13.30
C ILE A 82 -0.65 4.52 12.23
N ILE A 83 -1.30 3.36 12.03
CA ILE A 83 -2.45 3.24 11.10
C ILE A 83 -3.52 4.30 11.40
N GLU A 84 -3.85 4.47 12.71
CA GLU A 84 -4.86 5.44 13.15
C GLU A 84 -4.39 6.89 12.95
N SER A 85 -3.08 7.16 13.17
CA SER A 85 -2.46 8.49 12.92
C SER A 85 -2.60 8.86 11.43
N ILE A 86 -2.44 7.85 10.59
CA ILE A 86 -2.55 7.97 9.13
C ILE A 86 -4.02 8.20 8.71
N ARG A 87 -4.96 7.61 9.45
CA ARG A 87 -6.41 7.78 9.18
C ARG A 87 -6.87 9.22 9.49
N LYS A 88 -6.49 9.71 10.68
CA LYS A 88 -6.97 11.01 11.20
C LYS A 88 -6.32 12.20 10.47
N GLN A 89 -5.04 12.04 10.05
CA GLN A 89 -4.34 13.05 9.24
C GLN A 89 -4.73 12.97 7.76
N TYR A 90 -4.92 11.73 7.24
CA TYR A 90 -5.22 11.48 5.81
C TYR A 90 -6.53 10.64 5.71
N PRO A 91 -7.69 11.27 5.37
CA PRO A 91 -8.97 10.54 5.19
C PRO A 91 -9.02 9.63 3.93
N LYS A 92 -8.46 10.13 2.80
CA LYS A 92 -8.63 9.49 1.47
C LYS A 92 -7.79 8.22 1.28
N VAL A 93 -6.80 7.98 2.15
CA VAL A 93 -5.97 6.76 2.10
C VAL A 93 -6.75 5.55 2.67
N GLU A 94 -6.58 4.38 2.05
CA GLU A 94 -7.06 3.11 2.61
C GLU A 94 -6.03 2.59 3.61
N THR A 95 -6.49 2.09 4.76
CA THR A 95 -5.62 1.70 5.87
C THR A 95 -6.13 0.41 6.53
N ARG A 96 -5.19 -0.41 7.02
CA ARG A 96 -5.49 -1.61 7.79
C ARG A 96 -4.24 -2.02 8.59
N ARG A 97 -4.43 -2.46 9.84
CA ARG A 97 -3.35 -3.08 10.62
C ARG A 97 -3.03 -4.46 10.01
N ALA A 98 -1.75 -4.73 9.79
CA ALA A 98 -1.28 -6.01 9.27
C ALA A 98 0.05 -6.33 9.96
N GLN A 99 0.00 -7.26 10.92
CA GLN A 99 1.17 -7.61 11.75
C GLN A 99 2.01 -8.67 11.06
N ASP A 100 1.36 -9.76 10.67
CA ASP A 100 2.02 -10.85 9.95
C ASP A 100 1.90 -10.63 8.43
N LYS A 101 2.88 -11.17 7.70
CA LYS A 101 2.96 -11.09 6.22
C LYS A 101 1.74 -11.77 5.54
N GLU A 102 1.05 -12.66 6.28
CA GLU A 102 -0.25 -13.23 5.87
C GLU A 102 -1.30 -12.12 5.71
N GLU A 103 -1.49 -11.32 6.78
CA GLU A 103 -2.46 -10.20 6.83
C GLU A 103 -2.16 -9.15 5.75
N VAL A 104 -0.87 -8.96 5.45
CA VAL A 104 -0.41 -7.96 4.47
C VAL A 104 -0.84 -8.35 3.06
N LYS A 105 -0.37 -9.54 2.59
CA LYS A 105 -0.61 -10.00 1.21
C LYS A 105 -2.11 -10.25 0.95
N ASP A 106 -2.83 -10.65 2.02
CA ASP A 106 -4.30 -10.71 2.07
C ASP A 106 -4.93 -9.34 1.68
N ALA A 107 -4.56 -8.29 2.43
CA ALA A 107 -5.12 -6.93 2.27
C ALA A 107 -4.78 -6.36 0.89
N VAL A 108 -3.60 -6.75 0.37
CA VAL A 108 -3.15 -6.40 -0.99
C VAL A 108 -4.16 -6.92 -2.01
N GLU A 109 -4.47 -8.24 -1.93
CA GLU A 109 -5.39 -8.91 -2.86
C GLU A 109 -6.78 -8.25 -2.84
N GLU A 110 -7.29 -7.95 -1.63
CA GLU A 110 -8.61 -7.34 -1.41
C GLU A 110 -8.72 -5.93 -2.07
N PHE A 111 -7.61 -5.19 -1.97
CA PHE A 111 -7.48 -3.83 -2.56
C PHE A 111 -7.48 -3.91 -4.10
N LEU A 112 -6.93 -5.03 -4.62
CA LEU A 112 -6.83 -5.31 -6.07
C LEU A 112 -8.13 -5.91 -6.64
N LYS A 113 -8.93 -6.60 -5.79
CA LYS A 113 -10.22 -7.19 -6.20
C LYS A 113 -11.20 -6.08 -6.63
N GLU A 114 -11.25 -5.01 -5.84
CA GLU A 114 -12.05 -3.82 -6.16
C GLU A 114 -11.25 -2.85 -7.06
N GLY A 115 -9.91 -2.98 -7.02
CA GLY A 115 -9.00 -2.18 -7.84
C GLY A 115 -9.04 -0.70 -7.51
N GLY A 116 -9.24 -0.38 -6.22
CA GLY A 116 -9.39 0.99 -5.78
C GLY A 116 -9.39 1.12 -4.27
N SER A 117 -10.16 0.25 -3.60
CA SER A 117 -10.32 0.31 -2.14
C SER A 117 -10.44 -1.10 -1.53
N LEU A 118 -10.46 -1.15 -0.19
CA LEU A 118 -10.74 -2.37 0.57
C LEU A 118 -12.25 -2.62 0.62
N GLU A 119 -12.63 -3.88 0.89
CA GLU A 119 -14.01 -4.33 0.99
C GLU A 119 -14.71 -3.69 2.21
N HIS A 120 -15.88 -3.05 1.96
CA HIS A 120 -16.73 -2.43 3.01
C HIS A 120 -17.58 -3.53 3.71
N HIS A 121 -16.88 -4.52 4.27
CA HIS A 121 -17.47 -5.64 5.02
C HIS A 121 -16.47 -6.11 6.08
N HIS A 122 -15.23 -6.34 5.63
CA HIS A 122 -14.14 -6.84 6.51
C HIS A 122 -13.33 -5.68 7.13
N HIS A 123 -13.86 -4.44 7.05
CA HIS A 123 -13.17 -3.25 7.60
C HIS A 123 -13.01 -3.32 9.13
N HIS A 124 -13.84 -4.16 9.78
CA HIS A 124 -13.71 -4.46 11.21
C HIS A 124 -12.31 -4.99 11.53
N HIS A 125 -11.63 -4.33 12.47
CA HIS A 125 -10.31 -4.73 12.95
C HIS A 125 -10.38 -6.13 13.62
N MET A 1 -4.03 0.78 -17.40
CA MET A 1 -4.44 0.79 -15.98
C MET A 1 -3.38 1.49 -15.10
N GLY A 2 -2.47 2.26 -15.74
CA GLY A 2 -1.43 3.00 -15.03
C GLY A 2 -0.28 2.10 -14.60
N LYS A 3 -0.15 1.86 -13.27
CA LYS A 3 0.86 0.95 -12.72
C LYS A 3 0.49 0.56 -11.27
N VAL A 4 0.59 -0.75 -10.99
CA VAL A 4 0.47 -1.33 -9.64
C VAL A 4 1.89 -1.50 -9.06
N VAL A 5 2.15 -0.88 -7.90
CA VAL A 5 3.46 -0.93 -7.21
C VAL A 5 3.28 -1.35 -5.74
N PHE A 6 4.17 -2.23 -5.25
CA PHE A 6 4.27 -2.57 -3.82
C PHE A 6 5.63 -2.09 -3.28
N LEU A 7 5.61 -1.65 -2.03
CA LEU A 7 6.78 -1.16 -1.30
C LEU A 7 6.76 -1.73 0.12
N SER A 8 7.93 -2.12 0.64
CA SER A 8 8.11 -2.54 2.05
C SER A 8 9.57 -2.37 2.46
N ASP A 9 9.82 -2.32 3.78
CA ASP A 9 11.20 -2.34 4.34
C ASP A 9 11.80 -3.73 4.09
N ASP A 10 10.95 -4.74 4.36
CA ASP A 10 11.36 -6.13 4.54
C ASP A 10 11.15 -6.96 3.25
N GLN A 11 12.08 -7.91 3.02
CA GLN A 11 12.09 -8.82 1.88
C GLN A 11 10.94 -9.88 1.96
N GLU A 12 10.78 -10.54 3.13
CA GLU A 12 9.80 -11.65 3.31
C GLU A 12 8.37 -11.19 3.02
N ILE A 13 8.10 -9.92 3.33
CA ILE A 13 6.81 -9.26 3.07
C ILE A 13 6.57 -9.23 1.54
N ILE A 14 7.57 -8.70 0.82
CA ILE A 14 7.59 -8.58 -0.65
C ILE A 14 7.46 -9.96 -1.35
N GLU A 15 8.09 -10.99 -0.75
CA GLU A 15 8.10 -12.36 -1.31
C GLU A 15 6.69 -12.96 -1.28
N GLU A 16 5.99 -12.75 -0.16
CA GLU A 16 4.60 -13.22 0.04
C GLU A 16 3.62 -12.53 -0.91
N VAL A 17 3.79 -11.20 -1.03
CA VAL A 17 2.96 -10.35 -1.88
C VAL A 17 3.11 -10.72 -3.36
N SER A 18 4.37 -10.83 -3.83
CA SER A 18 4.71 -11.16 -5.21
C SER A 18 4.37 -12.63 -5.54
N LYS A 19 4.37 -13.49 -4.50
CA LYS A 19 3.96 -14.90 -4.61
C LYS A 19 2.45 -14.98 -4.90
N LYS A 20 1.63 -14.32 -4.07
CA LYS A 20 0.16 -14.37 -4.18
C LYS A 20 -0.28 -13.68 -5.47
N ALA A 21 0.41 -12.59 -5.81
CA ALA A 21 0.20 -11.84 -7.06
C ALA A 21 0.45 -12.73 -8.29
N GLU A 22 1.56 -13.51 -8.23
CA GLU A 22 1.93 -14.46 -9.30
C GLU A 22 0.82 -15.48 -9.55
N GLU A 23 0.32 -16.08 -8.45
CA GLU A 23 -0.72 -17.12 -8.48
C GLU A 23 -2.04 -16.62 -9.10
N GLU A 24 -2.44 -15.39 -8.74
CA GLU A 24 -3.71 -14.80 -9.18
C GLU A 24 -3.58 -14.02 -10.51
N GLY A 25 -2.33 -13.84 -10.99
CA GLY A 25 -2.06 -13.16 -12.26
C GLY A 25 -1.90 -11.64 -12.13
N TYR A 26 -1.89 -11.13 -10.89
CA TYR A 26 -1.65 -9.70 -10.60
C TYR A 26 -0.18 -9.35 -10.87
N ASP A 27 0.07 -8.38 -11.78
CA ASP A 27 1.42 -7.82 -12.01
C ASP A 27 1.64 -6.61 -11.10
N ILE A 28 2.66 -6.70 -10.23
CA ILE A 28 3.04 -5.64 -9.29
C ILE A 28 4.54 -5.38 -9.42
N GLN A 29 4.97 -4.11 -9.37
CA GLN A 29 6.39 -3.75 -9.28
C GLN A 29 6.75 -3.59 -7.80
N THR A 30 7.53 -4.53 -7.27
CA THR A 30 7.88 -4.60 -5.86
C THR A 30 9.27 -3.98 -5.62
N SER A 31 9.42 -3.23 -4.53
CA SER A 31 10.66 -2.49 -4.21
C SER A 31 10.82 -2.32 -2.69
N ASN A 32 12.09 -2.22 -2.26
CA ASN A 32 12.44 -1.88 -0.87
C ASN A 32 12.86 -0.41 -0.78
N ASP A 33 13.31 0.16 -1.91
CA ASP A 33 13.81 1.54 -1.96
C ASP A 33 12.62 2.50 -2.16
N LYS A 34 12.20 3.13 -1.05
CA LYS A 34 11.05 4.06 -1.00
C LYS A 34 11.30 5.36 -1.80
N LYS A 35 12.58 5.76 -1.93
CA LYS A 35 12.97 7.04 -2.57
C LYS A 35 12.71 6.99 -4.09
N GLU A 36 12.94 5.80 -4.67
CA GLU A 36 12.66 5.46 -6.07
C GLU A 36 11.15 5.56 -6.34
N ILE A 37 10.37 5.03 -5.38
CA ILE A 37 8.92 4.99 -5.45
C ILE A 37 8.31 6.40 -5.34
N ILE A 38 8.87 7.23 -4.43
CA ILE A 38 8.52 8.65 -4.26
C ILE A 38 8.76 9.41 -5.58
N ASP A 39 9.87 9.06 -6.26
CA ASP A 39 10.27 9.64 -7.55
C ASP A 39 9.22 9.34 -8.63
N ARG A 40 8.72 8.09 -8.63
CA ARG A 40 7.70 7.63 -9.59
C ARG A 40 6.34 8.30 -9.33
N LEU A 41 6.05 8.58 -8.05
CA LEU A 41 4.84 9.31 -7.61
C LEU A 41 4.95 10.81 -7.99
N LYS A 42 6.21 11.32 -8.04
CA LYS A 42 6.53 12.69 -8.51
C LYS A 42 6.38 12.79 -10.04
N ARG A 43 6.56 11.65 -10.73
CA ARG A 43 6.32 11.54 -12.18
C ARG A 43 4.84 11.25 -12.50
N ARG A 44 4.05 10.89 -11.45
CA ARG A 44 2.63 10.49 -11.59
C ARG A 44 2.49 9.20 -12.44
N ASN A 45 3.52 8.34 -12.38
CA ASN A 45 3.59 7.09 -13.16
C ASN A 45 2.94 5.90 -12.44
N ILE A 46 2.46 6.10 -11.20
CA ILE A 46 1.83 5.02 -10.41
C ILE A 46 0.32 5.29 -10.25
N ASP A 47 -0.51 4.30 -10.63
CA ASP A 47 -1.98 4.35 -10.49
C ASP A 47 -2.39 3.98 -9.07
N MET A 48 -1.89 2.83 -8.61
CA MET A 48 -2.24 2.25 -7.30
C MET A 48 -0.97 1.68 -6.66
N ILE A 49 -0.84 1.90 -5.35
CA ILE A 49 0.35 1.53 -4.60
C ILE A 49 -0.06 1.00 -3.22
N ILE A 50 0.70 0.01 -2.72
CA ILE A 50 0.49 -0.60 -1.40
C ILE A 50 1.85 -0.60 -0.69
N VAL A 51 1.90 -0.07 0.54
CA VAL A 51 3.15 0.08 1.31
C VAL A 51 2.99 -0.56 2.70
N LYS A 52 3.79 -1.61 2.97
CA LYS A 52 3.92 -2.20 4.30
C LYS A 52 5.17 -1.62 4.99
N THR A 53 4.94 -0.73 5.94
CA THR A 53 5.97 -0.14 6.78
C THR A 53 5.33 0.44 8.03
N GLU A 54 6.03 0.34 9.17
CA GLU A 54 5.58 0.94 10.44
C GLU A 54 6.30 2.30 10.67
N ASP A 55 7.32 2.58 9.84
CA ASP A 55 8.11 3.82 9.90
C ASP A 55 7.24 5.00 9.42
N LYS A 56 6.73 5.78 10.38
CA LYS A 56 5.79 6.89 10.17
C LYS A 56 6.29 7.93 9.16
N GLU A 57 7.61 8.17 9.15
CA GLU A 57 8.25 9.12 8.22
C GLU A 57 8.03 8.63 6.77
N SER A 58 8.32 7.33 6.54
CA SER A 58 8.23 6.71 5.20
C SER A 58 6.77 6.67 4.71
N ILE A 59 5.85 6.28 5.63
CA ILE A 59 4.41 6.22 5.36
C ILE A 59 3.90 7.58 4.81
N SER A 60 4.16 8.64 5.61
CA SER A 60 3.69 10.00 5.33
C SER A 60 4.24 10.50 3.98
N GLU A 61 5.55 10.23 3.71
CA GLU A 61 6.21 10.62 2.44
C GLU A 61 5.40 10.15 1.22
N ILE A 62 5.19 8.82 1.16
CA ILE A 62 4.49 8.17 0.04
C ILE A 62 3.07 8.76 -0.12
N ILE A 63 2.31 8.86 1.00
CA ILE A 63 0.91 9.34 0.98
C ILE A 63 0.82 10.74 0.35
N LYS A 64 1.69 11.67 0.83
CA LYS A 64 1.76 13.06 0.33
C LYS A 64 1.97 13.08 -1.19
N GLN A 65 2.84 12.18 -1.66
CA GLN A 65 3.18 12.07 -3.09
C GLN A 65 2.03 11.40 -3.89
N VAL A 66 1.25 10.53 -3.23
CA VAL A 66 0.09 9.85 -3.83
C VAL A 66 -1.11 10.82 -3.95
N LEU A 67 -1.24 11.73 -2.97
CA LEU A 67 -2.27 12.77 -2.97
C LEU A 67 -1.98 13.75 -4.12
N ASP A 68 -0.69 14.10 -4.27
CA ASP A 68 -0.18 14.93 -5.36
C ASP A 68 -0.37 14.22 -6.72
N SER A 69 -0.20 12.89 -6.72
CA SER A 69 -0.34 12.06 -7.92
C SER A 69 -1.81 11.83 -8.29
N GLY A 70 -2.72 11.94 -7.28
CA GLY A 70 -4.12 11.57 -7.45
C GLY A 70 -4.27 10.08 -7.74
N ALA A 71 -3.65 9.26 -6.87
CA ALA A 71 -3.58 7.79 -7.02
C ALA A 71 -4.27 7.09 -5.84
N LYS A 72 -4.38 5.75 -5.95
CA LYS A 72 -4.90 4.89 -4.88
C LYS A 72 -3.72 4.41 -4.01
N VAL A 73 -3.92 4.33 -2.69
CA VAL A 73 -2.87 3.88 -1.75
C VAL A 73 -3.48 3.05 -0.60
N LEU A 74 -2.80 1.94 -0.26
CA LEU A 74 -3.10 1.10 0.90
C LEU A 74 -1.89 1.13 1.84
N ILE A 75 -2.08 1.68 3.04
CA ILE A 75 -1.06 1.72 4.10
C ILE A 75 -1.30 0.57 5.07
N LEU A 76 -0.26 -0.27 5.21
CA LEU A 76 -0.23 -1.40 6.12
C LEU A 76 0.88 -1.15 7.15
N SER A 77 0.52 -1.09 8.42
CA SER A 77 1.46 -0.91 9.53
C SER A 77 1.07 -1.88 10.64
N SER A 78 2.07 -2.43 11.33
CA SER A 78 1.85 -3.41 12.40
C SER A 78 1.13 -2.77 13.61
N ASP A 79 1.44 -1.47 13.85
CA ASP A 79 0.90 -0.71 14.99
C ASP A 79 -0.44 -0.01 14.62
N GLU A 80 -1.46 -0.25 15.47
CA GLU A 80 -2.83 0.26 15.29
C GLU A 80 -2.92 1.79 15.45
N ASN A 81 -2.06 2.36 16.32
CA ASN A 81 -2.08 3.81 16.67
C ASN A 81 -1.47 4.64 15.53
N ILE A 82 -0.51 4.03 14.81
CA ILE A 82 0.10 4.63 13.63
C ILE A 82 -0.92 4.63 12.47
N ILE A 83 -1.59 3.48 12.24
CA ILE A 83 -2.73 3.37 11.29
C ILE A 83 -3.84 4.42 11.65
N GLU A 84 -4.03 4.65 12.96
CA GLU A 84 -4.98 5.64 13.51
C GLU A 84 -4.58 7.08 13.14
N SER A 85 -3.29 7.41 13.29
CA SER A 85 -2.75 8.75 12.98
C SER A 85 -2.87 9.04 11.47
N ILE A 86 -2.65 8.01 10.66
CA ILE A 86 -2.78 8.08 9.20
C ILE A 86 -4.26 8.26 8.80
N ARG A 87 -5.18 7.64 9.56
CA ARG A 87 -6.65 7.76 9.35
C ARG A 87 -7.17 9.16 9.68
N LYS A 88 -6.69 9.75 10.78
CA LYS A 88 -7.25 11.01 11.31
C LYS A 88 -6.68 12.24 10.57
N GLN A 89 -5.44 12.12 10.04
CA GLN A 89 -4.83 13.18 9.20
C GLN A 89 -5.28 13.03 7.74
N TYR A 90 -5.33 11.78 7.26
CA TYR A 90 -5.72 11.45 5.87
C TYR A 90 -6.98 10.56 5.90
N PRO A 91 -8.19 11.12 5.65
CA PRO A 91 -9.45 10.31 5.65
C PRO A 91 -9.55 9.35 4.45
N LYS A 92 -9.04 9.76 3.28
CA LYS A 92 -9.31 9.08 2.00
C LYS A 92 -8.39 7.87 1.73
N VAL A 93 -7.33 7.71 2.54
CA VAL A 93 -6.35 6.61 2.39
C VAL A 93 -6.97 5.29 2.89
N GLU A 94 -6.88 4.21 2.07
CA GLU A 94 -7.18 2.85 2.52
C GLU A 94 -6.10 2.42 3.50
N THR A 95 -6.49 2.19 4.76
CA THR A 95 -5.58 1.75 5.83
C THR A 95 -6.10 0.45 6.45
N ARG A 96 -5.15 -0.38 6.86
CA ARG A 96 -5.43 -1.67 7.50
C ARG A 96 -4.21 -2.08 8.32
N ARG A 97 -4.44 -2.44 9.59
CA ARG A 97 -3.41 -2.98 10.47
C ARG A 97 -2.99 -4.38 9.95
N ALA A 98 -1.69 -4.58 9.79
CA ALA A 98 -1.11 -5.84 9.30
C ALA A 98 0.24 -6.03 9.96
N GLN A 99 0.38 -7.07 10.79
CA GLN A 99 1.64 -7.36 11.50
C GLN A 99 2.43 -8.43 10.75
N ASP A 100 1.80 -9.60 10.53
CA ASP A 100 2.47 -10.75 9.91
C ASP A 100 2.31 -10.68 8.38
N LYS A 101 3.28 -11.27 7.65
CA LYS A 101 3.34 -11.25 6.16
C LYS A 101 2.12 -11.93 5.52
N GLU A 102 1.43 -12.80 6.28
CA GLU A 102 0.16 -13.42 5.86
C GLU A 102 -0.94 -12.34 5.69
N GLU A 103 -1.08 -11.52 6.74
CA GLU A 103 -2.08 -10.44 6.81
C GLU A 103 -1.80 -9.34 5.77
N VAL A 104 -0.51 -9.16 5.43
CA VAL A 104 -0.06 -8.20 4.42
C VAL A 104 -0.49 -8.64 3.01
N LYS A 105 -0.08 -9.87 2.61
CA LYS A 105 -0.32 -10.39 1.23
C LYS A 105 -1.84 -10.52 0.96
N ASP A 106 -2.61 -10.85 2.02
CA ASP A 106 -4.09 -10.86 1.99
C ASP A 106 -4.64 -9.47 1.65
N ALA A 107 -4.15 -8.46 2.40
CA ALA A 107 -4.60 -7.06 2.27
C ALA A 107 -4.27 -6.50 0.87
N VAL A 108 -3.11 -6.92 0.35
CA VAL A 108 -2.66 -6.56 -0.99
C VAL A 108 -3.65 -7.09 -2.04
N GLU A 109 -3.81 -8.44 -2.07
CA GLU A 109 -4.72 -9.16 -3.00
C GLU A 109 -6.14 -8.54 -2.99
N GLU A 110 -6.59 -8.21 -1.77
CA GLU A 110 -7.90 -7.62 -1.47
C GLU A 110 -8.08 -6.27 -2.23
N PHE A 111 -7.04 -5.41 -2.13
CA PHE A 111 -7.00 -4.06 -2.75
C PHE A 111 -6.93 -4.17 -4.29
N LEU A 112 -6.25 -5.23 -4.77
CA LEU A 112 -6.03 -5.50 -6.20
C LEU A 112 -7.33 -5.93 -6.91
N LYS A 113 -8.20 -6.68 -6.19
CA LYS A 113 -9.50 -7.18 -6.71
C LYS A 113 -10.39 -6.05 -7.27
N GLU A 114 -10.37 -4.88 -6.61
CA GLU A 114 -11.11 -3.68 -7.07
C GLU A 114 -10.17 -2.72 -7.82
N GLY A 115 -8.84 -2.94 -7.68
CA GLY A 115 -7.85 -2.07 -8.27
C GLY A 115 -7.72 -0.74 -7.56
N GLY A 116 -8.25 -0.66 -6.32
CA GLY A 116 -8.23 0.59 -5.56
C GLY A 116 -9.06 0.58 -4.29
N SER A 117 -9.44 -0.61 -3.78
CA SER A 117 -10.20 -0.73 -2.52
C SER A 117 -10.20 -2.19 -2.03
N LEU A 118 -10.31 -2.34 -0.70
CA LEU A 118 -10.48 -3.64 -0.02
C LEU A 118 -11.96 -3.84 0.32
N GLU A 119 -12.31 -5.05 0.82
CA GLU A 119 -13.56 -5.27 1.58
C GLU A 119 -13.41 -4.60 2.95
N HIS A 120 -13.60 -3.30 2.91
CA HIS A 120 -13.33 -2.37 3.99
C HIS A 120 -14.38 -1.24 3.96
N HIS A 121 -15.36 -1.36 3.02
CA HIS A 121 -16.33 -0.32 2.67
C HIS A 121 -17.25 0.02 3.85
N HIS A 122 -16.80 0.97 4.67
CA HIS A 122 -17.50 1.43 5.88
C HIS A 122 -17.22 2.92 6.08
N HIS A 123 -17.93 3.52 7.03
CA HIS A 123 -17.55 4.81 7.61
C HIS A 123 -16.36 4.54 8.55
N HIS A 124 -15.17 4.42 7.90
CA HIS A 124 -13.91 4.03 8.55
C HIS A 124 -13.46 5.11 9.55
N HIS A 125 -13.53 4.78 10.85
CA HIS A 125 -13.14 5.68 11.94
C HIS A 125 -11.76 5.26 12.44
N MET A 1 -5.43 1.19 -16.84
CA MET A 1 -4.85 -0.17 -16.85
C MET A 1 -4.87 -0.74 -15.43
N GLY A 2 -4.03 -0.15 -14.55
CA GLY A 2 -3.89 -0.59 -13.16
C GLY A 2 -2.42 -0.81 -12.83
N LYS A 3 -1.65 0.30 -12.80
CA LYS A 3 -0.21 0.27 -12.44
C LYS A 3 -0.07 0.04 -10.93
N VAL A 4 0.05 -1.25 -10.56
CA VAL A 4 0.21 -1.69 -9.17
C VAL A 4 1.70 -1.75 -8.85
N VAL A 5 2.13 -0.93 -7.90
CA VAL A 5 3.51 -0.96 -7.39
C VAL A 5 3.46 -1.22 -5.89
N PHE A 6 3.96 -2.38 -5.47
CA PHE A 6 4.10 -2.73 -4.06
C PHE A 6 5.46 -2.24 -3.54
N LEU A 7 5.43 -1.63 -2.36
CA LEU A 7 6.60 -1.18 -1.61
C LEU A 7 6.57 -1.86 -0.24
N SER A 8 7.73 -2.35 0.21
CA SER A 8 7.94 -2.78 1.60
C SER A 8 9.42 -2.69 1.93
N ASP A 9 9.71 -2.33 3.19
CA ASP A 9 11.09 -2.17 3.66
C ASP A 9 11.71 -3.54 4.04
N ASP A 10 10.84 -4.58 4.18
CA ASP A 10 11.26 -5.94 4.56
C ASP A 10 11.18 -6.91 3.37
N GLN A 11 12.15 -7.86 3.29
CA GLN A 11 12.29 -8.83 2.18
C GLN A 11 11.15 -9.89 2.17
N GLU A 12 10.92 -10.55 3.34
CA GLU A 12 9.94 -11.68 3.47
C GLU A 12 8.52 -11.23 3.05
N ILE A 13 8.23 -9.96 3.33
CA ILE A 13 6.94 -9.34 3.00
C ILE A 13 6.74 -9.32 1.48
N ILE A 14 7.76 -8.78 0.78
CA ILE A 14 7.79 -8.64 -0.69
C ILE A 14 7.60 -10.00 -1.38
N GLU A 15 8.26 -11.04 -0.84
CA GLU A 15 8.24 -12.41 -1.40
C GLU A 15 6.85 -13.06 -1.31
N GLU A 16 6.14 -12.81 -0.19
CA GLU A 16 4.79 -13.35 0.05
C GLU A 16 3.72 -12.63 -0.79
N VAL A 17 3.88 -11.32 -0.97
CA VAL A 17 3.02 -10.51 -1.84
C VAL A 17 3.25 -10.85 -3.32
N SER A 18 4.52 -11.13 -3.66
CA SER A 18 4.94 -11.53 -5.02
C SER A 18 4.39 -12.93 -5.34
N LYS A 19 4.34 -13.82 -4.33
CA LYS A 19 3.78 -15.17 -4.45
C LYS A 19 2.26 -15.08 -4.66
N LYS A 20 1.60 -14.28 -3.79
CA LYS A 20 0.15 -14.03 -3.85
C LYS A 20 -0.26 -13.43 -5.21
N ALA A 21 0.61 -12.54 -5.72
CA ALA A 21 0.44 -11.91 -7.02
C ALA A 21 0.39 -12.99 -8.11
N GLU A 22 1.47 -13.80 -8.18
CA GLU A 22 1.65 -14.84 -9.21
C GLU A 22 0.47 -15.85 -9.22
N GLU A 23 0.03 -16.26 -8.02
CA GLU A 23 -1.11 -17.16 -7.84
C GLU A 23 -2.40 -16.59 -8.46
N GLU A 24 -2.71 -15.31 -8.15
CA GLU A 24 -3.92 -14.62 -8.66
C GLU A 24 -3.71 -14.09 -10.10
N GLY A 25 -2.47 -14.17 -10.61
CA GLY A 25 -2.14 -13.73 -11.97
C GLY A 25 -1.92 -12.23 -12.08
N TYR A 26 -1.18 -11.66 -11.12
CA TYR A 26 -0.89 -10.23 -11.04
C TYR A 26 0.60 -10.00 -11.27
N ASP A 27 0.92 -9.07 -12.17
CA ASP A 27 2.29 -8.62 -12.42
C ASP A 27 2.51 -7.29 -11.71
N ILE A 28 2.64 -7.37 -10.37
CA ILE A 28 2.90 -6.20 -9.51
C ILE A 28 4.39 -5.81 -9.59
N GLN A 29 4.66 -4.49 -9.74
CA GLN A 29 6.03 -3.98 -9.64
C GLN A 29 6.41 -3.86 -8.16
N THR A 30 7.31 -4.71 -7.70
CA THR A 30 7.74 -4.76 -6.30
C THR A 30 9.04 -3.96 -6.13
N SER A 31 9.16 -3.29 -4.97
CA SER A 31 10.32 -2.47 -4.62
C SER A 31 10.53 -2.50 -3.11
N ASN A 32 11.80 -2.37 -2.70
CA ASN A 32 12.20 -2.33 -1.28
C ASN A 32 12.54 -0.89 -0.86
N ASP A 33 13.11 -0.09 -1.80
CA ASP A 33 13.58 1.28 -1.52
C ASP A 33 12.42 2.29 -1.63
N LYS A 34 12.08 2.87 -0.47
CA LYS A 34 10.97 3.84 -0.32
C LYS A 34 11.28 5.19 -1.03
N LYS A 35 12.56 5.60 -1.02
CA LYS A 35 13.01 6.89 -1.59
C LYS A 35 12.80 6.93 -3.12
N GLU A 36 13.05 5.77 -3.77
CA GLU A 36 12.80 5.57 -5.20
C GLU A 36 11.31 5.79 -5.49
N ILE A 37 10.48 5.15 -4.65
CA ILE A 37 9.02 5.13 -4.82
C ILE A 37 8.40 6.54 -4.67
N ILE A 38 8.89 7.34 -3.70
CA ILE A 38 8.47 8.76 -3.50
C ILE A 38 8.69 9.55 -4.81
N ASP A 39 9.83 9.26 -5.47
CA ASP A 39 10.28 9.92 -6.70
C ASP A 39 9.45 9.46 -7.92
N ARG A 40 9.01 8.20 -7.91
CA ARG A 40 8.15 7.64 -8.99
C ARG A 40 6.73 8.19 -8.90
N LEU A 41 6.31 8.51 -7.66
CA LEU A 41 5.05 9.18 -7.38
C LEU A 41 5.11 10.67 -7.81
N LYS A 42 6.32 11.29 -7.73
CA LYS A 42 6.57 12.66 -8.27
C LYS A 42 6.29 12.71 -9.79
N ARG A 43 6.55 11.57 -10.46
CA ARG A 43 6.35 11.40 -11.91
C ARG A 43 4.89 11.02 -12.25
N ARG A 44 4.07 10.79 -11.19
CA ARG A 44 2.64 10.38 -11.31
C ARG A 44 2.52 9.02 -12.04
N ASN A 45 3.59 8.22 -11.94
CA ASN A 45 3.81 7.02 -12.76
C ASN A 45 3.00 5.81 -12.24
N ILE A 46 2.53 5.91 -10.99
CA ILE A 46 1.87 4.80 -10.27
C ILE A 46 0.36 5.08 -10.15
N ASP A 47 -0.47 4.07 -10.47
CA ASP A 47 -1.95 4.19 -10.44
C ASP A 47 -2.48 3.82 -9.04
N MET A 48 -1.88 2.76 -8.49
CA MET A 48 -2.19 2.26 -7.16
C MET A 48 -0.91 1.71 -6.53
N ILE A 49 -0.70 2.05 -5.26
CA ILE A 49 0.51 1.72 -4.52
C ILE A 49 0.11 1.14 -3.16
N ILE A 50 0.83 0.09 -2.73
CA ILE A 50 0.58 -0.59 -1.45
C ILE A 50 1.90 -0.63 -0.67
N VAL A 51 1.99 0.16 0.40
CA VAL A 51 3.22 0.29 1.22
C VAL A 51 3.08 -0.54 2.50
N LYS A 52 4.14 -1.27 2.84
CA LYS A 52 4.25 -2.00 4.11
C LYS A 52 5.55 -1.56 4.82
N THR A 53 5.38 -0.75 5.87
CA THR A 53 6.43 -0.30 6.80
C THR A 53 5.75 0.39 7.97
N GLU A 54 6.48 0.54 9.08
CA GLU A 54 5.97 1.20 10.30
C GLU A 54 6.52 2.63 10.43
N ASP A 55 7.49 3.01 9.55
CA ASP A 55 8.16 4.31 9.65
C ASP A 55 7.18 5.44 9.27
N LYS A 56 6.52 5.99 10.31
CA LYS A 56 5.39 6.93 10.20
C LYS A 56 5.73 8.19 9.37
N GLU A 57 7.00 8.61 9.49
CA GLU A 57 7.52 9.83 8.85
C GLU A 57 7.59 9.67 7.32
N SER A 58 8.09 8.49 6.86
CA SER A 58 8.22 8.19 5.44
C SER A 58 6.85 7.90 4.82
N ILE A 59 6.00 7.12 5.55
CA ILE A 59 4.61 6.79 5.15
C ILE A 59 3.85 8.07 4.76
N SER A 60 3.94 9.08 5.66
CA SER A 60 3.35 10.42 5.47
C SER A 60 3.74 11.00 4.09
N GLU A 61 5.05 10.91 3.76
CA GLU A 61 5.60 11.47 2.52
C GLU A 61 5.06 10.76 1.27
N ILE A 62 5.00 9.39 1.31
CA ILE A 62 4.40 8.58 0.24
C ILE A 62 2.97 9.10 -0.09
N ILE A 63 2.12 9.15 0.96
CA ILE A 63 0.70 9.53 0.83
C ILE A 63 0.55 10.93 0.22
N LYS A 64 1.41 11.88 0.66
CA LYS A 64 1.43 13.27 0.15
C LYS A 64 1.65 13.29 -1.37
N GLN A 65 2.60 12.46 -1.84
CA GLN A 65 2.90 12.33 -3.28
C GLN A 65 1.70 11.72 -4.04
N VAL A 66 1.06 10.71 -3.42
CA VAL A 66 -0.07 9.97 -4.02
C VAL A 66 -1.32 10.87 -4.16
N LEU A 67 -1.57 11.70 -3.13
CA LEU A 67 -2.71 12.64 -3.10
C LEU A 67 -2.55 13.70 -4.21
N ASP A 68 -1.28 14.14 -4.39
CA ASP A 68 -0.86 15.05 -5.46
C ASP A 68 -1.11 14.40 -6.84
N SER A 69 -0.80 13.10 -6.95
CA SER A 69 -0.94 12.33 -8.19
C SER A 69 -2.41 11.98 -8.49
N GLY A 70 -3.22 11.85 -7.42
CA GLY A 70 -4.60 11.38 -7.55
C GLY A 70 -4.69 9.87 -7.74
N ALA A 71 -3.76 9.15 -7.11
CA ALA A 71 -3.67 7.67 -7.20
C ALA A 71 -4.30 7.02 -5.95
N LYS A 72 -4.43 5.68 -5.96
CA LYS A 72 -4.87 4.89 -4.79
C LYS A 72 -3.65 4.49 -3.96
N VAL A 73 -3.79 4.46 -2.63
CA VAL A 73 -2.69 4.10 -1.70
C VAL A 73 -3.23 3.29 -0.51
N LEU A 74 -2.59 2.14 -0.24
CA LEU A 74 -2.91 1.29 0.91
C LEU A 74 -1.71 1.30 1.85
N ILE A 75 -1.94 1.75 3.09
CA ILE A 75 -0.92 1.76 4.13
C ILE A 75 -1.10 0.56 5.04
N LEU A 76 -0.05 -0.26 5.12
CA LEU A 76 -0.01 -1.46 5.94
C LEU A 76 1.07 -1.27 7.01
N SER A 77 0.65 -1.33 8.27
CA SER A 77 1.54 -1.19 9.43
C SER A 77 1.08 -2.19 10.50
N SER A 78 2.05 -2.77 11.23
CA SER A 78 1.78 -3.80 12.23
C SER A 78 1.04 -3.21 13.44
N ASP A 79 1.38 -1.95 13.76
CA ASP A 79 0.83 -1.23 14.92
C ASP A 79 -0.46 -0.48 14.49
N GLU A 80 -1.55 -0.75 15.22
CA GLU A 80 -2.90 -0.22 14.94
C GLU A 80 -3.02 1.29 15.24
N ASN A 81 -2.13 1.84 16.10
CA ASN A 81 -2.11 3.27 16.44
C ASN A 81 -1.40 4.07 15.34
N ILE A 82 -0.42 3.44 14.66
CA ILE A 82 0.21 4.01 13.45
C ILE A 82 -0.86 4.15 12.37
N ILE A 83 -1.60 3.05 12.10
CA ILE A 83 -2.74 3.03 11.17
C ILE A 83 -3.74 4.16 11.50
N GLU A 84 -4.06 4.32 12.81
CA GLU A 84 -5.00 5.35 13.30
C GLU A 84 -4.48 6.77 12.95
N SER A 85 -3.19 7.01 13.22
CA SER A 85 -2.53 8.31 12.95
C SER A 85 -2.62 8.67 11.45
N ILE A 86 -2.45 7.65 10.60
CA ILE A 86 -2.48 7.78 9.14
C ILE A 86 -3.91 8.12 8.63
N ARG A 87 -4.94 7.57 9.31
CA ARG A 87 -6.36 7.82 8.96
C ARG A 87 -6.77 9.27 9.30
N LYS A 88 -6.36 9.75 10.50
CA LYS A 88 -6.79 11.06 11.02
C LYS A 88 -6.08 12.22 10.31
N GLN A 89 -4.79 12.00 9.94
CA GLN A 89 -4.01 12.95 9.12
C GLN A 89 -4.57 13.04 7.70
N TYR A 90 -4.75 11.86 7.07
CA TYR A 90 -5.19 11.73 5.67
C TYR A 90 -6.45 10.85 5.62
N PRO A 91 -7.68 11.43 5.70
CA PRO A 91 -8.94 10.63 5.63
C PRO A 91 -9.24 10.03 4.23
N LYS A 92 -8.47 10.47 3.20
CA LYS A 92 -8.60 9.94 1.82
C LYS A 92 -7.78 8.66 1.58
N VAL A 93 -6.84 8.32 2.49
CA VAL A 93 -5.97 7.14 2.32
C VAL A 93 -6.74 5.84 2.66
N GLU A 94 -6.35 4.73 2.02
CA GLU A 94 -6.83 3.40 2.40
C GLU A 94 -5.83 2.83 3.41
N THR A 95 -6.31 2.31 4.54
CA THR A 95 -5.47 1.76 5.61
C THR A 95 -5.94 0.37 6.01
N ARG A 96 -5.00 -0.47 6.48
CA ARG A 96 -5.30 -1.79 7.03
C ARG A 96 -4.13 -2.24 7.90
N ARG A 97 -4.45 -2.88 9.03
CA ARG A 97 -3.43 -3.34 9.98
C ARG A 97 -2.89 -4.68 9.48
N ALA A 98 -1.58 -4.77 9.31
CA ALA A 98 -0.93 -5.99 8.82
C ALA A 98 0.28 -6.25 9.70
N GLN A 99 0.17 -7.24 10.59
CA GLN A 99 1.24 -7.55 11.55
C GLN A 99 2.34 -8.35 10.86
N ASP A 100 1.97 -9.53 10.36
CA ASP A 100 2.89 -10.46 9.69
C ASP A 100 2.60 -10.48 8.17
N LYS A 101 3.51 -11.13 7.43
CA LYS A 101 3.54 -11.20 5.95
C LYS A 101 2.22 -11.66 5.31
N GLU A 102 1.44 -12.46 6.07
CA GLU A 102 0.20 -13.11 5.58
C GLU A 102 -0.99 -12.12 5.53
N GLU A 103 -1.07 -11.21 6.53
CA GLU A 103 -2.03 -10.10 6.51
C GLU A 103 -1.71 -9.08 5.40
N VAL A 104 -0.41 -8.97 5.06
CA VAL A 104 0.06 -8.04 4.02
C VAL A 104 -0.43 -8.52 2.65
N LYS A 105 -0.13 -9.80 2.32
CA LYS A 105 -0.49 -10.38 1.01
C LYS A 105 -2.02 -10.48 0.84
N ASP A 106 -2.73 -10.76 1.95
CA ASP A 106 -4.20 -10.65 2.05
C ASP A 106 -4.70 -9.26 1.59
N ALA A 107 -4.13 -8.22 2.21
CA ALA A 107 -4.54 -6.82 1.99
C ALA A 107 -4.30 -6.38 0.54
N VAL A 108 -3.20 -6.88 -0.05
CA VAL A 108 -2.84 -6.61 -1.44
C VAL A 108 -3.90 -7.21 -2.39
N GLU A 109 -4.19 -8.51 -2.19
CA GLU A 109 -5.20 -9.27 -2.98
C GLU A 109 -6.57 -8.56 -2.96
N GLU A 110 -6.99 -8.19 -1.73
CA GLU A 110 -8.26 -7.49 -1.46
C GLU A 110 -8.33 -6.15 -2.23
N PHE A 111 -7.20 -5.40 -2.20
CA PHE A 111 -7.09 -4.05 -2.77
C PHE A 111 -7.24 -4.07 -4.30
N LEU A 112 -6.60 -5.08 -4.93
CA LEU A 112 -6.53 -5.18 -6.40
C LEU A 112 -7.87 -5.65 -6.99
N LYS A 113 -8.53 -6.61 -6.30
CA LYS A 113 -9.84 -7.15 -6.72
C LYS A 113 -10.98 -6.12 -6.51
N GLU A 114 -10.76 -5.18 -5.56
CA GLU A 114 -11.66 -4.02 -5.36
C GLU A 114 -11.26 -2.79 -6.19
N GLY A 115 -10.06 -2.86 -6.83
CA GLY A 115 -9.55 -1.75 -7.66
C GLY A 115 -9.26 -0.48 -6.85
N GLY A 116 -9.08 -0.63 -5.53
CA GLY A 116 -8.86 0.48 -4.62
C GLY A 116 -9.38 0.14 -3.23
N SER A 117 -10.39 0.89 -2.76
CA SER A 117 -10.93 0.79 -1.38
C SER A 117 -11.41 -0.64 -1.02
N LEU A 118 -10.80 -1.21 0.04
CA LEU A 118 -10.94 -2.63 0.47
C LEU A 118 -12.42 -3.03 0.70
N GLU A 119 -13.10 -2.21 1.48
CA GLU A 119 -14.52 -2.40 1.89
C GLU A 119 -15.37 -1.28 1.28
N HIS A 120 -14.79 -0.63 0.26
CA HIS A 120 -15.32 0.58 -0.38
C HIS A 120 -15.49 1.72 0.64
N HIS A 121 -14.37 2.01 1.37
CA HIS A 121 -14.16 3.29 2.08
C HIS A 121 -14.46 4.44 1.10
N HIS A 122 -15.35 5.36 1.51
CA HIS A 122 -16.09 6.27 0.61
C HIS A 122 -15.17 6.99 -0.41
N HIS A 123 -15.08 6.36 -1.58
CA HIS A 123 -14.34 6.83 -2.74
C HIS A 123 -15.34 6.84 -3.90
N HIS A 124 -15.35 7.94 -4.69
CA HIS A 124 -16.35 8.13 -5.76
C HIS A 124 -16.26 7.00 -6.82
N HIS A 125 -17.41 6.69 -7.44
CA HIS A 125 -17.48 5.71 -8.54
C HIS A 125 -16.73 6.26 -9.78
N MET A 1 -1.74 3.17 -16.80
CA MET A 1 -2.93 2.30 -16.95
C MET A 1 -2.77 1.02 -16.09
N GLY A 2 -3.39 1.03 -14.88
CA GLY A 2 -3.43 -0.15 -14.00
C GLY A 2 -2.06 -0.56 -13.46
N LYS A 3 -1.19 0.43 -13.21
CA LYS A 3 0.17 0.19 -12.69
C LYS A 3 0.14 -0.01 -11.16
N VAL A 4 0.31 -1.27 -10.74
CA VAL A 4 0.40 -1.62 -9.31
C VAL A 4 1.87 -1.72 -8.92
N VAL A 5 2.29 -0.94 -7.90
CA VAL A 5 3.63 -1.01 -7.32
C VAL A 5 3.51 -1.28 -5.83
N PHE A 6 4.05 -2.41 -5.38
CA PHE A 6 4.09 -2.79 -3.97
C PHE A 6 5.44 -2.38 -3.36
N LEU A 7 5.39 -1.54 -2.34
CA LEU A 7 6.56 -1.08 -1.59
C LEU A 7 6.53 -1.69 -0.19
N SER A 8 7.68 -2.20 0.30
CA SER A 8 7.84 -2.70 1.68
C SER A 8 9.29 -2.61 2.13
N ASP A 9 9.48 -2.36 3.43
CA ASP A 9 10.82 -2.22 4.04
C ASP A 9 11.34 -3.59 4.56
N ASP A 10 10.69 -4.69 4.14
CA ASP A 10 10.93 -6.05 4.67
C ASP A 10 10.83 -7.08 3.54
N GLN A 11 11.86 -7.96 3.42
CA GLN A 11 11.97 -8.95 2.34
C GLN A 11 10.90 -10.05 2.42
N GLU A 12 10.65 -10.55 3.66
CA GLU A 12 9.64 -11.61 3.92
C GLU A 12 8.25 -11.18 3.42
N ILE A 13 7.95 -9.88 3.57
CA ILE A 13 6.70 -9.28 3.11
C ILE A 13 6.65 -9.29 1.56
N ILE A 14 7.73 -8.76 0.94
CA ILE A 14 7.86 -8.61 -0.52
C ILE A 14 7.67 -9.95 -1.24
N GLU A 15 8.28 -11.03 -0.70
CA GLU A 15 8.27 -12.37 -1.32
C GLU A 15 6.89 -13.02 -1.27
N GLU A 16 6.21 -12.89 -0.10
CA GLU A 16 4.85 -13.44 0.11
C GLU A 16 3.82 -12.80 -0.82
N VAL A 17 3.91 -11.47 -0.97
CA VAL A 17 3.02 -10.69 -1.85
C VAL A 17 3.36 -10.97 -3.33
N SER A 18 4.67 -11.06 -3.64
CA SER A 18 5.16 -11.39 -5.00
C SER A 18 4.62 -12.75 -5.47
N LYS A 19 4.52 -13.69 -4.50
CA LYS A 19 4.01 -15.04 -4.73
C LYS A 19 2.51 -15.00 -5.06
N LYS A 20 1.72 -14.36 -4.17
CA LYS A 20 0.25 -14.33 -4.28
C LYS A 20 -0.18 -13.59 -5.56
N ALA A 21 0.54 -12.50 -5.86
CA ALA A 21 0.36 -11.69 -7.07
C ALA A 21 0.59 -12.54 -8.33
N GLU A 22 1.69 -13.33 -8.32
CA GLU A 22 2.05 -14.21 -9.44
C GLU A 22 0.93 -15.23 -9.72
N GLU A 23 0.45 -15.89 -8.63
CA GLU A 23 -0.62 -16.91 -8.69
C GLU A 23 -1.90 -16.37 -9.36
N GLU A 24 -2.27 -15.14 -9.00
CA GLU A 24 -3.46 -14.47 -9.56
C GLU A 24 -3.16 -13.81 -10.93
N GLY A 25 -1.86 -13.62 -11.23
CA GLY A 25 -1.43 -13.00 -12.49
C GLY A 25 -1.38 -11.47 -12.42
N TYR A 26 -1.42 -10.91 -11.18
CA TYR A 26 -1.31 -9.47 -10.95
C TYR A 26 0.11 -8.98 -11.24
N ASP A 27 0.25 -8.22 -12.33
CA ASP A 27 1.53 -7.57 -12.71
C ASP A 27 1.86 -6.45 -11.72
N ILE A 28 2.65 -6.78 -10.68
CA ILE A 28 3.03 -5.83 -9.62
C ILE A 28 4.55 -5.64 -9.63
N GLN A 29 4.99 -4.38 -9.62
CA GLN A 29 6.39 -4.01 -9.44
C GLN A 29 6.67 -3.88 -7.93
N THR A 30 7.49 -4.77 -7.36
CA THR A 30 7.82 -4.75 -5.94
C THR A 30 9.17 -4.05 -5.70
N SER A 31 9.30 -3.39 -4.54
CA SER A 31 10.48 -2.60 -4.17
C SER A 31 10.65 -2.57 -2.65
N ASN A 32 11.91 -2.44 -2.21
CA ASN A 32 12.28 -2.15 -0.81
C ASN A 32 12.51 -0.64 -0.64
N ASP A 33 13.33 -0.10 -1.56
CA ASP A 33 13.79 1.29 -1.54
C ASP A 33 12.63 2.26 -1.81
N LYS A 34 12.19 2.93 -0.73
CA LYS A 34 11.05 3.87 -0.74
C LYS A 34 11.35 5.20 -1.46
N LYS A 35 12.63 5.63 -1.49
CA LYS A 35 13.00 6.98 -2.00
C LYS A 35 12.77 7.07 -3.53
N GLU A 36 13.02 5.94 -4.24
CA GLU A 36 12.73 5.83 -5.67
C GLU A 36 11.22 5.95 -5.91
N ILE A 37 10.46 5.25 -5.07
CA ILE A 37 9.00 5.10 -5.21
C ILE A 37 8.27 6.44 -5.00
N ILE A 38 8.76 7.24 -4.03
CA ILE A 38 8.28 8.62 -3.79
C ILE A 38 8.47 9.49 -5.06
N ASP A 39 9.61 9.27 -5.75
CA ASP A 39 9.94 9.98 -6.99
C ASP A 39 9.07 9.49 -8.16
N ARG A 40 8.65 8.21 -8.11
CA ARG A 40 7.73 7.63 -9.12
C ARG A 40 6.31 8.22 -8.95
N LEU A 41 5.92 8.49 -7.70
CA LEU A 41 4.64 9.17 -7.38
C LEU A 41 4.67 10.64 -7.87
N LYS A 42 5.86 11.26 -7.79
CA LYS A 42 6.13 12.60 -8.37
C LYS A 42 5.94 12.60 -9.90
N ARG A 43 6.31 11.48 -10.54
CA ARG A 43 6.22 11.31 -12.01
C ARG A 43 4.81 10.86 -12.47
N ARG A 44 3.90 10.58 -11.49
CA ARG A 44 2.55 9.97 -11.74
C ARG A 44 2.69 8.57 -12.36
N ASN A 45 3.87 7.98 -12.14
CA ASN A 45 4.31 6.71 -12.74
C ASN A 45 3.52 5.50 -12.19
N ILE A 46 2.90 5.68 -11.01
CA ILE A 46 2.17 4.62 -10.30
C ILE A 46 0.67 4.96 -10.28
N ASP A 47 -0.17 3.97 -10.63
CA ASP A 47 -1.65 4.10 -10.62
C ASP A 47 -2.21 3.76 -9.23
N MET A 48 -1.62 2.73 -8.61
CA MET A 48 -2.03 2.23 -7.30
C MET A 48 -0.82 1.61 -6.60
N ILE A 49 -0.63 1.97 -5.33
CA ILE A 49 0.55 1.61 -4.54
C ILE A 49 0.11 1.07 -3.17
N ILE A 50 0.79 0.04 -2.69
CA ILE A 50 0.53 -0.58 -1.38
C ILE A 50 1.85 -0.64 -0.61
N VAL A 51 1.94 0.10 0.51
CA VAL A 51 3.18 0.26 1.29
C VAL A 51 3.05 -0.43 2.65
N LYS A 52 3.87 -1.46 2.90
CA LYS A 52 3.99 -2.10 4.20
C LYS A 52 5.29 -1.60 4.87
N THR A 53 5.11 -0.73 5.86
CA THR A 53 6.21 -0.22 6.69
C THR A 53 5.63 0.41 7.96
N GLU A 54 6.47 0.57 8.98
CA GLU A 54 6.06 1.03 10.33
C GLU A 54 6.79 2.36 10.68
N ASP A 55 7.41 2.99 9.66
CA ASP A 55 8.08 4.29 9.81
C ASP A 55 7.10 5.41 9.39
N LYS A 56 6.50 6.07 10.39
CA LYS A 56 5.44 7.10 10.19
C LYS A 56 5.87 8.22 9.21
N GLU A 57 7.11 8.69 9.40
CA GLU A 57 7.63 9.87 8.67
C GLU A 57 7.63 9.62 7.16
N SER A 58 8.10 8.42 6.75
CA SER A 58 8.17 8.04 5.34
C SER A 58 6.77 7.73 4.78
N ILE A 59 5.92 7.01 5.58
CA ILE A 59 4.51 6.70 5.21
C ILE A 59 3.78 7.97 4.74
N SER A 60 3.89 9.02 5.59
CA SER A 60 3.29 10.32 5.34
C SER A 60 3.74 10.88 3.97
N GLU A 61 5.07 10.77 3.67
CA GLU A 61 5.65 11.29 2.41
C GLU A 61 5.03 10.61 1.19
N ILE A 62 4.94 9.26 1.23
CA ILE A 62 4.28 8.46 0.17
C ILE A 62 2.88 9.02 -0.11
N ILE A 63 2.04 9.11 0.95
CA ILE A 63 0.63 9.54 0.84
C ILE A 63 0.51 10.95 0.22
N LYS A 64 1.40 11.86 0.66
CA LYS A 64 1.45 13.26 0.16
C LYS A 64 1.64 13.29 -1.37
N GLN A 65 2.53 12.42 -1.85
CA GLN A 65 2.89 12.34 -3.28
C GLN A 65 1.83 11.54 -4.08
N VAL A 66 1.11 10.61 -3.42
CA VAL A 66 0.02 9.83 -4.05
C VAL A 66 -1.21 10.72 -4.25
N LEU A 67 -1.55 11.50 -3.22
CA LEU A 67 -2.69 12.44 -3.25
C LEU A 67 -2.50 13.48 -4.36
N ASP A 68 -1.24 13.97 -4.48
CA ASP A 68 -0.84 14.95 -5.50
C ASP A 68 -0.82 14.28 -6.91
N SER A 69 -0.50 12.97 -6.94
CA SER A 69 -0.54 12.15 -8.19
C SER A 69 -1.99 11.81 -8.57
N GLY A 70 -2.90 11.80 -7.57
CA GLY A 70 -4.28 11.37 -7.75
C GLY A 70 -4.41 9.87 -7.96
N ALA A 71 -3.52 9.10 -7.31
CA ALA A 71 -3.47 7.63 -7.40
C ALA A 71 -4.13 6.97 -6.18
N LYS A 72 -4.13 5.63 -6.13
CA LYS A 72 -4.59 4.86 -4.96
C LYS A 72 -3.40 4.49 -4.07
N VAL A 73 -3.63 4.44 -2.75
CA VAL A 73 -2.62 4.05 -1.75
C VAL A 73 -3.26 3.25 -0.61
N LEU A 74 -2.62 2.12 -0.25
CA LEU A 74 -2.97 1.29 0.91
C LEU A 74 -1.78 1.24 1.86
N ILE A 75 -1.94 1.82 3.05
CA ILE A 75 -0.93 1.81 4.10
C ILE A 75 -1.18 0.62 5.05
N LEU A 76 -0.15 -0.21 5.17
CA LEU A 76 -0.13 -1.38 6.04
C LEU A 76 0.99 -1.18 7.07
N SER A 77 0.63 -1.17 8.35
CA SER A 77 1.58 -1.01 9.46
C SER A 77 1.22 -2.00 10.56
N SER A 78 2.23 -2.58 11.21
CA SER A 78 2.03 -3.59 12.26
C SER A 78 1.40 -2.96 13.53
N ASP A 79 1.78 -1.69 13.78
CA ASP A 79 1.25 -0.91 14.91
C ASP A 79 -0.05 -0.18 14.51
N GLU A 80 -1.10 -0.43 15.30
CA GLU A 80 -2.46 0.10 15.06
C GLU A 80 -2.58 1.60 15.39
N ASN A 81 -1.69 2.11 16.28
CA ASN A 81 -1.68 3.53 16.68
C ASN A 81 -1.14 4.39 15.52
N ILE A 82 -0.20 3.79 14.75
CA ILE A 82 0.35 4.40 13.51
C ILE A 82 -0.74 4.44 12.44
N ILE A 83 -1.44 3.29 12.24
CA ILE A 83 -2.62 3.21 11.34
C ILE A 83 -3.63 4.33 11.66
N GLU A 84 -3.90 4.50 12.97
CA GLU A 84 -4.81 5.54 13.48
C GLU A 84 -4.29 6.96 13.16
N SER A 85 -2.99 7.20 13.39
CA SER A 85 -2.35 8.50 13.11
C SER A 85 -2.52 8.88 11.63
N ILE A 86 -2.35 7.88 10.77
CA ILE A 86 -2.45 8.03 9.31
C ILE A 86 -3.92 8.27 8.88
N ARG A 87 -4.88 7.73 9.66
CA ARG A 87 -6.33 7.95 9.41
C ARG A 87 -6.75 9.39 9.77
N LYS A 88 -6.35 9.86 10.97
CA LYS A 88 -6.78 11.18 11.47
C LYS A 88 -6.12 12.33 10.70
N GLN A 89 -4.89 12.08 10.21
CA GLN A 89 -4.20 13.02 9.31
C GLN A 89 -4.84 12.95 7.91
N TYR A 90 -4.94 11.74 7.34
CA TYR A 90 -5.37 11.52 5.94
C TYR A 90 -6.63 10.64 5.89
N PRO A 91 -7.84 11.25 5.64
CA PRO A 91 -9.07 10.47 5.34
C PRO A 91 -9.04 9.80 3.95
N LYS A 92 -8.34 10.42 2.97
CA LYS A 92 -8.32 9.95 1.56
C LYS A 92 -7.37 8.75 1.30
N VAL A 93 -6.77 8.19 2.37
CA VAL A 93 -5.94 6.96 2.24
C VAL A 93 -6.70 5.73 2.78
N GLU A 94 -6.51 4.57 2.13
CA GLU A 94 -6.92 3.27 2.68
C GLU A 94 -5.86 2.80 3.66
N THR A 95 -6.28 2.41 4.86
CA THR A 95 -5.38 1.91 5.91
C THR A 95 -5.91 0.56 6.43
N ARG A 96 -4.98 -0.32 6.80
CA ARG A 96 -5.28 -1.61 7.42
C ARG A 96 -4.06 -2.05 8.23
N ARG A 97 -4.28 -2.42 9.50
CA ARG A 97 -3.24 -2.98 10.37
C ARG A 97 -2.85 -4.37 9.83
N ALA A 98 -1.55 -4.56 9.61
CA ALA A 98 -1.01 -5.80 9.05
C ALA A 98 0.26 -6.14 9.84
N GLN A 99 0.17 -7.19 10.66
CA GLN A 99 1.28 -7.67 11.51
C GLN A 99 1.89 -8.93 10.88
N ASP A 100 1.01 -9.78 10.36
CA ASP A 100 1.36 -11.04 9.73
C ASP A 100 1.58 -10.83 8.23
N LYS A 101 2.64 -11.43 7.66
CA LYS A 101 2.95 -11.36 6.21
C LYS A 101 1.85 -12.01 5.35
N GLU A 102 1.14 -12.98 5.96
CA GLU A 102 -0.07 -13.60 5.38
C GLU A 102 -1.22 -12.58 5.30
N GLU A 103 -1.39 -11.76 6.35
CA GLU A 103 -2.38 -10.65 6.38
C GLU A 103 -2.02 -9.52 5.41
N VAL A 104 -0.71 -9.37 5.11
CA VAL A 104 -0.24 -8.34 4.16
C VAL A 104 -0.62 -8.74 2.73
N LYS A 105 -0.21 -9.96 2.30
CA LYS A 105 -0.49 -10.44 0.93
C LYS A 105 -2.00 -10.61 0.71
N ASP A 106 -2.73 -10.93 1.79
CA ASP A 106 -4.20 -10.86 1.81
C ASP A 106 -4.66 -9.43 1.49
N ALA A 107 -4.19 -8.45 2.29
CA ALA A 107 -4.60 -7.03 2.17
C ALA A 107 -4.35 -6.47 0.76
N VAL A 108 -3.24 -6.92 0.16
CA VAL A 108 -2.86 -6.56 -1.21
C VAL A 108 -3.89 -7.13 -2.19
N GLU A 109 -4.12 -8.45 -2.10
CA GLU A 109 -5.05 -9.17 -3.00
C GLU A 109 -6.49 -8.62 -2.90
N GLU A 110 -6.90 -8.21 -1.68
CA GLU A 110 -8.23 -7.65 -1.41
C GLU A 110 -8.36 -6.28 -2.10
N PHE A 111 -7.31 -5.45 -1.97
CA PHE A 111 -7.25 -4.09 -2.55
C PHE A 111 -7.30 -4.16 -4.10
N LEU A 112 -6.75 -5.25 -4.64
CA LEU A 112 -6.69 -5.53 -6.08
C LEU A 112 -8.05 -6.02 -6.62
N LYS A 113 -8.63 -7.05 -5.96
CA LYS A 113 -9.88 -7.71 -6.41
C LYS A 113 -11.09 -6.76 -6.34
N GLU A 114 -11.11 -5.88 -5.33
CA GLU A 114 -12.19 -4.87 -5.18
C GLU A 114 -11.94 -3.64 -6.07
N GLY A 115 -10.86 -3.67 -6.86
CA GLY A 115 -10.58 -2.67 -7.90
C GLY A 115 -10.05 -1.37 -7.34
N GLY A 116 -8.83 -1.40 -6.77
CA GLY A 116 -8.16 -0.19 -6.26
C GLY A 116 -8.83 0.37 -5.01
N SER A 117 -9.30 -0.54 -4.14
CA SER A 117 -10.04 -0.18 -2.92
C SER A 117 -10.14 -1.42 -2.00
N LEU A 118 -10.20 -1.18 -0.69
CA LEU A 118 -10.52 -2.24 0.29
C LEU A 118 -12.05 -2.42 0.34
N GLU A 119 -12.74 -1.41 0.90
CA GLU A 119 -14.17 -1.47 1.27
C GLU A 119 -14.49 -2.67 2.18
N HIS A 120 -13.47 -3.11 2.95
CA HIS A 120 -13.60 -4.21 3.92
C HIS A 120 -13.92 -3.65 5.31
N HIS A 121 -15.03 -2.86 5.34
CA HIS A 121 -15.63 -2.30 6.55
C HIS A 121 -14.59 -1.52 7.38
N HIS A 122 -14.13 -0.37 6.84
CA HIS A 122 -13.15 0.50 7.53
C HIS A 122 -13.83 1.10 8.79
N HIS A 123 -13.63 0.42 9.92
CA HIS A 123 -14.40 0.64 11.15
C HIS A 123 -13.68 1.59 12.12
N HIS A 124 -14.46 2.05 13.11
CA HIS A 124 -13.96 2.84 14.24
C HIS A 124 -13.42 1.86 15.29
N HIS A 125 -12.33 2.24 15.98
CA HIS A 125 -11.78 1.46 17.10
C HIS A 125 -10.76 2.34 17.87
N MET A 1 -2.42 -2.01 -16.32
CA MET A 1 -3.36 -0.87 -16.25
C MET A 1 -2.83 0.16 -15.22
N GLY A 2 -2.29 1.28 -15.74
CA GLY A 2 -1.58 2.27 -14.92
C GLY A 2 -0.28 1.69 -14.39
N LYS A 3 -0.34 1.16 -13.15
CA LYS A 3 0.73 0.37 -12.50
C LYS A 3 0.35 0.11 -11.03
N VAL A 4 0.46 -1.15 -10.60
CA VAL A 4 0.39 -1.52 -9.19
C VAL A 4 1.83 -1.72 -8.69
N VAL A 5 2.22 -1.01 -7.61
CA VAL A 5 3.52 -1.20 -6.96
C VAL A 5 3.31 -1.60 -5.49
N PHE A 6 3.86 -2.77 -5.11
CA PHE A 6 3.90 -3.19 -3.72
C PHE A 6 5.25 -2.78 -3.12
N LEU A 7 5.21 -1.76 -2.29
CA LEU A 7 6.39 -1.22 -1.60
C LEU A 7 6.37 -1.71 -0.14
N SER A 8 7.48 -2.28 0.35
CA SER A 8 7.64 -2.68 1.76
C SER A 8 9.11 -2.55 2.17
N ASP A 9 9.33 -2.42 3.48
CA ASP A 9 10.68 -2.30 4.05
C ASP A 9 11.09 -3.62 4.76
N ASP A 10 10.24 -4.65 4.67
CA ASP A 10 10.54 -6.01 5.21
C ASP A 10 10.59 -7.02 4.05
N GLN A 11 11.71 -7.75 3.95
CA GLN A 11 12.00 -8.67 2.84
C GLN A 11 11.03 -9.87 2.77
N GLU A 12 10.65 -10.41 3.94
CA GLU A 12 9.76 -11.59 4.03
C GLU A 12 8.39 -11.25 3.42
N ILE A 13 7.85 -10.10 3.90
CA ILE A 13 6.63 -9.49 3.36
C ILE A 13 6.68 -9.35 1.82
N ILE A 14 7.79 -8.76 1.31
CA ILE A 14 8.00 -8.51 -0.13
C ILE A 14 7.89 -9.81 -0.94
N GLU A 15 8.59 -10.86 -0.47
CA GLU A 15 8.69 -12.14 -1.20
C GLU A 15 7.37 -12.94 -1.17
N GLU A 16 6.63 -12.85 -0.06
CA GLU A 16 5.31 -13.51 0.10
C GLU A 16 4.29 -12.94 -0.90
N VAL A 17 4.24 -11.60 -0.99
CA VAL A 17 3.29 -10.90 -1.84
C VAL A 17 3.73 -10.93 -3.32
N SER A 18 5.06 -10.94 -3.55
CA SER A 18 5.66 -11.04 -4.90
C SER A 18 5.32 -12.39 -5.54
N LYS A 19 5.47 -13.45 -4.74
CA LYS A 19 5.14 -14.81 -5.13
C LYS A 19 3.62 -14.93 -5.41
N LYS A 20 2.80 -14.36 -4.53
CA LYS A 20 1.33 -14.33 -4.69
C LYS A 20 0.92 -13.61 -6.00
N ALA A 21 1.55 -12.46 -6.26
CA ALA A 21 1.27 -11.62 -7.44
C ALA A 21 1.71 -12.32 -8.74
N GLU A 22 2.78 -13.13 -8.64
CA GLU A 22 3.32 -13.89 -9.77
C GLU A 22 2.38 -15.05 -10.15
N GLU A 23 1.94 -15.80 -9.11
CA GLU A 23 1.03 -16.96 -9.28
C GLU A 23 -0.32 -16.53 -9.89
N GLU A 24 -0.89 -15.44 -9.37
CA GLU A 24 -2.17 -14.90 -9.84
C GLU A 24 -2.02 -14.13 -11.17
N GLY A 25 -0.78 -13.70 -11.47
CA GLY A 25 -0.49 -12.91 -12.67
C GLY A 25 -0.85 -11.43 -12.51
N TYR A 26 -0.98 -10.96 -11.24
CA TYR A 26 -1.18 -9.54 -10.92
C TYR A 26 0.08 -8.73 -11.34
N ASP A 27 -0.09 -7.73 -12.23
CA ASP A 27 1.00 -6.82 -12.63
C ASP A 27 1.37 -5.90 -11.43
N ILE A 28 2.36 -6.35 -10.64
CA ILE A 28 2.83 -5.65 -9.44
C ILE A 28 4.38 -5.59 -9.41
N GLN A 29 4.92 -4.38 -9.25
CA GLN A 29 6.35 -4.15 -9.00
C GLN A 29 6.60 -4.16 -7.48
N THR A 30 7.33 -5.17 -6.99
CA THR A 30 7.68 -5.30 -5.56
C THR A 30 9.09 -4.73 -5.33
N SER A 31 9.22 -3.85 -4.32
CA SER A 31 10.46 -3.06 -4.09
C SER A 31 10.62 -2.72 -2.60
N ASN A 32 11.88 -2.38 -2.23
CA ASN A 32 12.27 -2.04 -0.84
C ASN A 32 12.50 -0.53 -0.68
N ASP A 33 13.26 0.06 -1.63
CA ASP A 33 13.65 1.49 -1.61
C ASP A 33 12.44 2.37 -1.99
N LYS A 34 11.90 3.11 -1.01
CA LYS A 34 10.73 3.98 -1.20
C LYS A 34 11.05 5.22 -2.05
N LYS A 35 12.33 5.60 -2.12
CA LYS A 35 12.77 6.90 -2.72
C LYS A 35 12.59 6.91 -4.25
N GLU A 36 12.86 5.76 -4.87
CA GLU A 36 12.70 5.53 -6.31
C GLU A 36 11.22 5.46 -6.68
N ILE A 37 10.44 4.81 -5.80
CA ILE A 37 8.99 4.66 -5.95
C ILE A 37 8.26 6.03 -5.81
N ILE A 38 8.80 6.86 -4.91
CA ILE A 38 8.40 8.28 -4.71
C ILE A 38 8.56 9.07 -6.01
N ASP A 39 9.69 8.83 -6.71
CA ASP A 39 10.03 9.47 -7.99
C ASP A 39 9.00 9.13 -9.09
N ARG A 40 8.49 7.89 -9.06
CA ARG A 40 7.48 7.41 -10.04
C ARG A 40 6.08 7.98 -9.69
N LEU A 41 5.81 8.16 -8.39
CA LEU A 41 4.56 8.82 -7.91
C LEU A 41 4.50 10.30 -8.38
N LYS A 42 5.68 10.95 -8.44
CA LYS A 42 5.84 12.33 -8.95
C LYS A 42 5.47 12.42 -10.45
N ARG A 43 5.71 11.32 -11.19
CA ARG A 43 5.44 11.23 -12.64
C ARG A 43 3.99 10.82 -12.92
N ARG A 44 3.22 10.49 -11.84
CA ARG A 44 1.85 9.89 -11.93
C ARG A 44 1.90 8.50 -12.59
N ASN A 45 3.11 7.91 -12.58
CA ASN A 45 3.45 6.68 -13.31
C ASN A 45 2.84 5.43 -12.63
N ILE A 46 2.50 5.58 -11.34
CA ILE A 46 1.89 4.52 -10.50
C ILE A 46 0.40 4.84 -10.32
N ASP A 47 -0.48 3.89 -10.69
CA ASP A 47 -1.94 4.04 -10.55
C ASP A 47 -2.37 3.79 -9.09
N MET A 48 -1.78 2.76 -8.49
CA MET A 48 -2.11 2.31 -7.13
C MET A 48 -0.88 1.67 -6.48
N ILE A 49 -0.66 1.97 -5.20
CA ILE A 49 0.52 1.52 -4.45
C ILE A 49 0.10 1.02 -3.06
N ILE A 50 0.77 -0.05 -2.58
CA ILE A 50 0.50 -0.67 -1.27
C ILE A 50 1.81 -0.69 -0.46
N VAL A 51 1.87 0.16 0.59
CA VAL A 51 3.07 0.37 1.42
C VAL A 51 2.91 -0.34 2.77
N LYS A 52 3.85 -1.25 3.08
CA LYS A 52 3.95 -1.93 4.37
C LYS A 52 5.28 -1.52 5.07
N THR A 53 5.14 -0.68 6.10
CA THR A 53 6.23 -0.21 6.95
C THR A 53 5.64 0.36 8.25
N GLU A 54 6.40 0.28 9.34
CA GLU A 54 5.96 0.72 10.67
C GLU A 54 6.35 2.17 10.93
N ASP A 55 7.25 2.73 10.09
CA ASP A 55 7.70 4.12 10.24
C ASP A 55 6.66 5.06 9.59
N LYS A 56 5.91 5.79 10.45
CA LYS A 56 4.81 6.71 10.03
C LYS A 56 5.29 7.83 9.09
N GLU A 57 6.59 8.20 9.17
CA GLU A 57 7.17 9.27 8.33
C GLU A 57 7.47 8.73 6.92
N SER A 58 7.84 7.45 6.84
CA SER A 58 8.09 6.75 5.55
C SER A 58 6.75 6.53 4.82
N ILE A 59 5.72 6.16 5.62
CA ILE A 59 4.31 6.07 5.17
C ILE A 59 3.86 7.43 4.59
N SER A 60 4.08 8.48 5.41
CA SER A 60 3.68 9.86 5.12
C SER A 60 4.22 10.33 3.77
N GLU A 61 5.54 10.07 3.53
CA GLU A 61 6.24 10.47 2.29
C GLU A 61 5.47 10.05 1.02
N ILE A 62 5.11 8.76 0.95
CA ILE A 62 4.37 8.18 -0.17
C ILE A 62 3.02 8.89 -0.33
N ILE A 63 2.29 9.06 0.79
CA ILE A 63 0.96 9.69 0.77
C ILE A 63 1.03 11.15 0.28
N LYS A 64 2.14 11.86 0.61
CA LYS A 64 2.38 13.25 0.15
C LYS A 64 2.48 13.29 -1.38
N GLN A 65 3.21 12.30 -1.95
CA GLN A 65 3.38 12.16 -3.40
C GLN A 65 2.05 11.74 -4.08
N VAL A 66 1.20 11.01 -3.33
CA VAL A 66 -0.13 10.56 -3.79
C VAL A 66 -1.18 11.69 -3.66
N LEU A 67 -0.98 12.64 -2.73
CA LEU A 67 -1.83 13.84 -2.61
C LEU A 67 -1.56 14.77 -3.81
N ASP A 68 -0.28 14.81 -4.22
CA ASP A 68 0.18 15.57 -5.39
C ASP A 68 -0.30 14.93 -6.73
N SER A 69 -0.20 13.59 -6.83
CA SER A 69 -0.54 12.87 -8.09
C SER A 69 -2.05 12.63 -8.21
N GLY A 70 -2.62 11.98 -7.18
CA GLY A 70 -4.03 11.59 -7.14
C GLY A 70 -4.22 10.12 -7.49
N ALA A 71 -3.30 9.28 -6.99
CA ALA A 71 -3.36 7.81 -7.17
C ALA A 71 -4.15 7.15 -6.01
N LYS A 72 -4.31 5.82 -6.06
CA LYS A 72 -4.77 5.02 -4.91
C LYS A 72 -3.56 4.63 -4.06
N VAL A 73 -3.72 4.59 -2.74
CA VAL A 73 -2.67 4.17 -1.81
C VAL A 73 -3.27 3.39 -0.62
N LEU A 74 -2.65 2.25 -0.32
CA LEU A 74 -2.98 1.43 0.84
C LEU A 74 -1.80 1.48 1.81
N ILE A 75 -2.11 1.63 3.09
CA ILE A 75 -1.13 1.64 4.17
C ILE A 75 -1.39 0.46 5.11
N LEU A 76 -0.39 -0.41 5.22
CA LEU A 76 -0.41 -1.59 6.08
C LEU A 76 0.73 -1.45 7.10
N SER A 77 0.38 -1.47 8.38
CA SER A 77 1.36 -1.36 9.48
C SER A 77 0.93 -2.24 10.64
N SER A 78 1.91 -2.79 11.36
CA SER A 78 1.67 -3.62 12.54
C SER A 78 1.08 -2.77 13.68
N ASP A 79 1.59 -1.53 13.76
CA ASP A 79 1.19 -0.56 14.79
C ASP A 79 -0.18 0.03 14.45
N GLU A 80 -1.18 -0.35 15.25
CA GLU A 80 -2.58 0.08 15.11
C GLU A 80 -2.73 1.56 15.47
N ASN A 81 -1.84 2.04 16.37
CA ASN A 81 -1.82 3.46 16.80
C ASN A 81 -1.28 4.34 15.65
N ILE A 82 -0.33 3.79 14.88
CA ILE A 82 0.22 4.47 13.69
C ILE A 82 -0.79 4.43 12.53
N ILE A 83 -1.55 3.31 12.39
CA ILE A 83 -2.68 3.23 11.43
C ILE A 83 -3.70 4.37 11.74
N GLU A 84 -3.99 4.56 13.04
CA GLU A 84 -4.90 5.61 13.53
C GLU A 84 -4.35 7.00 13.17
N SER A 85 -3.01 7.19 13.34
CA SER A 85 -2.32 8.45 13.04
C SER A 85 -2.47 8.82 11.56
N ILE A 86 -2.29 7.82 10.68
CA ILE A 86 -2.35 7.99 9.23
C ILE A 86 -3.81 8.29 8.78
N ARG A 87 -4.79 7.75 9.50
CA ARG A 87 -6.22 7.99 9.23
C ARG A 87 -6.69 9.39 9.68
N LYS A 88 -6.21 9.84 10.86
CA LYS A 88 -6.67 11.11 11.47
C LYS A 88 -6.04 12.31 10.76
N GLN A 89 -4.82 12.12 10.20
CA GLN A 89 -4.17 13.12 9.34
C GLN A 89 -4.82 13.11 7.95
N TYR A 90 -4.83 11.90 7.34
CA TYR A 90 -5.28 11.69 5.96
C TYR A 90 -6.58 10.85 5.96
N PRO A 91 -7.79 11.48 5.77
CA PRO A 91 -9.09 10.74 5.79
C PRO A 91 -9.31 9.82 4.56
N LYS A 92 -8.71 10.20 3.41
CA LYS A 92 -8.95 9.53 2.11
C LYS A 92 -8.20 8.20 1.98
N VAL A 93 -7.03 8.08 2.63
CA VAL A 93 -6.13 6.93 2.46
C VAL A 93 -6.75 5.64 3.04
N GLU A 94 -6.70 4.54 2.27
CA GLU A 94 -7.02 3.21 2.77
C GLU A 94 -5.90 2.72 3.69
N THR A 95 -6.30 2.16 4.82
CA THR A 95 -5.42 1.81 5.94
C THR A 95 -5.97 0.54 6.60
N ARG A 96 -5.08 -0.32 7.09
CA ARG A 96 -5.44 -1.53 7.83
C ARG A 96 -4.23 -2.04 8.60
N ARG A 97 -4.50 -2.63 9.78
CA ARG A 97 -3.48 -3.33 10.55
C ARG A 97 -3.06 -4.60 9.78
N ALA A 98 -1.75 -4.76 9.60
CA ALA A 98 -1.16 -5.96 9.03
C ALA A 98 0.15 -6.20 9.76
N GLN A 99 0.15 -7.21 10.63
CA GLN A 99 1.32 -7.58 11.44
C GLN A 99 2.10 -8.68 10.73
N ASP A 100 1.38 -9.77 10.46
CA ASP A 100 1.93 -10.96 9.82
C ASP A 100 1.75 -10.84 8.30
N LYS A 101 2.61 -11.55 7.55
CA LYS A 101 2.62 -11.55 6.07
C LYS A 101 1.26 -12.00 5.48
N GLU A 102 0.49 -12.83 6.23
CA GLU A 102 -0.84 -13.31 5.78
C GLU A 102 -1.81 -12.11 5.68
N GLU A 103 -1.80 -11.24 6.72
CA GLU A 103 -2.62 -10.02 6.78
C GLU A 103 -2.29 -9.05 5.63
N VAL A 104 -0.99 -9.00 5.27
CA VAL A 104 -0.49 -8.09 4.24
C VAL A 104 -0.98 -8.55 2.84
N LYS A 105 -0.61 -9.79 2.45
CA LYS A 105 -0.89 -10.29 1.09
C LYS A 105 -2.40 -10.48 0.83
N ASP A 106 -3.14 -10.84 1.90
CA ASP A 106 -4.61 -10.82 1.92
C ASP A 106 -5.14 -9.42 1.56
N ALA A 107 -4.62 -8.39 2.26
CA ALA A 107 -5.04 -6.98 2.06
C ALA A 107 -4.62 -6.44 0.69
N VAL A 108 -3.51 -6.98 0.13
CA VAL A 108 -3.06 -6.64 -1.23
C VAL A 108 -4.10 -7.11 -2.26
N GLU A 109 -4.42 -8.41 -2.24
CA GLU A 109 -5.42 -9.03 -3.14
C GLU A 109 -6.80 -8.35 -2.98
N GLU A 110 -7.11 -8.00 -1.71
CA GLU A 110 -8.37 -7.37 -1.32
C GLU A 110 -8.48 -5.96 -1.93
N PHE A 111 -7.34 -5.23 -1.95
CA PHE A 111 -7.26 -3.85 -2.49
C PHE A 111 -7.36 -3.86 -4.02
N LEU A 112 -6.86 -4.96 -4.62
CA LEU A 112 -6.88 -5.17 -6.08
C LEU A 112 -8.32 -5.46 -6.56
N LYS A 113 -9.01 -6.39 -5.86
CA LYS A 113 -10.38 -6.84 -6.22
C LYS A 113 -11.43 -5.76 -5.94
N GLU A 114 -11.26 -5.00 -4.84
CA GLU A 114 -12.17 -3.90 -4.47
C GLU A 114 -11.77 -2.57 -5.14
N GLY A 115 -10.55 -2.51 -5.71
CA GLY A 115 -10.06 -1.33 -6.45
C GLY A 115 -9.37 -0.32 -5.54
N GLY A 116 -10.10 0.12 -4.51
CA GLY A 116 -9.59 1.07 -3.53
C GLY A 116 -10.34 0.98 -2.22
N SER A 117 -10.44 -0.25 -1.66
CA SER A 117 -11.12 -0.54 -0.38
C SER A 117 -10.63 -1.88 0.19
N LEU A 118 -10.79 -2.07 1.52
CA LEU A 118 -10.46 -3.34 2.20
C LEU A 118 -11.64 -3.79 3.07
N GLU A 119 -11.95 -2.94 4.06
CA GLU A 119 -12.99 -3.19 5.06
C GLU A 119 -14.37 -3.31 4.39
N HIS A 120 -14.89 -4.55 4.34
CA HIS A 120 -16.18 -4.87 3.71
C HIS A 120 -17.33 -4.35 4.58
N HIS A 121 -17.62 -3.05 4.41
CA HIS A 121 -18.73 -2.35 5.06
C HIS A 121 -19.58 -1.74 3.94
N HIS A 122 -19.02 -0.72 3.24
CA HIS A 122 -19.65 -0.05 2.07
C HIS A 122 -18.58 0.63 1.19
N HIS A 123 -17.67 1.39 1.84
CA HIS A 123 -16.57 2.11 1.15
C HIS A 123 -15.27 1.96 1.98
N HIS A 124 -15.15 2.76 3.06
CA HIS A 124 -13.92 2.87 3.87
C HIS A 124 -14.23 3.50 5.23
N HIS A 125 -13.46 3.12 6.27
CA HIS A 125 -13.50 3.77 7.59
C HIS A 125 -12.36 4.81 7.64
N MET A 1 -0.47 4.47 -17.31
CA MET A 1 -1.72 3.71 -17.08
C MET A 1 -1.41 2.24 -16.82
N GLY A 2 -1.96 1.71 -15.71
CA GLY A 2 -1.75 0.33 -15.31
C GLY A 2 -0.40 0.14 -14.64
N LYS A 3 -0.34 0.36 -13.32
CA LYS A 3 0.87 0.12 -12.53
C LYS A 3 0.54 0.02 -11.04
N VAL A 4 0.63 -1.21 -10.53
CA VAL A 4 0.61 -1.50 -9.10
C VAL A 4 2.07 -1.59 -8.60
N VAL A 5 2.43 -0.77 -7.63
CA VAL A 5 3.74 -0.83 -6.97
C VAL A 5 3.55 -1.16 -5.49
N PHE A 6 4.13 -2.29 -5.06
CA PHE A 6 4.19 -2.66 -3.64
C PHE A 6 5.54 -2.21 -3.06
N LEU A 7 5.52 -1.13 -2.27
CA LEU A 7 6.69 -0.63 -1.56
C LEU A 7 6.71 -1.20 -0.14
N SER A 8 7.67 -2.05 0.17
CA SER A 8 7.85 -2.63 1.51
C SER A 8 9.32 -2.52 1.92
N ASP A 9 9.57 -2.25 3.19
CA ASP A 9 10.92 -2.12 3.75
C ASP A 9 11.39 -3.47 4.36
N ASP A 10 10.53 -4.52 4.21
CA ASP A 10 10.71 -5.82 4.90
C ASP A 10 10.63 -6.98 3.86
N GLN A 11 11.62 -7.89 3.90
CA GLN A 11 11.73 -9.01 2.92
C GLN A 11 10.60 -10.04 3.07
N GLU A 12 10.32 -10.45 4.34
CA GLU A 12 9.29 -11.47 4.66
C GLU A 12 7.94 -11.14 4.00
N ILE A 13 7.65 -9.84 3.97
CA ILE A 13 6.43 -9.29 3.40
C ILE A 13 6.44 -9.44 1.86
N ILE A 14 7.55 -8.97 1.24
CA ILE A 14 7.71 -8.90 -0.24
C ILE A 14 7.55 -10.29 -0.89
N GLU A 15 8.12 -11.32 -0.24
CA GLU A 15 8.12 -12.71 -0.74
C GLU A 15 6.68 -13.26 -0.85
N GLU A 16 5.90 -13.02 0.22
CA GLU A 16 4.49 -13.46 0.32
C GLU A 16 3.60 -12.77 -0.71
N VAL A 17 3.73 -11.44 -0.80
CA VAL A 17 2.92 -10.60 -1.69
C VAL A 17 3.21 -10.92 -3.17
N SER A 18 4.49 -11.12 -3.49
CA SER A 18 4.94 -11.39 -4.86
C SER A 18 4.54 -12.80 -5.33
N LYS A 19 4.59 -13.79 -4.42
CA LYS A 19 4.22 -15.18 -4.73
C LYS A 19 2.70 -15.32 -4.89
N LYS A 20 1.94 -14.62 -4.04
CA LYS A 20 0.48 -14.52 -4.15
C LYS A 20 0.09 -13.80 -5.45
N ALA A 21 0.81 -12.72 -5.77
CA ALA A 21 0.63 -11.95 -7.01
C ALA A 21 0.91 -12.84 -8.23
N GLU A 22 1.89 -13.74 -8.09
CA GLU A 22 2.26 -14.73 -9.13
C GLU A 22 1.06 -15.66 -9.42
N GLU A 23 0.49 -16.21 -8.34
CA GLU A 23 -0.68 -17.10 -8.42
C GLU A 23 -1.94 -16.40 -8.95
N GLU A 24 -2.08 -15.10 -8.64
CA GLU A 24 -3.29 -14.31 -9.00
C GLU A 24 -3.12 -13.59 -10.37
N GLY A 25 -1.91 -13.65 -10.96
CA GLY A 25 -1.66 -13.04 -12.28
C GLY A 25 -1.44 -11.52 -12.23
N TYR A 26 -1.05 -11.01 -11.05
CA TYR A 26 -0.70 -9.60 -10.83
C TYR A 26 0.80 -9.36 -11.07
N ASP A 27 1.13 -8.53 -12.06
CA ASP A 27 2.50 -8.01 -12.22
C ASP A 27 2.64 -6.77 -11.32
N ILE A 28 3.16 -6.98 -10.09
CA ILE A 28 3.36 -5.89 -9.12
C ILE A 28 4.84 -5.57 -9.01
N GLN A 29 5.21 -4.27 -9.13
CA GLN A 29 6.58 -3.83 -8.89
C GLN A 29 6.81 -3.80 -7.37
N THR A 30 7.57 -4.78 -6.88
CA THR A 30 7.92 -4.89 -5.46
C THR A 30 9.32 -4.30 -5.24
N SER A 31 9.45 -3.39 -4.26
CA SER A 31 10.68 -2.60 -4.07
C SER A 31 10.83 -2.19 -2.59
N ASN A 32 12.10 -1.94 -2.19
CA ASN A 32 12.46 -1.35 -0.89
C ASN A 32 12.87 0.12 -1.08
N ASP A 33 13.10 0.50 -2.36
CA ASP A 33 13.64 1.82 -2.74
C ASP A 33 12.57 2.92 -2.61
N LYS A 34 12.34 3.38 -1.37
CA LYS A 34 11.29 4.36 -1.05
C LYS A 34 11.51 5.68 -1.81
N LYS A 35 12.80 6.04 -2.00
CA LYS A 35 13.20 7.30 -2.65
C LYS A 35 12.80 7.29 -4.13
N GLU A 36 13.00 6.13 -4.80
CA GLU A 36 12.64 5.95 -6.21
C GLU A 36 11.11 6.03 -6.37
N ILE A 37 10.40 5.26 -5.52
CA ILE A 37 8.93 5.10 -5.60
C ILE A 37 8.20 6.45 -5.38
N ILE A 38 8.72 7.27 -4.44
CA ILE A 38 8.26 8.68 -4.23
C ILE A 38 8.37 9.48 -5.55
N ASP A 39 9.50 9.31 -6.24
CA ASP A 39 9.81 10.03 -7.49
C ASP A 39 8.92 9.55 -8.66
N ARG A 40 8.51 8.28 -8.63
CA ARG A 40 7.63 7.69 -9.66
C ARG A 40 6.19 8.17 -9.47
N LEU A 41 5.81 8.47 -8.21
CA LEU A 41 4.54 9.15 -7.88
C LEU A 41 4.56 10.58 -8.47
N LYS A 42 5.73 11.27 -8.36
CA LYS A 42 5.95 12.60 -8.99
C LYS A 42 5.78 12.53 -10.53
N ARG A 43 6.23 11.41 -11.11
CA ARG A 43 6.20 11.19 -12.58
C ARG A 43 4.82 10.72 -13.08
N ARG A 44 3.88 10.40 -12.14
CA ARG A 44 2.56 9.81 -12.46
C ARG A 44 2.69 8.39 -13.05
N ASN A 45 3.86 7.78 -12.85
CA ASN A 45 4.19 6.42 -13.37
C ASN A 45 3.42 5.32 -12.61
N ILE A 46 2.98 5.62 -11.39
CA ILE A 46 2.25 4.67 -10.52
C ILE A 46 0.75 5.03 -10.51
N ASP A 47 -0.12 4.05 -10.83
CA ASP A 47 -1.59 4.21 -10.75
C ASP A 47 -2.07 3.97 -9.32
N MET A 48 -1.57 2.87 -8.73
CA MET A 48 -1.98 2.42 -7.39
C MET A 48 -0.77 1.81 -6.68
N ILE A 49 -0.66 2.09 -5.38
CA ILE A 49 0.53 1.77 -4.56
C ILE A 49 0.08 1.24 -3.19
N ILE A 50 0.79 0.23 -2.69
CA ILE A 50 0.53 -0.38 -1.39
C ILE A 50 1.85 -0.41 -0.60
N VAL A 51 1.89 0.30 0.54
CA VAL A 51 3.12 0.46 1.35
C VAL A 51 3.01 -0.34 2.66
N LYS A 52 3.99 -1.23 2.92
CA LYS A 52 4.11 -1.95 4.20
C LYS A 52 5.43 -1.55 4.89
N THR A 53 5.31 -0.76 5.96
CA THR A 53 6.44 -0.37 6.82
C THR A 53 5.85 0.22 8.13
N GLU A 54 6.63 0.11 9.23
CA GLU A 54 6.23 0.67 10.53
C GLU A 54 6.81 2.09 10.72
N ASP A 55 7.50 2.61 9.71
CA ASP A 55 8.05 3.97 9.74
C ASP A 55 6.96 4.95 9.25
N LYS A 56 6.15 5.44 10.20
CA LYS A 56 4.96 6.28 9.94
C LYS A 56 5.34 7.62 9.25
N GLU A 57 6.58 8.08 9.50
CA GLU A 57 7.10 9.32 8.89
C GLU A 57 7.24 9.17 7.37
N SER A 58 7.88 8.06 6.95
CA SER A 58 8.14 7.78 5.52
C SER A 58 6.82 7.52 4.79
N ILE A 59 5.89 6.78 5.47
CA ILE A 59 4.54 6.50 4.96
C ILE A 59 3.83 7.81 4.55
N SER A 60 3.82 8.77 5.49
CA SER A 60 3.13 10.05 5.32
C SER A 60 3.69 10.85 4.11
N GLU A 61 4.99 10.66 3.80
CA GLU A 61 5.63 11.33 2.65
C GLU A 61 5.12 10.74 1.32
N ILE A 62 5.02 9.39 1.27
CA ILE A 62 4.43 8.67 0.11
C ILE A 62 3.00 9.20 -0.14
N ILE A 63 2.18 9.29 0.94
CA ILE A 63 0.77 9.70 0.85
C ILE A 63 0.64 11.13 0.30
N LYS A 64 1.54 12.04 0.72
CA LYS A 64 1.62 13.42 0.17
C LYS A 64 1.78 13.39 -1.35
N GLN A 65 2.68 12.50 -1.80
CA GLN A 65 2.95 12.31 -3.24
C GLN A 65 1.81 11.57 -3.97
N VAL A 66 1.02 10.76 -3.23
CA VAL A 66 -0.18 10.09 -3.79
C VAL A 66 -1.34 11.10 -3.94
N LEU A 67 -1.43 12.07 -3.03
CA LEU A 67 -2.44 13.14 -3.10
C LEU A 67 -2.09 14.09 -4.25
N ASP A 68 -0.78 14.35 -4.41
CA ASP A 68 -0.21 15.19 -5.48
C ASP A 68 -0.45 14.56 -6.87
N SER A 69 -0.30 13.22 -6.95
CA SER A 69 -0.49 12.47 -8.19
C SER A 69 -1.98 12.17 -8.46
N GLY A 70 -2.73 11.99 -7.37
CA GLY A 70 -4.12 11.51 -7.43
C GLY A 70 -4.19 10.02 -7.70
N ALA A 71 -3.26 9.27 -7.10
CA ALA A 71 -3.19 7.80 -7.19
C ALA A 71 -4.06 7.13 -6.11
N LYS A 72 -4.17 5.80 -6.17
CA LYS A 72 -4.87 4.98 -5.16
C LYS A 72 -3.82 4.40 -4.20
N VAL A 73 -4.05 4.48 -2.88
CA VAL A 73 -3.05 4.05 -1.88
C VAL A 73 -3.66 3.18 -0.76
N LEU A 74 -2.93 2.12 -0.41
CA LEU A 74 -3.21 1.25 0.74
C LEU A 74 -2.00 1.29 1.67
N ILE A 75 -2.22 1.62 2.95
CA ILE A 75 -1.17 1.64 3.96
C ILE A 75 -1.36 0.49 4.94
N LEU A 76 -0.30 -0.30 5.12
CA LEU A 76 -0.28 -1.47 5.98
C LEU A 76 0.90 -1.32 6.95
N SER A 77 0.66 -1.57 8.25
CA SER A 77 1.73 -1.58 9.27
C SER A 77 1.35 -2.55 10.39
N SER A 78 2.37 -3.03 11.12
CA SER A 78 2.22 -4.03 12.19
C SER A 78 1.79 -3.40 13.53
N ASP A 79 1.34 -2.12 13.50
CA ASP A 79 0.91 -1.39 14.71
C ASP A 79 -0.35 -0.56 14.40
N GLU A 80 -1.36 -0.74 15.28
CA GLU A 80 -2.68 -0.12 15.16
C GLU A 80 -2.63 1.42 15.31
N ASN A 81 -1.70 1.95 16.14
CA ASN A 81 -1.60 3.40 16.42
C ASN A 81 -0.99 4.13 15.21
N ILE A 82 -0.10 3.43 14.47
CA ILE A 82 0.47 3.92 13.20
C ILE A 82 -0.64 4.02 12.15
N ILE A 83 -1.45 2.94 12.03
CA ILE A 83 -2.64 2.93 11.16
C ILE A 83 -3.60 4.10 11.50
N GLU A 84 -3.77 4.35 12.82
CA GLU A 84 -4.62 5.44 13.32
C GLU A 84 -4.06 6.82 12.93
N SER A 85 -2.75 7.05 13.17
CA SER A 85 -2.11 8.35 12.87
C SER A 85 -2.19 8.69 11.39
N ILE A 86 -2.03 7.65 10.55
CA ILE A 86 -2.14 7.77 9.10
C ILE A 86 -3.60 8.12 8.68
N ARG A 87 -4.58 7.54 9.40
CA ARG A 87 -6.01 7.80 9.11
C ARG A 87 -6.52 9.14 9.68
N LYS A 88 -5.90 9.68 10.76
CA LYS A 88 -6.37 10.96 11.36
C LYS A 88 -5.62 12.17 10.80
N GLN A 89 -4.43 11.93 10.22
CA GLN A 89 -3.77 12.91 9.33
C GLN A 89 -4.54 12.98 8.00
N TYR A 90 -4.74 11.80 7.39
CA TYR A 90 -5.37 11.65 6.07
C TYR A 90 -6.64 10.77 6.23
N PRO A 91 -7.86 11.37 6.38
CA PRO A 91 -9.11 10.58 6.63
C PRO A 91 -9.57 9.73 5.43
N LYS A 92 -9.05 10.04 4.23
CA LYS A 92 -9.48 9.40 2.98
C LYS A 92 -8.51 8.31 2.50
N VAL A 93 -7.46 8.00 3.28
CA VAL A 93 -6.51 6.90 2.93
C VAL A 93 -7.12 5.54 3.31
N GLU A 94 -6.94 4.52 2.45
CA GLU A 94 -7.33 3.14 2.79
C GLU A 94 -6.17 2.48 3.53
N THR A 95 -6.46 1.86 4.67
CA THR A 95 -5.44 1.20 5.51
C THR A 95 -5.97 -0.16 6.01
N ARG A 96 -5.06 -0.93 6.59
CA ARG A 96 -5.38 -2.12 7.40
C ARG A 96 -4.17 -2.43 8.29
N ARG A 97 -4.42 -2.69 9.57
CA ARG A 97 -3.40 -3.21 10.47
C ARG A 97 -3.07 -4.65 10.05
N ALA A 98 -1.79 -4.88 9.76
CA ALA A 98 -1.30 -6.15 9.26
C ALA A 98 0.04 -6.43 9.92
N GLN A 99 0.03 -7.33 10.91
CA GLN A 99 1.20 -7.65 11.72
C GLN A 99 2.05 -8.70 11.00
N ASP A 100 1.39 -9.78 10.57
CA ASP A 100 2.05 -10.88 9.87
C ASP A 100 1.95 -10.66 8.35
N LYS A 101 2.93 -11.20 7.65
CA LYS A 101 3.10 -11.12 6.18
C LYS A 101 1.90 -11.70 5.40
N GLU A 102 1.17 -12.66 6.02
CA GLU A 102 -0.04 -13.26 5.42
C GLU A 102 -1.17 -12.21 5.34
N GLU A 103 -1.37 -11.44 6.42
CA GLU A 103 -2.41 -10.39 6.49
C GLU A 103 -2.16 -9.30 5.44
N VAL A 104 -0.87 -9.03 5.18
CA VAL A 104 -0.42 -8.04 4.20
C VAL A 104 -0.81 -8.48 2.78
N LYS A 105 -0.39 -9.71 2.39
CA LYS A 105 -0.58 -10.22 1.02
C LYS A 105 -2.08 -10.32 0.67
N ASP A 106 -2.92 -10.71 1.66
CA ASP A 106 -4.39 -10.76 1.50
C ASP A 106 -4.99 -9.36 1.30
N ALA A 107 -4.49 -8.37 2.09
CA ALA A 107 -4.95 -6.96 2.00
C ALA A 107 -4.61 -6.36 0.62
N VAL A 108 -3.46 -6.79 0.07
CA VAL A 108 -3.01 -6.41 -1.28
C VAL A 108 -4.03 -6.90 -2.32
N GLU A 109 -4.30 -8.23 -2.32
CA GLU A 109 -5.24 -8.86 -3.28
C GLU A 109 -6.64 -8.24 -3.17
N GLU A 110 -7.03 -7.88 -1.94
CA GLU A 110 -8.33 -7.28 -1.64
C GLU A 110 -8.46 -5.92 -2.36
N PHE A 111 -7.41 -5.09 -2.22
CA PHE A 111 -7.33 -3.72 -2.78
C PHE A 111 -7.34 -3.78 -4.34
N LEU A 112 -6.74 -4.85 -4.88
CA LEU A 112 -6.62 -5.06 -6.33
C LEU A 112 -7.93 -5.56 -6.97
N LYS A 113 -8.62 -6.50 -6.31
CA LYS A 113 -9.90 -7.09 -6.83
C LYS A 113 -11.08 -6.14 -6.62
N GLU A 114 -10.95 -5.22 -5.65
CA GLU A 114 -11.90 -4.12 -5.50
C GLU A 114 -11.54 -2.96 -6.44
N GLY A 115 -10.27 -2.95 -6.91
CA GLY A 115 -9.78 -1.96 -7.88
C GLY A 115 -9.71 -0.56 -7.29
N GLY A 116 -9.26 -0.49 -6.04
CA GLY A 116 -9.22 0.73 -5.27
C GLY A 116 -9.62 0.44 -3.84
N SER A 117 -10.60 1.20 -3.32
CA SER A 117 -11.01 1.17 -1.91
C SER A 117 -11.37 -0.25 -1.39
N LEU A 118 -10.89 -0.57 -0.18
CA LEU A 118 -11.26 -1.81 0.54
C LEU A 118 -12.76 -1.76 0.84
N GLU A 119 -13.17 -0.70 1.55
CA GLU A 119 -14.58 -0.32 1.70
C GLU A 119 -14.84 0.88 0.78
N HIS A 120 -15.61 0.65 -0.29
CA HIS A 120 -16.01 1.70 -1.24
C HIS A 120 -16.93 2.71 -0.54
N HIS A 121 -17.68 2.21 0.45
CA HIS A 121 -18.35 3.05 1.46
C HIS A 121 -17.55 2.89 2.79
N HIS A 122 -16.49 3.70 2.92
CA HIS A 122 -15.58 3.69 4.08
C HIS A 122 -16.31 4.21 5.33
N HIS A 123 -17.01 3.28 6.01
CA HIS A 123 -17.79 3.55 7.22
C HIS A 123 -17.98 2.21 7.96
N HIS A 124 -17.44 2.12 9.18
CA HIS A 124 -17.46 0.89 9.99
C HIS A 124 -17.46 1.27 11.48
N HIS A 125 -18.49 0.81 12.21
CA HIS A 125 -18.61 1.05 13.66
C HIS A 125 -17.87 -0.10 14.41
N MET A 1 -3.28 3.37 -15.75
CA MET A 1 -3.90 2.21 -16.45
C MET A 1 -4.10 1.00 -15.49
N GLY A 2 -3.64 1.15 -14.23
CA GLY A 2 -3.74 0.09 -13.22
C GLY A 2 -2.37 -0.45 -12.82
N LYS A 3 -1.31 0.38 -12.97
CA LYS A 3 0.06 0.01 -12.56
C LYS A 3 0.15 -0.11 -11.03
N VAL A 4 0.21 -1.36 -10.55
CA VAL A 4 0.32 -1.69 -9.12
C VAL A 4 1.79 -1.85 -8.75
N VAL A 5 2.23 -1.12 -7.73
CA VAL A 5 3.59 -1.20 -7.18
C VAL A 5 3.50 -1.40 -5.67
N PHE A 6 4.06 -2.51 -5.18
CA PHE A 6 4.16 -2.79 -3.75
C PHE A 6 5.54 -2.33 -3.24
N LEU A 7 5.50 -1.51 -2.20
CA LEU A 7 6.68 -1.05 -1.47
C LEU A 7 6.61 -1.64 -0.06
N SER A 8 7.74 -2.16 0.46
CA SER A 8 7.83 -2.64 1.84
C SER A 8 9.26 -2.48 2.35
N ASP A 9 9.39 -2.38 3.68
CA ASP A 9 10.68 -2.29 4.37
C ASP A 9 11.16 -3.72 4.72
N ASP A 10 10.20 -4.62 4.96
CA ASP A 10 10.48 -6.02 5.34
C ASP A 10 10.64 -6.88 4.08
N GLN A 11 11.79 -7.57 3.98
CA GLN A 11 12.05 -8.52 2.88
C GLN A 11 11.05 -9.70 2.93
N GLU A 12 10.74 -10.16 4.18
CA GLU A 12 9.82 -11.30 4.43
C GLU A 12 8.45 -11.08 3.76
N ILE A 13 8.02 -9.80 3.85
CA ILE A 13 6.73 -9.37 3.31
C ILE A 13 6.79 -9.27 1.77
N ILE A 14 7.90 -8.68 1.25
CA ILE A 14 8.11 -8.47 -0.21
C ILE A 14 7.97 -9.80 -0.98
N GLU A 15 8.58 -10.85 -0.42
CA GLU A 15 8.58 -12.21 -0.99
C GLU A 15 7.18 -12.82 -1.06
N GLU A 16 6.43 -12.70 0.05
CA GLU A 16 5.09 -13.28 0.20
C GLU A 16 4.03 -12.56 -0.66
N VAL A 17 4.13 -11.23 -0.78
CA VAL A 17 3.23 -10.45 -1.64
C VAL A 17 3.54 -10.71 -3.11
N SER A 18 4.84 -10.84 -3.43
CA SER A 18 5.30 -11.17 -4.80
C SER A 18 4.85 -12.60 -5.20
N LYS A 19 4.82 -13.50 -4.20
CA LYS A 19 4.35 -14.89 -4.37
C LYS A 19 2.84 -14.88 -4.69
N LYS A 20 2.04 -14.29 -3.78
CA LYS A 20 0.56 -14.23 -3.89
C LYS A 20 0.12 -13.56 -5.20
N ALA A 21 0.80 -12.46 -5.53
CA ALA A 21 0.56 -11.70 -6.77
C ALA A 21 0.76 -12.59 -8.00
N GLU A 22 1.93 -13.22 -8.08
CA GLU A 22 2.34 -14.04 -9.25
C GLU A 22 1.44 -15.27 -9.42
N GLU A 23 1.01 -15.87 -8.30
CA GLU A 23 0.02 -16.97 -8.30
C GLU A 23 -1.31 -16.53 -8.94
N GLU A 24 -1.76 -15.31 -8.59
CA GLU A 24 -3.05 -14.76 -9.07
C GLU A 24 -2.89 -13.93 -10.38
N GLY A 25 -1.65 -13.84 -10.92
CA GLY A 25 -1.39 -13.17 -12.21
C GLY A 25 -1.44 -11.64 -12.13
N TYR A 26 -1.12 -11.09 -10.95
CA TYR A 26 -1.05 -9.64 -10.70
C TYR A 26 0.37 -9.09 -10.99
N ASP A 27 0.49 -8.24 -12.01
CA ASP A 27 1.73 -7.51 -12.30
C ASP A 27 1.93 -6.43 -11.21
N ILE A 28 2.72 -6.76 -10.17
CA ILE A 28 3.00 -5.85 -9.05
C ILE A 28 4.52 -5.69 -8.89
N GLN A 29 5.02 -4.46 -9.09
CA GLN A 29 6.44 -4.16 -8.91
C GLN A 29 6.76 -4.06 -7.42
N THR A 30 7.53 -5.01 -6.93
CA THR A 30 7.92 -5.09 -5.52
C THR A 30 9.31 -4.45 -5.33
N SER A 31 9.43 -3.55 -4.35
CA SER A 31 10.63 -2.74 -4.12
C SER A 31 10.82 -2.44 -2.62
N ASN A 32 12.06 -2.08 -2.25
CA ASN A 32 12.46 -1.70 -0.89
C ASN A 32 12.91 -0.22 -0.87
N ASP A 33 13.36 0.31 -2.04
CA ASP A 33 13.89 1.69 -2.15
C ASP A 33 12.72 2.70 -2.27
N LYS A 34 12.28 3.20 -1.10
CA LYS A 34 11.10 4.08 -0.97
C LYS A 34 11.30 5.44 -1.68
N LYS A 35 12.55 5.94 -1.68
CA LYS A 35 12.89 7.27 -2.25
C LYS A 35 12.83 7.25 -3.80
N GLU A 36 13.11 6.07 -4.40
CA GLU A 36 12.86 5.84 -5.85
C GLU A 36 11.37 5.97 -6.13
N ILE A 37 10.57 5.28 -5.30
CA ILE A 37 9.12 5.15 -5.48
C ILE A 37 8.42 6.54 -5.41
N ILE A 38 8.88 7.41 -4.49
CA ILE A 38 8.41 8.81 -4.36
C ILE A 38 8.64 9.59 -5.69
N ASP A 39 9.85 9.40 -6.25
CA ASP A 39 10.26 10.01 -7.54
C ASP A 39 9.37 9.51 -8.71
N ARG A 40 8.98 8.23 -8.66
CA ARG A 40 8.13 7.60 -9.72
C ARG A 40 6.66 8.07 -9.59
N LEU A 41 6.23 8.35 -8.36
CA LEU A 41 4.90 8.94 -8.08
C LEU A 41 4.82 10.37 -8.67
N LYS A 42 5.95 11.10 -8.64
CA LYS A 42 6.10 12.43 -9.31
C LYS A 42 5.93 12.31 -10.85
N ARG A 43 6.39 11.18 -11.41
CA ARG A 43 6.36 10.91 -12.86
C ARG A 43 5.01 10.33 -13.34
N ARG A 44 4.05 10.12 -12.38
CA ARG A 44 2.73 9.51 -12.66
C ARG A 44 2.89 8.05 -13.15
N ASN A 45 4.06 7.47 -12.82
CA ASN A 45 4.51 6.16 -13.29
C ASN A 45 3.76 5.02 -12.59
N ILE A 46 3.19 5.33 -11.41
CA ILE A 46 2.43 4.40 -10.57
C ILE A 46 0.97 4.87 -10.45
N ASP A 47 0.03 3.95 -10.75
CA ASP A 47 -1.43 4.23 -10.73
C ASP A 47 -2.02 3.96 -9.34
N MET A 48 -1.48 2.91 -8.70
CA MET A 48 -1.89 2.47 -7.37
C MET A 48 -0.71 1.81 -6.66
N ILE A 49 -0.53 2.13 -5.37
CA ILE A 49 0.62 1.72 -4.57
C ILE A 49 0.16 1.21 -3.21
N ILE A 50 0.84 0.19 -2.67
CA ILE A 50 0.56 -0.38 -1.34
C ILE A 50 1.88 -0.47 -0.56
N VAL A 51 1.93 0.15 0.63
CA VAL A 51 3.19 0.31 1.41
C VAL A 51 3.05 -0.40 2.77
N LYS A 52 3.93 -1.39 3.01
CA LYS A 52 4.07 -2.07 4.31
C LYS A 52 5.34 -1.54 5.02
N THR A 53 5.13 -0.73 6.06
CA THR A 53 6.20 -0.17 6.90
C THR A 53 5.57 0.46 8.17
N GLU A 54 6.32 0.45 9.29
CA GLU A 54 5.91 1.10 10.55
C GLU A 54 6.59 2.49 10.68
N ASP A 55 7.40 2.85 9.67
CA ASP A 55 8.01 4.18 9.57
C ASP A 55 6.92 5.17 9.14
N LYS A 56 6.30 5.84 10.14
CA LYS A 56 5.21 6.83 9.96
C LYS A 56 5.61 7.98 9.01
N GLU A 57 6.89 8.35 9.06
CA GLU A 57 7.46 9.46 8.28
C GLU A 57 7.63 9.06 6.79
N SER A 58 7.93 7.78 6.53
CA SER A 58 7.96 7.22 5.16
C SER A 58 6.54 7.20 4.59
N ILE A 59 5.61 6.61 5.37
CA ILE A 59 4.17 6.51 5.05
C ILE A 59 3.62 7.90 4.64
N SER A 60 3.98 8.89 5.48
CA SER A 60 3.60 10.30 5.31
C SER A 60 3.93 10.84 3.90
N GLU A 61 5.20 10.67 3.48
CA GLU A 61 5.72 11.21 2.21
C GLU A 61 5.04 10.57 0.99
N ILE A 62 4.89 9.23 1.02
CA ILE A 62 4.23 8.47 -0.06
C ILE A 62 2.77 8.98 -0.25
N ILE A 63 2.00 9.09 0.86
CA ILE A 63 0.59 9.55 0.81
C ILE A 63 0.48 10.97 0.24
N LYS A 64 1.41 11.87 0.64
CA LYS A 64 1.49 13.26 0.11
C LYS A 64 1.62 13.26 -1.42
N GLN A 65 2.46 12.34 -1.93
CA GLN A 65 2.67 12.15 -3.38
C GLN A 65 1.41 11.57 -4.06
N VAL A 66 0.67 10.71 -3.34
CA VAL A 66 -0.58 10.10 -3.85
C VAL A 66 -1.75 11.09 -3.82
N LEU A 67 -1.72 12.06 -2.88
CA LEU A 67 -2.72 13.14 -2.80
C LEU A 67 -2.49 14.11 -3.98
N ASP A 68 -1.19 14.37 -4.24
CA ASP A 68 -0.74 15.21 -5.36
C ASP A 68 -1.12 14.58 -6.73
N SER A 69 -0.93 13.25 -6.84
CA SER A 69 -1.14 12.51 -8.10
C SER A 69 -2.61 12.07 -8.28
N GLY A 70 -3.36 11.99 -7.16
CA GLY A 70 -4.73 11.49 -7.16
C GLY A 70 -4.81 9.99 -7.44
N ALA A 71 -3.77 9.25 -6.98
CA ALA A 71 -3.66 7.78 -7.18
C ALA A 71 -4.41 7.01 -6.08
N LYS A 72 -4.36 5.66 -6.13
CA LYS A 72 -4.88 4.79 -5.03
C LYS A 72 -3.71 4.38 -4.13
N VAL A 73 -3.94 4.33 -2.81
CA VAL A 73 -2.91 3.90 -1.83
C VAL A 73 -3.54 3.09 -0.69
N LEU A 74 -2.86 1.99 -0.31
CA LEU A 74 -3.20 1.19 0.85
C LEU A 74 -1.99 1.15 1.79
N ILE A 75 -2.15 1.72 2.99
CA ILE A 75 -1.12 1.70 4.04
C ILE A 75 -1.35 0.50 4.96
N LEU A 76 -0.31 -0.34 5.06
CA LEU A 76 -0.29 -1.53 5.91
C LEU A 76 0.83 -1.35 6.93
N SER A 77 0.48 -1.37 8.22
CA SER A 77 1.46 -1.26 9.32
C SER A 77 1.07 -2.27 10.39
N SER A 78 2.08 -2.91 11.00
CA SER A 78 1.88 -3.93 12.03
C SER A 78 1.29 -3.30 13.30
N ASP A 79 1.76 -2.08 13.61
CA ASP A 79 1.29 -1.33 14.76
C ASP A 79 -0.02 -0.58 14.38
N GLU A 80 -1.10 -0.93 15.11
CA GLU A 80 -2.46 -0.40 14.85
C GLU A 80 -2.58 1.07 15.28
N ASN A 81 -1.73 1.53 16.21
CA ASN A 81 -1.74 2.92 16.71
C ASN A 81 -1.17 3.84 15.62
N ILE A 82 -0.21 3.30 14.84
CA ILE A 82 0.35 3.96 13.65
C ILE A 82 -0.75 4.09 12.59
N ILE A 83 -1.46 2.96 12.29
CA ILE A 83 -2.60 2.98 11.34
C ILE A 83 -3.64 4.06 11.70
N GLU A 84 -3.96 4.15 13.00
CA GLU A 84 -4.96 5.11 13.53
C GLU A 84 -4.45 6.58 13.44
N SER A 85 -3.12 6.75 13.64
CA SER A 85 -2.45 8.06 13.50
C SER A 85 -2.44 8.50 12.01
N ILE A 86 -2.27 7.53 11.11
CA ILE A 86 -2.28 7.77 9.65
C ILE A 86 -3.71 8.13 9.19
N ARG A 87 -4.74 7.62 9.92
CA ARG A 87 -6.14 7.97 9.64
C ARG A 87 -6.47 9.42 10.06
N LYS A 88 -5.99 9.86 11.24
CA LYS A 88 -6.28 11.23 11.74
C LYS A 88 -5.57 12.29 10.88
N GLN A 89 -4.32 12.00 10.47
CA GLN A 89 -3.53 12.88 9.58
C GLN A 89 -4.06 12.85 8.14
N TYR A 90 -4.48 11.65 7.68
CA TYR A 90 -4.93 11.43 6.29
C TYR A 90 -6.21 10.56 6.30
N PRO A 91 -7.42 11.17 6.26
CA PRO A 91 -8.70 10.41 6.16
C PRO A 91 -8.93 9.79 4.75
N LYS A 92 -8.28 10.37 3.73
CA LYS A 92 -8.42 9.97 2.31
C LYS A 92 -7.83 8.57 2.02
N VAL A 93 -6.77 8.20 2.75
CA VAL A 93 -6.02 6.96 2.48
C VAL A 93 -6.76 5.71 3.04
N GLU A 94 -6.76 4.62 2.23
CA GLU A 94 -7.15 3.29 2.71
C GLU A 94 -6.04 2.75 3.61
N THR A 95 -6.37 2.55 4.89
CA THR A 95 -5.43 2.02 5.90
C THR A 95 -5.97 0.68 6.43
N ARG A 96 -5.06 -0.18 6.89
CA ARG A 96 -5.40 -1.50 7.43
C ARG A 96 -4.21 -2.03 8.26
N ARG A 97 -4.51 -2.58 9.45
CA ARG A 97 -3.51 -3.27 10.27
C ARG A 97 -3.10 -4.58 9.56
N ALA A 98 -1.79 -4.76 9.36
CA ALA A 98 -1.23 -5.97 8.75
C ALA A 98 0.10 -6.27 9.43
N GLN A 99 0.09 -7.30 10.28
CA GLN A 99 1.26 -7.69 11.11
C GLN A 99 1.99 -8.86 10.44
N ASP A 100 1.22 -9.89 10.13
CA ASP A 100 1.73 -11.13 9.52
C ASP A 100 1.71 -10.98 8.00
N LYS A 101 2.64 -11.70 7.36
CA LYS A 101 2.82 -11.76 5.89
C LYS A 101 1.51 -12.08 5.13
N GLU A 102 0.64 -12.90 5.77
CA GLU A 102 -0.64 -13.32 5.17
C GLU A 102 -1.62 -12.13 5.09
N GLU A 103 -1.68 -11.34 6.17
CA GLU A 103 -2.56 -10.18 6.27
C GLU A 103 -2.20 -9.12 5.22
N VAL A 104 -0.90 -8.99 4.93
CA VAL A 104 -0.40 -8.00 3.97
C VAL A 104 -0.76 -8.42 2.53
N LYS A 105 -0.32 -9.62 2.12
CA LYS A 105 -0.45 -10.09 0.72
C LYS A 105 -1.92 -10.27 0.30
N ASP A 106 -2.77 -10.67 1.25
CA ASP A 106 -4.23 -10.78 1.04
C ASP A 106 -4.88 -9.39 0.98
N ALA A 107 -4.41 -8.44 1.80
CA ALA A 107 -4.91 -7.05 1.80
C ALA A 107 -4.65 -6.39 0.44
N VAL A 108 -3.48 -6.73 -0.14
CA VAL A 108 -3.09 -6.30 -1.48
C VAL A 108 -4.10 -6.82 -2.52
N GLU A 109 -4.37 -8.14 -2.44
CA GLU A 109 -5.28 -8.85 -3.34
C GLU A 109 -6.72 -8.28 -3.28
N GLU A 110 -7.17 -7.92 -2.07
CA GLU A 110 -8.52 -7.37 -1.83
C GLU A 110 -8.65 -5.94 -2.37
N PHE A 111 -7.54 -5.20 -2.25
CA PHE A 111 -7.43 -3.83 -2.77
C PHE A 111 -7.49 -3.85 -4.31
N LEU A 112 -7.08 -4.99 -4.89
CA LEU A 112 -7.16 -5.27 -6.33
C LEU A 112 -8.57 -5.78 -6.75
N LYS A 113 -9.23 -6.58 -5.87
CA LYS A 113 -10.59 -7.11 -6.13
C LYS A 113 -11.62 -5.98 -6.29
N GLU A 114 -11.57 -4.99 -5.38
CA GLU A 114 -12.48 -3.83 -5.39
C GLU A 114 -11.89 -2.70 -6.25
N GLY A 115 -10.55 -2.72 -6.44
CA GLY A 115 -9.83 -1.76 -7.29
C GLY A 115 -9.81 -0.34 -6.73
N GLY A 116 -9.30 -0.20 -5.50
CA GLY A 116 -9.22 1.12 -4.82
C GLY A 116 -9.81 1.10 -3.42
N SER A 117 -10.40 -0.03 -3.03
CA SER A 117 -10.93 -0.28 -1.67
C SER A 117 -10.67 -1.74 -1.27
N LEU A 118 -10.86 -2.04 0.02
CA LEU A 118 -10.81 -3.41 0.56
C LEU A 118 -12.24 -3.98 0.62
N GLU A 119 -12.38 -5.31 0.83
CA GLU A 119 -13.69 -5.98 0.99
C GLU A 119 -14.47 -5.39 2.19
N HIS A 120 -13.80 -5.35 3.35
CA HIS A 120 -14.25 -4.53 4.50
C HIS A 120 -13.92 -3.06 4.21
N HIS A 121 -14.71 -2.14 4.80
CA HIS A 121 -14.85 -0.74 4.34
C HIS A 121 -15.71 -0.74 3.07
N HIS A 122 -16.75 -1.61 3.10
CA HIS A 122 -17.65 -1.88 1.98
C HIS A 122 -18.40 -0.61 1.53
N HIS A 123 -17.99 -0.10 0.35
CA HIS A 123 -18.56 1.12 -0.28
C HIS A 123 -18.54 2.31 0.70
N HIS A 124 -17.38 2.49 1.38
CA HIS A 124 -17.19 3.59 2.38
C HIS A 124 -17.09 4.97 1.70
N HIS A 125 -16.94 4.95 0.37
CA HIS A 125 -17.08 6.13 -0.50
C HIS A 125 -18.07 5.75 -1.62
N MET A 1 -4.21 3.00 -17.16
CA MET A 1 -3.97 3.04 -15.70
C MET A 1 -4.13 1.62 -15.10
N GLY A 2 -4.21 1.55 -13.76
CA GLY A 2 -4.26 0.27 -13.03
C GLY A 2 -2.87 -0.21 -12.62
N LYS A 3 -1.84 0.67 -12.76
CA LYS A 3 -0.44 0.33 -12.46
C LYS A 3 -0.24 0.13 -10.95
N VAL A 4 -0.11 -1.16 -10.56
CA VAL A 4 0.08 -1.57 -9.17
C VAL A 4 1.59 -1.61 -8.87
N VAL A 5 2.00 -0.90 -7.81
CA VAL A 5 3.37 -0.94 -7.29
C VAL A 5 3.32 -1.18 -5.77
N PHE A 6 3.91 -2.29 -5.32
CA PHE A 6 4.07 -2.60 -3.89
C PHE A 6 5.45 -2.12 -3.41
N LEU A 7 5.49 -1.67 -2.16
CA LEU A 7 6.70 -1.16 -1.51
C LEU A 7 6.77 -1.73 -0.09
N SER A 8 7.97 -2.19 0.32
CA SER A 8 8.26 -2.54 1.73
C SER A 8 9.78 -2.52 1.95
N ASP A 9 10.20 -2.40 3.21
CA ASP A 9 11.61 -2.42 3.62
C ASP A 9 12.06 -3.84 3.99
N ASP A 10 11.08 -4.73 4.25
CA ASP A 10 11.33 -6.11 4.70
C ASP A 10 11.04 -7.09 3.55
N GLN A 11 11.99 -8.01 3.28
CA GLN A 11 11.91 -8.92 2.12
C GLN A 11 10.93 -10.10 2.35
N GLU A 12 10.76 -10.55 3.61
CA GLU A 12 9.76 -11.62 3.97
C GLU A 12 8.36 -11.18 3.55
N ILE A 13 8.12 -9.86 3.62
CA ILE A 13 6.87 -9.24 3.22
C ILE A 13 6.73 -9.28 1.68
N ILE A 14 7.81 -8.84 0.99
CA ILE A 14 7.81 -8.64 -0.48
C ILE A 14 7.65 -9.97 -1.23
N GLU A 15 8.31 -11.03 -0.73
CA GLU A 15 8.28 -12.38 -1.36
C GLU A 15 6.88 -12.99 -1.29
N GLU A 16 6.17 -12.74 -0.17
CA GLU A 16 4.80 -13.22 0.03
C GLU A 16 3.80 -12.49 -0.87
N VAL A 17 3.99 -11.16 -1.03
CA VAL A 17 3.15 -10.35 -1.93
C VAL A 17 3.40 -10.72 -3.40
N SER A 18 4.67 -10.94 -3.75
CA SER A 18 5.08 -11.32 -5.12
C SER A 18 4.60 -12.74 -5.47
N LYS A 19 4.59 -13.63 -4.45
CA LYS A 19 4.11 -15.03 -4.61
C LYS A 19 2.58 -15.06 -4.74
N LYS A 20 1.90 -14.27 -3.88
CA LYS A 20 0.43 -14.08 -3.92
C LYS A 20 0.01 -13.62 -5.32
N ALA A 21 0.67 -12.55 -5.78
CA ALA A 21 0.39 -11.90 -7.06
C ALA A 21 0.68 -12.84 -8.24
N GLU A 22 1.76 -13.64 -8.09
CA GLU A 22 2.20 -14.59 -9.13
C GLU A 22 1.13 -15.67 -9.39
N GLU A 23 0.70 -16.34 -8.31
CA GLU A 23 -0.32 -17.41 -8.39
C GLU A 23 -1.67 -16.87 -8.88
N GLU A 24 -2.02 -15.63 -8.47
CA GLU A 24 -3.31 -14.99 -8.85
C GLU A 24 -3.24 -14.32 -10.25
N GLY A 25 -2.02 -14.13 -10.78
CA GLY A 25 -1.82 -13.54 -12.11
C GLY A 25 -1.79 -12.02 -12.12
N TYR A 26 -1.68 -11.39 -10.93
CA TYR A 26 -1.51 -9.94 -10.79
C TYR A 26 -0.04 -9.54 -11.06
N ASP A 27 0.15 -8.65 -12.03
CA ASP A 27 1.44 -8.00 -12.29
C ASP A 27 1.60 -6.81 -11.34
N ILE A 28 2.46 -6.96 -10.33
CA ILE A 28 2.77 -5.90 -9.35
C ILE A 28 4.27 -5.60 -9.42
N GLN A 29 4.62 -4.33 -9.50
CA GLN A 29 6.02 -3.90 -9.43
C GLN A 29 6.42 -3.73 -7.95
N THR A 30 7.27 -4.62 -7.44
CA THR A 30 7.70 -4.58 -6.03
C THR A 30 9.07 -3.90 -5.92
N SER A 31 9.30 -3.17 -4.79
CA SER A 31 10.54 -2.39 -4.56
C SER A 31 10.93 -2.40 -3.06
N ASN A 32 12.25 -2.29 -2.80
CA ASN A 32 12.80 -2.21 -1.43
C ASN A 32 13.07 -0.76 -1.02
N ASP A 33 13.37 0.11 -2.00
CA ASP A 33 13.76 1.51 -1.75
C ASP A 33 12.56 2.46 -1.97
N LYS A 34 12.13 3.13 -0.88
CA LYS A 34 11.01 4.07 -0.89
C LYS A 34 11.33 5.34 -1.68
N LYS A 35 12.62 5.73 -1.74
CA LYS A 35 13.07 7.01 -2.32
C LYS A 35 12.88 7.03 -3.84
N GLU A 36 13.12 5.85 -4.43
CA GLU A 36 12.85 5.56 -5.84
C GLU A 36 11.36 5.76 -6.13
N ILE A 37 10.53 5.20 -5.24
CA ILE A 37 9.06 5.17 -5.35
C ILE A 37 8.45 6.58 -5.22
N ILE A 38 9.01 7.38 -4.29
CA ILE A 38 8.62 8.79 -4.06
C ILE A 38 8.84 9.59 -5.35
N ASP A 39 9.98 9.31 -5.99
CA ASP A 39 10.38 9.92 -7.27
C ASP A 39 9.40 9.50 -8.40
N ARG A 40 8.98 8.23 -8.41
CA ARG A 40 8.06 7.71 -9.45
C ARG A 40 6.63 8.27 -9.28
N LEU A 41 6.26 8.57 -8.02
CA LEU A 41 4.98 9.22 -7.67
C LEU A 41 4.98 10.69 -8.15
N LYS A 42 6.17 11.34 -8.11
CA LYS A 42 6.37 12.68 -8.72
C LYS A 42 6.16 12.63 -10.24
N ARG A 43 6.66 11.54 -10.86
CA ARG A 43 6.58 11.31 -12.32
C ARG A 43 5.19 10.84 -12.75
N ARG A 44 4.27 10.64 -11.76
CA ARG A 44 2.86 10.25 -11.98
C ARG A 44 2.75 8.78 -12.49
N ASN A 45 3.87 8.03 -12.37
CA ASN A 45 4.05 6.69 -12.96
C ASN A 45 3.15 5.62 -12.31
N ILE A 46 2.75 5.83 -11.07
CA ILE A 46 2.05 4.82 -10.26
C ILE A 46 0.57 5.22 -10.10
N ASP A 47 -0.35 4.28 -10.38
CA ASP A 47 -1.80 4.53 -10.33
C ASP A 47 -2.38 4.06 -8.99
N MET A 48 -1.89 2.92 -8.51
CA MET A 48 -2.33 2.30 -7.27
C MET A 48 -1.11 1.66 -6.60
N ILE A 49 -0.85 2.06 -5.35
CA ILE A 49 0.36 1.69 -4.62
C ILE A 49 -0.02 1.15 -3.24
N ILE A 50 0.74 0.15 -2.75
CA ILE A 50 0.54 -0.45 -1.44
C ILE A 50 1.88 -0.44 -0.71
N VAL A 51 1.96 0.31 0.41
CA VAL A 51 3.19 0.44 1.19
C VAL A 51 3.01 -0.23 2.55
N LYS A 52 3.85 -1.23 2.80
CA LYS A 52 3.96 -1.90 4.10
C LYS A 52 5.26 -1.44 4.78
N THR A 53 5.10 -0.63 5.82
CA THR A 53 6.21 -0.16 6.68
C THR A 53 5.63 0.36 8.00
N GLU A 54 6.45 0.28 9.06
CA GLU A 54 6.07 0.73 10.41
C GLU A 54 6.61 2.16 10.66
N ASP A 55 7.49 2.62 9.75
CA ASP A 55 8.12 3.94 9.86
C ASP A 55 7.12 5.03 9.43
N LYS A 56 6.60 5.77 10.43
CA LYS A 56 5.59 6.85 10.26
C LYS A 56 6.00 7.89 9.22
N GLU A 57 7.31 8.24 9.20
CA GLU A 57 7.86 9.27 8.29
C GLU A 57 7.70 8.79 6.84
N SER A 58 8.11 7.53 6.61
CA SER A 58 8.11 6.92 5.26
C SER A 58 6.68 6.83 4.70
N ILE A 59 5.75 6.39 5.57
CA ILE A 59 4.31 6.32 5.27
C ILE A 59 3.80 7.68 4.77
N SER A 60 4.01 8.71 5.61
CA SER A 60 3.50 10.07 5.38
C SER A 60 4.03 10.67 4.06
N GLU A 61 5.34 10.47 3.78
CA GLU A 61 6.00 11.02 2.56
C GLU A 61 5.33 10.46 1.28
N ILE A 62 5.15 9.11 1.25
CA ILE A 62 4.48 8.43 0.12
C ILE A 62 3.06 8.99 -0.07
N ILE A 63 2.27 9.10 1.03
CA ILE A 63 0.87 9.57 0.98
C ILE A 63 0.79 10.94 0.33
N LYS A 64 1.70 11.85 0.74
CA LYS A 64 1.80 13.22 0.19
C LYS A 64 2.02 13.18 -1.32
N GLN A 65 2.90 12.26 -1.76
CA GLN A 65 3.23 12.07 -3.18
C GLN A 65 2.10 11.40 -3.96
N VAL A 66 1.22 10.66 -3.26
CA VAL A 66 0.03 10.04 -3.86
C VAL A 66 -1.15 11.05 -3.91
N LEU A 67 -1.15 12.03 -2.99
CA LEU A 67 -2.09 13.18 -3.04
C LEU A 67 -1.71 14.05 -4.25
N ASP A 68 -0.38 14.26 -4.38
CA ASP A 68 0.27 14.90 -5.54
C ASP A 68 -0.09 14.16 -6.85
N SER A 69 -0.07 12.82 -6.77
CA SER A 69 -0.36 11.95 -7.92
C SER A 69 -1.88 11.83 -8.19
N GLY A 70 -2.71 12.10 -7.15
CA GLY A 70 -4.16 11.87 -7.22
C GLY A 70 -4.51 10.39 -7.41
N ALA A 71 -3.62 9.52 -6.92
CA ALA A 71 -3.67 8.06 -7.14
C ALA A 71 -4.29 7.32 -5.94
N LYS A 72 -4.40 5.99 -6.05
CA LYS A 72 -4.86 5.11 -4.95
C LYS A 72 -3.65 4.66 -4.13
N VAL A 73 -3.82 4.56 -2.80
CA VAL A 73 -2.77 4.10 -1.87
C VAL A 73 -3.39 3.28 -0.74
N LEU A 74 -2.69 2.19 -0.37
CA LEU A 74 -3.01 1.36 0.78
C LEU A 74 -1.83 1.39 1.75
N ILE A 75 -2.05 2.02 2.90
CA ILE A 75 -1.11 2.03 4.00
C ILE A 75 -1.36 0.82 4.90
N LEU A 76 -0.43 -0.14 4.82
CA LEU A 76 -0.36 -1.29 5.71
C LEU A 76 0.70 -1.01 6.77
N SER A 77 0.27 -1.04 8.04
CA SER A 77 1.15 -0.83 9.19
C SER A 77 0.72 -1.85 10.26
N SER A 78 1.72 -2.43 10.95
CA SER A 78 1.49 -3.51 11.91
C SER A 78 0.76 -2.99 13.17
N ASP A 79 1.04 -1.74 13.53
CA ASP A 79 0.50 -1.07 14.72
C ASP A 79 -0.75 -0.21 14.37
N GLU A 80 -1.83 -0.40 15.15
CA GLU A 80 -3.13 0.26 14.92
C GLU A 80 -3.12 1.74 15.30
N ASN A 81 -2.19 2.15 16.19
CA ASN A 81 -2.11 3.56 16.63
C ASN A 81 -1.47 4.40 15.51
N ILE A 82 -0.52 3.78 14.78
CA ILE A 82 0.08 4.37 13.57
C ILE A 82 -0.98 4.50 12.48
N ILE A 83 -1.72 3.39 12.21
CA ILE A 83 -2.88 3.37 11.29
C ILE A 83 -3.86 4.51 11.62
N GLU A 84 -4.19 4.63 12.92
CA GLU A 84 -5.17 5.61 13.44
C GLU A 84 -4.69 7.06 13.22
N SER A 85 -3.37 7.27 13.40
CA SER A 85 -2.73 8.57 13.15
C SER A 85 -2.83 8.96 11.67
N ILE A 86 -2.64 7.97 10.79
CA ILE A 86 -2.72 8.16 9.34
C ILE A 86 -4.18 8.44 8.91
N ARG A 87 -5.16 7.93 9.69
CA ARG A 87 -6.60 8.18 9.44
C ARG A 87 -7.03 9.58 9.91
N LYS A 88 -6.54 10.03 11.10
CA LYS A 88 -6.95 11.33 11.68
C LYS A 88 -6.37 12.50 10.88
N GLN A 89 -5.18 12.28 10.28
CA GLN A 89 -4.57 13.24 9.33
C GLN A 89 -5.25 13.13 7.96
N TYR A 90 -5.31 11.89 7.43
CA TYR A 90 -5.84 11.60 6.07
C TYR A 90 -7.01 10.59 6.21
N PRO A 91 -8.29 11.04 6.24
CA PRO A 91 -9.46 10.11 6.28
C PRO A 91 -9.72 9.40 4.92
N LYS A 92 -9.15 9.98 3.84
CA LYS A 92 -9.38 9.53 2.44
C LYS A 92 -8.50 8.34 2.03
N VAL A 93 -7.42 8.07 2.79
CA VAL A 93 -6.49 6.95 2.49
C VAL A 93 -7.06 5.61 2.95
N GLU A 94 -6.80 4.54 2.17
CA GLU A 94 -7.08 3.16 2.58
C GLU A 94 -6.01 2.73 3.59
N THR A 95 -6.43 2.49 4.84
CA THR A 95 -5.55 2.06 5.93
C THR A 95 -6.03 0.70 6.47
N ARG A 96 -5.07 -0.15 6.86
CA ARG A 96 -5.37 -1.47 7.41
C ARG A 96 -4.17 -1.99 8.20
N ARG A 97 -4.44 -2.47 9.44
CA ARG A 97 -3.48 -3.20 10.25
C ARG A 97 -3.08 -4.51 9.52
N ALA A 98 -1.77 -4.77 9.40
CA ALA A 98 -1.24 -6.01 8.86
C ALA A 98 0.07 -6.32 9.59
N GLN A 99 0.06 -7.32 10.49
CA GLN A 99 1.24 -7.64 11.33
C GLN A 99 2.13 -8.69 10.65
N ASP A 100 1.51 -9.81 10.24
CA ASP A 100 2.23 -10.91 9.58
C ASP A 100 2.18 -10.75 8.05
N LYS A 101 3.18 -11.30 7.37
CA LYS A 101 3.31 -11.29 5.90
C LYS A 101 2.13 -12.01 5.18
N GLU A 102 1.46 -12.93 5.91
CA GLU A 102 0.17 -13.54 5.48
C GLU A 102 -0.90 -12.47 5.32
N GLU A 103 -1.04 -11.67 6.39
CA GLU A 103 -2.05 -10.59 6.47
C GLU A 103 -1.77 -9.47 5.46
N VAL A 104 -0.47 -9.24 5.15
CA VAL A 104 -0.05 -8.21 4.18
C VAL A 104 -0.45 -8.62 2.76
N LYS A 105 -0.05 -9.84 2.33
CA LYS A 105 -0.32 -10.33 0.95
C LYS A 105 -1.82 -10.48 0.68
N ASP A 106 -2.57 -10.86 1.74
CA ASP A 106 -4.05 -10.92 1.72
C ASP A 106 -4.65 -9.52 1.51
N ALA A 107 -4.08 -8.52 2.21
CA ALA A 107 -4.52 -7.12 2.13
C ALA A 107 -4.25 -6.52 0.73
N VAL A 108 -3.11 -6.94 0.14
CA VAL A 108 -2.74 -6.57 -1.22
C VAL A 108 -3.75 -7.14 -2.22
N GLU A 109 -3.92 -8.49 -2.18
CA GLU A 109 -4.90 -9.23 -3.01
C GLU A 109 -6.30 -8.58 -2.92
N GLU A 110 -6.66 -8.19 -1.69
CA GLU A 110 -7.97 -7.58 -1.38
C GLU A 110 -8.14 -6.25 -2.14
N PHE A 111 -7.13 -5.36 -2.01
CA PHE A 111 -7.10 -4.03 -2.68
C PHE A 111 -7.20 -4.15 -4.22
N LEU A 112 -6.66 -5.26 -4.74
CA LEU A 112 -6.65 -5.57 -6.19
C LEU A 112 -8.04 -6.04 -6.67
N LYS A 113 -8.63 -7.02 -5.95
CA LYS A 113 -9.92 -7.64 -6.33
C LYS A 113 -11.06 -6.60 -6.32
N GLU A 114 -11.06 -5.76 -5.27
CA GLU A 114 -12.11 -4.76 -5.04
C GLU A 114 -11.89 -3.49 -5.91
N GLY A 115 -10.75 -3.46 -6.65
CA GLY A 115 -10.49 -2.41 -7.64
C GLY A 115 -9.94 -1.12 -7.04
N GLY A 116 -8.72 -1.20 -6.51
CA GLY A 116 -7.98 0.00 -6.02
C GLY A 116 -8.53 0.59 -4.72
N SER A 117 -9.22 -0.24 -3.92
CA SER A 117 -9.79 0.19 -2.64
C SER A 117 -10.20 -1.05 -1.85
N LEU A 118 -9.85 -1.12 -0.56
CA LEU A 118 -10.31 -2.19 0.34
C LEU A 118 -11.81 -2.02 0.63
N GLU A 119 -12.10 -1.05 1.54
CA GLU A 119 -13.37 -0.92 2.26
C GLU A 119 -13.18 0.07 3.41
N HIS A 120 -13.99 1.13 3.47
CA HIS A 120 -14.06 1.99 4.67
C HIS A 120 -14.99 1.31 5.68
N HIS A 121 -14.41 0.35 6.44
CA HIS A 121 -15.14 -0.40 7.48
C HIS A 121 -15.59 0.54 8.61
N HIS A 122 -16.79 1.12 8.42
CA HIS A 122 -17.32 2.21 9.25
C HIS A 122 -17.57 1.73 10.69
N HIS A 123 -16.74 2.24 11.62
CA HIS A 123 -16.80 1.89 13.04
C HIS A 123 -17.57 2.99 13.81
N HIS A 124 -18.58 2.56 14.58
CA HIS A 124 -19.54 3.42 15.30
C HIS A 124 -18.83 4.25 16.40
N HIS A 125 -19.23 5.52 16.55
CA HIS A 125 -18.81 6.37 17.68
C HIS A 125 -19.97 7.31 18.09
N MET A 1 -4.64 -2.16 -16.60
CA MET A 1 -3.72 -1.00 -16.76
C MET A 1 -3.30 -0.44 -15.39
N GLY A 2 -3.85 -1.01 -14.31
CA GLY A 2 -3.59 -0.56 -12.95
C GLY A 2 -2.16 -0.84 -12.51
N LYS A 3 -1.26 0.15 -12.66
CA LYS A 3 0.14 0.05 -12.23
C LYS A 3 0.22 -0.06 -10.71
N VAL A 4 0.35 -1.31 -10.23
CA VAL A 4 0.51 -1.59 -8.79
C VAL A 4 2.01 -1.61 -8.47
N VAL A 5 2.39 -0.88 -7.43
CA VAL A 5 3.74 -0.90 -6.86
C VAL A 5 3.64 -1.18 -5.36
N PHE A 6 4.35 -2.21 -4.90
CA PHE A 6 4.38 -2.58 -3.48
C PHE A 6 5.73 -2.18 -2.87
N LEU A 7 5.71 -1.15 -2.03
CA LEU A 7 6.88 -0.74 -1.25
C LEU A 7 6.80 -1.42 0.13
N SER A 8 7.82 -2.22 0.48
CA SER A 8 7.83 -3.01 1.73
C SER A 8 9.11 -2.73 2.51
N ASP A 9 9.05 -3.06 3.80
CA ASP A 9 10.15 -2.88 4.75
C ASP A 9 10.91 -4.21 4.94
N ASP A 10 10.22 -5.35 4.72
CA ASP A 10 10.75 -6.69 5.03
C ASP A 10 10.66 -7.62 3.78
N GLN A 11 11.69 -8.48 3.65
CA GLN A 11 11.86 -9.39 2.50
C GLN A 11 10.74 -10.44 2.38
N GLU A 12 10.37 -11.09 3.50
CA GLU A 12 9.33 -12.14 3.51
C GLU A 12 8.01 -11.57 2.97
N ILE A 13 7.65 -10.38 3.49
CA ILE A 13 6.49 -9.61 2.98
C ILE A 13 6.52 -9.46 1.43
N ILE A 14 7.69 -9.01 0.89
CA ILE A 14 7.92 -8.82 -0.57
C ILE A 14 7.61 -10.12 -1.36
N GLU A 15 8.17 -11.24 -0.86
CA GLU A 15 8.11 -12.54 -1.54
C GLU A 15 6.67 -13.11 -1.56
N GLU A 16 5.92 -12.88 -0.48
CA GLU A 16 4.52 -13.35 -0.34
C GLU A 16 3.59 -12.61 -1.30
N VAL A 17 3.72 -11.29 -1.34
CA VAL A 17 2.91 -10.41 -2.20
C VAL A 17 3.29 -10.60 -3.69
N SER A 18 4.59 -10.79 -3.94
CA SER A 18 5.12 -11.07 -5.28
C SER A 18 4.55 -12.39 -5.83
N LYS A 19 4.57 -13.45 -4.99
CA LYS A 19 4.07 -14.79 -5.34
C LYS A 19 2.54 -14.76 -5.55
N LYS A 20 1.82 -14.13 -4.62
CA LYS A 20 0.36 -13.96 -4.71
C LYS A 20 -0.02 -13.26 -6.03
N ALA A 21 0.61 -12.11 -6.28
CA ALA A 21 0.36 -11.30 -7.49
C ALA A 21 0.66 -12.07 -8.78
N GLU A 22 1.76 -12.85 -8.76
CA GLU A 22 2.26 -13.60 -9.93
C GLU A 22 1.25 -14.69 -10.34
N GLU A 23 0.79 -15.47 -9.34
CA GLU A 23 -0.15 -16.58 -9.58
C GLU A 23 -1.54 -16.08 -10.01
N GLU A 24 -1.97 -14.91 -9.49
CA GLU A 24 -3.25 -14.30 -9.86
C GLU A 24 -3.16 -13.53 -11.20
N GLY A 25 -1.92 -13.15 -11.59
CA GLY A 25 -1.67 -12.41 -12.82
C GLY A 25 -1.61 -10.89 -12.65
N TYR A 26 -1.60 -10.40 -11.39
CA TYR A 26 -1.39 -8.97 -11.08
C TYR A 26 0.08 -8.60 -11.29
N ASP A 27 0.33 -7.49 -11.99
CA ASP A 27 1.68 -6.94 -12.17
C ASP A 27 1.98 -5.94 -11.05
N ILE A 28 2.82 -6.36 -10.08
CA ILE A 28 3.23 -5.50 -8.95
C ILE A 28 4.76 -5.33 -8.94
N GLN A 29 5.23 -4.08 -9.06
CA GLN A 29 6.67 -3.77 -8.93
C GLN A 29 7.00 -3.63 -7.44
N THR A 30 7.77 -4.58 -6.90
CA THR A 30 8.10 -4.64 -5.48
C THR A 30 9.48 -4.01 -5.24
N SER A 31 9.59 -3.22 -4.16
CA SER A 31 10.80 -2.44 -3.83
C SER A 31 10.92 -2.28 -2.31
N ASN A 32 12.11 -1.90 -1.85
CA ASN A 32 12.39 -1.59 -0.44
C ASN A 32 12.87 -0.13 -0.34
N ASP A 33 13.54 0.36 -1.41
CA ASP A 33 14.02 1.76 -1.51
C ASP A 33 12.84 2.72 -1.76
N LYS A 34 12.50 3.52 -0.74
CA LYS A 34 11.40 4.50 -0.82
C LYS A 34 11.71 5.66 -1.80
N LYS A 35 13.01 6.02 -1.96
CA LYS A 35 13.44 7.19 -2.75
C LYS A 35 13.01 7.05 -4.22
N GLU A 36 13.18 5.83 -4.76
CA GLU A 36 12.76 5.47 -6.11
C GLU A 36 11.26 5.70 -6.27
N ILE A 37 10.51 5.13 -5.32
CA ILE A 37 9.03 5.06 -5.35
C ILE A 37 8.39 6.46 -5.24
N ILE A 38 8.98 7.31 -4.37
CA ILE A 38 8.57 8.72 -4.19
C ILE A 38 8.71 9.49 -5.52
N ASP A 39 9.81 9.20 -6.24
CA ASP A 39 10.11 9.85 -7.53
C ASP A 39 9.23 9.26 -8.66
N ARG A 40 8.79 7.99 -8.52
CA ARG A 40 7.86 7.38 -9.50
C ARG A 40 6.45 7.99 -9.35
N LEU A 41 6.11 8.34 -8.10
CA LEU A 41 4.87 9.08 -7.80
C LEU A 41 4.98 10.53 -8.35
N LYS A 42 6.22 11.08 -8.39
CA LYS A 42 6.54 12.36 -9.08
C LYS A 42 6.37 12.24 -10.62
N ARG A 43 6.69 11.04 -11.16
CA ARG A 43 6.50 10.72 -12.60
C ARG A 43 5.02 10.43 -12.93
N ARG A 44 4.17 10.36 -11.88
CA ARG A 44 2.73 9.98 -11.99
C ARG A 44 2.60 8.51 -12.50
N ASN A 45 3.71 7.78 -12.37
CA ASN A 45 3.93 6.45 -12.98
C ASN A 45 3.04 5.38 -12.36
N ILE A 46 2.70 5.58 -11.08
CA ILE A 46 2.02 4.58 -10.25
C ILE A 46 0.52 4.89 -10.16
N ASP A 47 -0.32 3.90 -10.53
CA ASP A 47 -1.79 4.03 -10.53
C ASP A 47 -2.35 3.72 -9.14
N MET A 48 -1.74 2.73 -8.50
CA MET A 48 -2.10 2.27 -7.17
C MET A 48 -0.85 1.70 -6.48
N ILE A 49 -0.72 1.97 -5.19
CA ILE A 49 0.48 1.65 -4.42
C ILE A 49 0.07 1.16 -3.02
N ILE A 50 0.80 0.15 -2.52
CA ILE A 50 0.58 -0.40 -1.18
C ILE A 50 1.92 -0.37 -0.43
N VAL A 51 1.98 0.39 0.67
CA VAL A 51 3.20 0.56 1.47
C VAL A 51 3.07 -0.21 2.79
N LYS A 52 3.84 -1.28 2.92
CA LYS A 52 3.98 -2.02 4.17
C LYS A 52 5.26 -1.53 4.87
N THR A 53 5.08 -0.80 5.99
CA THR A 53 6.18 -0.37 6.86
C THR A 53 5.60 0.21 8.16
N GLU A 54 6.43 0.20 9.22
CA GLU A 54 6.08 0.76 10.53
C GLU A 54 6.77 2.14 10.70
N ASP A 55 7.62 2.49 9.71
CA ASP A 55 8.37 3.77 9.71
C ASP A 55 7.46 4.91 9.22
N LYS A 56 7.12 5.78 10.17
CA LYS A 56 6.16 6.90 9.98
C LYS A 56 6.61 7.89 8.89
N GLU A 57 7.93 8.06 8.73
CA GLU A 57 8.52 8.97 7.72
C GLU A 57 8.31 8.42 6.30
N SER A 58 8.48 7.10 6.12
CA SER A 58 8.25 6.44 4.82
C SER A 58 6.78 6.58 4.41
N ILE A 59 5.88 6.28 5.36
CA ILE A 59 4.43 6.37 5.19
C ILE A 59 4.02 7.81 4.80
N SER A 60 4.53 8.80 5.57
CA SER A 60 4.21 10.22 5.42
C SER A 60 4.52 10.73 3.98
N GLU A 61 5.80 10.54 3.56
CA GLU A 61 6.31 11.06 2.27
C GLU A 61 5.52 10.50 1.08
N ILE A 62 5.34 9.16 1.04
CA ILE A 62 4.61 8.49 -0.05
C ILE A 62 3.17 9.04 -0.16
N ILE A 63 2.44 9.13 0.99
CA ILE A 63 1.02 9.61 0.99
C ILE A 63 0.92 11.00 0.34
N LYS A 64 1.85 11.91 0.71
CA LYS A 64 1.92 13.29 0.14
C LYS A 64 2.02 13.24 -1.40
N GLN A 65 2.90 12.36 -1.89
CA GLN A 65 3.15 12.16 -3.33
C GLN A 65 1.92 11.53 -4.05
N VAL A 66 1.19 10.68 -3.33
CA VAL A 66 -0.03 10.02 -3.85
C VAL A 66 -1.20 11.01 -3.92
N LEU A 67 -1.28 11.94 -2.94
CA LEU A 67 -2.31 13.00 -2.91
C LEU A 67 -2.19 13.87 -4.17
N ASP A 68 -0.93 14.10 -4.60
CA ASP A 68 -0.60 14.86 -5.82
C ASP A 68 -1.03 14.09 -7.09
N SER A 69 -0.78 12.77 -7.10
CA SER A 69 -0.95 11.92 -8.30
C SER A 69 -2.39 11.35 -8.40
N GLY A 70 -3.16 11.45 -7.30
CA GLY A 70 -4.55 10.96 -7.25
C GLY A 70 -4.68 9.44 -7.29
N ALA A 71 -3.60 8.73 -6.91
CA ALA A 71 -3.53 7.26 -6.99
C ALA A 71 -4.23 6.58 -5.79
N LYS A 72 -4.52 5.27 -5.90
CA LYS A 72 -5.04 4.47 -4.76
C LYS A 72 -3.87 4.11 -3.83
N VAL A 73 -3.96 4.46 -2.54
CA VAL A 73 -2.90 4.14 -1.55
C VAL A 73 -3.46 3.31 -0.39
N LEU A 74 -2.74 2.22 -0.08
CA LEU A 74 -3.02 1.37 1.08
C LEU A 74 -1.82 1.39 2.01
N ILE A 75 -2.04 1.83 3.26
CA ILE A 75 -1.00 1.84 4.30
C ILE A 75 -1.21 0.63 5.21
N LEU A 76 -0.23 -0.28 5.20
CA LEU A 76 -0.19 -1.45 6.08
C LEU A 76 0.91 -1.25 7.11
N SER A 77 0.55 -1.23 8.39
CA SER A 77 1.49 -0.99 9.51
C SER A 77 1.15 -1.95 10.65
N SER A 78 2.20 -2.45 11.32
CA SER A 78 2.06 -3.38 12.46
C SER A 78 1.39 -2.69 13.66
N ASP A 79 1.57 -1.36 13.74
CA ASP A 79 0.95 -0.52 14.79
C ASP A 79 -0.36 0.11 14.25
N GLU A 80 -1.47 -0.22 14.94
CA GLU A 80 -2.81 0.28 14.59
C GLU A 80 -2.98 1.75 15.00
N ASN A 81 -2.08 2.26 15.85
CA ASN A 81 -2.09 3.68 16.27
C ASN A 81 -1.45 4.56 15.17
N ILE A 82 -0.52 3.97 14.38
CA ILE A 82 -0.05 4.57 13.12
C ILE A 82 -1.26 4.67 12.19
N ILE A 83 -1.92 3.51 11.98
CA ILE A 83 -3.09 3.39 11.11
C ILE A 83 -4.18 4.45 11.45
N GLU A 84 -4.47 4.60 12.75
CA GLU A 84 -5.49 5.54 13.26
C GLU A 84 -5.08 7.02 13.05
N SER A 85 -3.77 7.34 13.26
CA SER A 85 -3.25 8.71 13.09
C SER A 85 -3.20 9.10 11.60
N ILE A 86 -2.93 8.12 10.73
CA ILE A 86 -2.94 8.30 9.26
C ILE A 86 -4.39 8.55 8.76
N ARG A 87 -5.35 7.91 9.44
CA ARG A 87 -6.79 8.08 9.16
C ARG A 87 -7.31 9.48 9.57
N LYS A 88 -6.87 10.01 10.73
CA LYS A 88 -7.35 11.32 11.23
C LYS A 88 -6.73 12.48 10.42
N GLN A 89 -5.46 12.32 10.01
CA GLN A 89 -4.75 13.32 9.19
C GLN A 89 -5.28 13.31 7.75
N TYR A 90 -5.38 12.09 7.19
CA TYR A 90 -5.81 11.88 5.79
C TYR A 90 -7.14 11.10 5.81
N PRO A 91 -8.30 11.78 5.61
CA PRO A 91 -9.64 11.14 5.73
C PRO A 91 -9.91 10.03 4.67
N LYS A 92 -9.36 10.22 3.47
CA LYS A 92 -9.71 9.39 2.29
C LYS A 92 -8.64 8.32 1.95
N VAL A 93 -7.63 8.17 2.82
CA VAL A 93 -6.60 7.11 2.67
C VAL A 93 -7.17 5.75 3.10
N GLU A 94 -6.74 4.69 2.41
CA GLU A 94 -7.05 3.32 2.80
C GLU A 94 -5.93 2.80 3.70
N THR A 95 -6.32 2.18 4.82
CA THR A 95 -5.36 1.72 5.83
C THR A 95 -5.88 0.40 6.45
N ARG A 96 -4.95 -0.43 6.93
CA ARG A 96 -5.26 -1.64 7.69
C ARG A 96 -4.03 -2.06 8.49
N ARG A 97 -4.22 -2.49 9.74
CA ARG A 97 -3.11 -3.05 10.54
C ARG A 97 -2.69 -4.40 9.92
N ALA A 98 -1.39 -4.57 9.68
CA ALA A 98 -0.84 -5.80 9.08
C ALA A 98 0.52 -6.05 9.72
N GLN A 99 0.58 -7.07 10.58
CA GLN A 99 1.79 -7.41 11.33
C GLN A 99 2.58 -8.50 10.59
N ASP A 100 1.90 -9.61 10.29
CA ASP A 100 2.52 -10.80 9.67
C ASP A 100 2.32 -10.76 8.14
N LYS A 101 3.23 -11.44 7.43
CA LYS A 101 3.29 -11.50 5.96
C LYS A 101 2.02 -12.11 5.34
N GLU A 102 1.36 -13.01 6.08
CA GLU A 102 0.08 -13.61 5.66
C GLU A 102 -1.06 -12.58 5.71
N GLU A 103 -1.08 -11.76 6.79
CA GLU A 103 -2.05 -10.67 6.94
C GLU A 103 -1.85 -9.57 5.86
N VAL A 104 -0.58 -9.36 5.44
CA VAL A 104 -0.24 -8.35 4.44
C VAL A 104 -0.69 -8.81 3.05
N LYS A 105 -0.31 -10.05 2.65
CA LYS A 105 -0.60 -10.57 1.29
C LYS A 105 -2.12 -10.74 1.07
N ASP A 106 -2.85 -11.05 2.16
CA ASP A 106 -4.32 -11.04 2.19
C ASP A 106 -4.88 -9.63 1.93
N ALA A 107 -4.31 -8.63 2.62
CA ALA A 107 -4.75 -7.23 2.54
C ALA A 107 -4.45 -6.61 1.16
N VAL A 108 -3.34 -7.05 0.54
CA VAL A 108 -2.97 -6.66 -0.83
C VAL A 108 -3.94 -7.27 -1.83
N GLU A 109 -4.11 -8.61 -1.76
CA GLU A 109 -5.00 -9.40 -2.65
C GLU A 109 -6.43 -8.82 -2.67
N GLU A 110 -6.95 -8.59 -1.46
CA GLU A 110 -8.29 -8.05 -1.24
C GLU A 110 -8.45 -6.64 -1.87
N PHE A 111 -7.41 -5.79 -1.68
CA PHE A 111 -7.38 -4.40 -2.21
C PHE A 111 -7.42 -4.40 -3.75
N LEU A 112 -6.72 -5.38 -4.34
CA LEU A 112 -6.61 -5.55 -5.80
C LEU A 112 -7.93 -6.05 -6.42
N LYS A 113 -8.58 -7.02 -5.75
CA LYS A 113 -9.82 -7.64 -6.24
C LYS A 113 -11.01 -6.66 -6.15
N GLU A 114 -11.01 -5.84 -5.07
CA GLU A 114 -12.02 -4.78 -4.89
C GLU A 114 -11.69 -3.54 -5.75
N GLY A 115 -10.56 -3.58 -6.48
CA GLY A 115 -10.11 -2.47 -7.31
C GLY A 115 -9.18 -1.54 -6.55
N GLY A 116 -9.68 -1.09 -5.38
CA GLY A 116 -8.88 -0.28 -4.47
C GLY A 116 -9.66 0.02 -3.19
N SER A 117 -10.01 -1.05 -2.44
CA SER A 117 -10.75 -0.93 -1.16
C SER A 117 -10.50 -2.15 -0.24
N LEU A 118 -10.54 -1.87 1.07
CA LEU A 118 -10.60 -2.87 2.15
C LEU A 118 -11.77 -2.48 3.06
N GLU A 119 -11.79 -1.19 3.45
CA GLU A 119 -12.91 -0.57 4.18
C GLU A 119 -14.09 -0.31 3.24
N HIS A 120 -15.31 -0.31 3.83
CA HIS A 120 -16.57 -0.25 3.08
C HIS A 120 -16.96 1.19 2.72
N HIS A 121 -16.86 1.52 1.42
CA HIS A 121 -17.46 2.72 0.83
C HIS A 121 -18.99 2.56 0.90
N HIS A 122 -19.60 3.19 1.92
CA HIS A 122 -21.00 2.95 2.34
C HIS A 122 -21.99 3.17 1.18
N HIS A 123 -22.59 2.06 0.72
CA HIS A 123 -23.62 2.08 -0.33
C HIS A 123 -24.96 2.42 0.32
N HIS A 124 -25.38 3.70 0.24
CA HIS A 124 -26.63 4.18 0.87
C HIS A 124 -27.86 3.76 0.03
N HIS A 125 -29.05 4.04 0.57
CA HIS A 125 -30.33 3.74 -0.09
C HIS A 125 -31.32 4.91 0.15
N MET A 1 -3.21 -0.33 -18.94
CA MET A 1 -2.85 1.09 -18.78
C MET A 1 -2.99 1.48 -17.29
N GLY A 2 -1.85 1.52 -16.60
CA GLY A 2 -1.78 1.73 -15.15
C GLY A 2 -0.47 1.22 -14.59
N LYS A 3 -0.36 1.16 -13.26
CA LYS A 3 0.87 0.69 -12.58
C LYS A 3 0.54 0.30 -11.14
N VAL A 4 0.55 -1.01 -10.86
CA VAL A 4 0.38 -1.56 -9.51
C VAL A 4 1.78 -1.78 -8.90
N VAL A 5 2.04 -1.15 -7.77
CA VAL A 5 3.34 -1.26 -7.07
C VAL A 5 3.11 -1.68 -5.62
N PHE A 6 3.94 -2.61 -5.13
CA PHE A 6 3.97 -2.97 -3.71
C PHE A 6 5.32 -2.51 -3.12
N LEU A 7 5.24 -1.51 -2.23
CA LEU A 7 6.38 -1.06 -1.42
C LEU A 7 6.31 -1.75 -0.05
N SER A 8 7.47 -2.24 0.44
CA SER A 8 7.60 -2.77 1.80
C SER A 8 9.08 -2.77 2.21
N ASP A 9 9.34 -2.37 3.46
CA ASP A 9 10.71 -2.26 4.01
C ASP A 9 11.31 -3.64 4.32
N ASP A 10 10.43 -4.61 4.59
CA ASP A 10 10.83 -5.98 4.93
C ASP A 10 10.71 -6.90 3.70
N GLN A 11 11.79 -7.65 3.43
CA GLN A 11 11.91 -8.53 2.25
C GLN A 11 10.90 -9.70 2.30
N GLU A 12 10.70 -10.30 3.48
CA GLU A 12 9.84 -11.50 3.63
C GLU A 12 8.37 -11.16 3.34
N ILE A 13 7.99 -9.91 3.66
CA ILE A 13 6.67 -9.35 3.34
C ILE A 13 6.52 -9.26 1.80
N ILE A 14 7.56 -8.70 1.16
CA ILE A 14 7.65 -8.54 -0.29
C ILE A 14 7.50 -9.90 -0.99
N GLU A 15 8.14 -10.94 -0.43
CA GLU A 15 8.17 -12.30 -1.01
C GLU A 15 6.81 -12.99 -0.91
N GLU A 16 6.06 -12.72 0.18
CA GLU A 16 4.69 -13.24 0.37
C GLU A 16 3.75 -12.69 -0.71
N VAL A 17 3.81 -11.37 -0.92
CA VAL A 17 2.97 -10.66 -1.89
C VAL A 17 3.40 -10.99 -3.34
N SER A 18 4.72 -11.00 -3.58
CA SER A 18 5.32 -11.20 -4.91
C SER A 18 4.99 -12.60 -5.46
N LYS A 19 5.11 -13.62 -4.58
CA LYS A 19 4.85 -15.00 -4.94
C LYS A 19 3.39 -15.22 -5.33
N LYS A 20 2.48 -14.70 -4.49
CA LYS A 20 1.03 -14.86 -4.70
C LYS A 20 0.54 -14.03 -5.91
N ALA A 21 1.19 -12.87 -6.13
CA ALA A 21 0.96 -12.04 -7.31
C ALA A 21 1.37 -12.79 -8.58
N GLU A 22 2.46 -13.59 -8.46
CA GLU A 22 2.94 -14.46 -9.54
C GLU A 22 1.90 -15.56 -9.83
N GLU A 23 1.35 -16.18 -8.76
CA GLU A 23 0.32 -17.25 -8.87
C GLU A 23 -0.90 -16.77 -9.66
N GLU A 24 -1.34 -15.54 -9.36
CA GLU A 24 -2.57 -14.95 -9.96
C GLU A 24 -2.28 -14.15 -11.23
N GLY A 25 -0.98 -13.89 -11.50
CA GLY A 25 -0.56 -13.13 -12.67
C GLY A 25 -0.75 -11.62 -12.53
N TYR A 26 -0.84 -11.15 -11.27
CA TYR A 26 -0.88 -9.72 -10.93
C TYR A 26 0.47 -9.05 -11.28
N ASP A 27 0.47 -8.17 -12.29
CA ASP A 27 1.66 -7.41 -12.70
C ASP A 27 1.93 -6.29 -11.67
N ILE A 28 2.69 -6.64 -10.63
CA ILE A 28 3.04 -5.73 -9.52
C ILE A 28 4.56 -5.57 -9.46
N GLN A 29 5.04 -4.31 -9.54
CA GLN A 29 6.44 -3.97 -9.32
C GLN A 29 6.67 -3.84 -7.80
N THR A 30 7.58 -4.66 -7.26
CA THR A 30 7.89 -4.67 -5.82
C THR A 30 9.18 -3.89 -5.56
N SER A 31 9.21 -3.16 -4.43
CA SER A 31 10.35 -2.32 -4.03
C SER A 31 10.45 -2.29 -2.49
N ASN A 32 11.68 -2.08 -2.00
CA ASN A 32 11.96 -1.84 -0.57
C ASN A 32 12.27 -0.36 -0.36
N ASP A 33 13.09 0.20 -1.26
CA ASP A 33 13.56 1.60 -1.19
C ASP A 33 12.42 2.56 -1.57
N LYS A 34 11.96 3.32 -0.56
CA LYS A 34 10.88 4.31 -0.72
C LYS A 34 11.33 5.53 -1.57
N LYS A 35 12.66 5.79 -1.64
CA LYS A 35 13.20 6.97 -2.35
C LYS A 35 12.91 6.89 -3.87
N GLU A 36 13.02 5.65 -4.40
CA GLU A 36 12.62 5.30 -5.78
C GLU A 36 11.13 5.57 -5.99
N ILE A 37 10.34 5.08 -5.04
CA ILE A 37 8.87 5.15 -5.06
C ILE A 37 8.36 6.58 -5.14
N ILE A 38 8.83 7.43 -4.21
CA ILE A 38 8.42 8.84 -4.07
C ILE A 38 8.74 9.61 -5.36
N ASP A 39 9.89 9.26 -5.98
CA ASP A 39 10.33 9.80 -7.27
C ASP A 39 9.33 9.46 -8.39
N ARG A 40 8.92 8.18 -8.44
CA ARG A 40 7.97 7.68 -9.46
C ARG A 40 6.58 8.28 -9.24
N LEU A 41 6.23 8.55 -7.99
CA LEU A 41 4.97 9.23 -7.62
C LEU A 41 4.99 10.70 -8.08
N LYS A 42 6.18 11.35 -8.07
CA LYS A 42 6.37 12.73 -8.59
C LYS A 42 6.00 12.80 -10.08
N ARG A 43 6.38 11.74 -10.81
CA ARG A 43 6.22 11.64 -12.26
C ARG A 43 4.84 11.05 -12.65
N ARG A 44 4.08 10.58 -11.63
CA ARG A 44 2.78 9.88 -11.80
C ARG A 44 3.00 8.56 -12.59
N ASN A 45 4.18 7.95 -12.42
CA ASN A 45 4.52 6.63 -12.98
C ASN A 45 3.67 5.53 -12.32
N ILE A 46 3.29 5.74 -11.05
CA ILE A 46 2.53 4.76 -10.25
C ILE A 46 1.05 5.20 -10.18
N ASP A 47 0.14 4.27 -10.53
CA ASP A 47 -1.33 4.52 -10.56
C ASP A 47 -1.99 4.05 -9.26
N MET A 48 -1.45 2.98 -8.68
CA MET A 48 -1.93 2.40 -7.42
C MET A 48 -0.76 1.72 -6.70
N ILE A 49 -0.68 1.91 -5.39
CA ILE A 49 0.44 1.40 -4.58
C ILE A 49 -0.05 0.93 -3.20
N ILE A 50 0.64 -0.08 -2.65
CA ILE A 50 0.37 -0.63 -1.32
C ILE A 50 1.70 -0.63 -0.54
N VAL A 51 1.74 0.15 0.55
CA VAL A 51 2.94 0.34 1.37
C VAL A 51 2.79 -0.39 2.71
N LYS A 52 3.59 -1.45 2.91
CA LYS A 52 3.70 -2.14 4.18
C LYS A 52 5.01 -1.73 4.87
N THR A 53 4.89 -0.92 5.91
CA THR A 53 6.01 -0.56 6.79
C THR A 53 5.45 0.21 7.99
N GLU A 54 6.27 0.30 9.04
CA GLU A 54 5.94 1.08 10.24
C GLU A 54 6.70 2.41 10.23
N ASP A 55 7.56 2.61 9.21
CA ASP A 55 8.35 3.83 9.06
C ASP A 55 7.41 4.99 8.65
N LYS A 56 6.90 5.71 9.66
CA LYS A 56 5.90 6.79 9.50
C LYS A 56 6.36 7.87 8.51
N GLU A 57 7.68 8.09 8.46
CA GLU A 57 8.32 9.08 7.56
C GLU A 57 8.06 8.74 6.08
N SER A 58 8.26 7.46 5.71
CA SER A 58 8.05 7.00 4.32
C SER A 58 6.55 7.01 3.99
N ILE A 59 5.75 6.36 4.87
CA ILE A 59 4.28 6.25 4.73
C ILE A 59 3.64 7.60 4.39
N SER A 60 3.93 8.60 5.24
CA SER A 60 3.44 9.98 5.11
C SER A 60 3.77 10.55 3.72
N GLU A 61 5.07 10.46 3.33
CA GLU A 61 5.54 11.04 2.06
C GLU A 61 4.85 10.41 0.85
N ILE A 62 4.67 9.06 0.87
CA ILE A 62 3.96 8.34 -0.20
C ILE A 62 2.54 8.90 -0.37
N ILE A 63 1.79 9.00 0.76
CA ILE A 63 0.39 9.46 0.75
C ILE A 63 0.28 10.88 0.17
N LYS A 64 1.19 11.77 0.62
CA LYS A 64 1.28 13.18 0.15
C LYS A 64 1.44 13.21 -1.38
N GLN A 65 2.31 12.33 -1.88
CA GLN A 65 2.60 12.20 -3.31
C GLN A 65 1.38 11.62 -4.08
N VAL A 66 0.64 10.72 -3.43
CA VAL A 66 -0.56 10.09 -4.00
C VAL A 66 -1.72 11.11 -4.09
N LEU A 67 -1.74 12.06 -3.13
CA LEU A 67 -2.72 13.17 -3.14
C LEU A 67 -2.46 14.09 -4.35
N ASP A 68 -1.16 14.34 -4.64
CA ASP A 68 -0.72 15.16 -5.79
C ASP A 68 -0.99 14.43 -7.13
N SER A 69 -0.70 13.11 -7.16
CA SER A 69 -0.76 12.31 -8.38
C SER A 69 -2.21 11.92 -8.72
N GLY A 70 -3.07 11.88 -7.68
CA GLY A 70 -4.44 11.39 -7.82
C GLY A 70 -4.48 9.90 -8.07
N ALA A 71 -3.66 9.16 -7.31
CA ALA A 71 -3.52 7.69 -7.42
C ALA A 71 -4.33 6.98 -6.31
N LYS A 72 -4.19 5.64 -6.21
CA LYS A 72 -4.72 4.85 -5.08
C LYS A 72 -3.55 4.44 -4.18
N VAL A 73 -3.79 4.39 -2.87
CA VAL A 73 -2.78 3.93 -1.90
C VAL A 73 -3.43 3.18 -0.73
N LEU A 74 -2.81 2.06 -0.33
CA LEU A 74 -3.16 1.30 0.87
C LEU A 74 -1.98 1.37 1.84
N ILE A 75 -2.27 1.66 3.11
CA ILE A 75 -1.25 1.71 4.17
C ILE A 75 -1.48 0.56 5.14
N LEU A 76 -0.47 -0.31 5.21
CA LEU A 76 -0.43 -1.46 6.12
C LEU A 76 0.72 -1.27 7.09
N SER A 77 0.41 -1.35 8.39
CA SER A 77 1.41 -1.26 9.47
C SER A 77 0.96 -2.20 10.59
N SER A 78 1.92 -2.83 11.26
CA SER A 78 1.63 -3.73 12.40
C SER A 78 1.10 -2.94 13.58
N ASP A 79 1.72 -1.78 13.84
CA ASP A 79 1.42 -0.92 15.01
C ASP A 79 0.09 -0.16 14.81
N GLU A 80 -0.87 -0.42 15.71
CA GLU A 80 -2.18 0.23 15.73
C GLU A 80 -2.09 1.76 15.98
N ASN A 81 -1.02 2.20 16.70
CA ASN A 81 -0.75 3.64 16.94
C ASN A 81 -0.50 4.36 15.61
N ILE A 82 0.26 3.70 14.74
CA ILE A 82 0.66 4.24 13.43
C ILE A 82 -0.53 4.28 12.48
N ILE A 83 -1.34 3.18 12.44
CA ILE A 83 -2.57 3.13 11.62
C ILE A 83 -3.56 4.23 12.04
N GLU A 84 -3.70 4.45 13.36
CA GLU A 84 -4.56 5.51 13.93
C GLU A 84 -4.07 6.90 13.49
N SER A 85 -2.75 7.10 13.56
CA SER A 85 -2.10 8.35 13.12
C SER A 85 -2.36 8.63 11.64
N ILE A 86 -2.22 7.60 10.79
CA ILE A 86 -2.38 7.75 9.35
C ILE A 86 -3.85 8.02 8.99
N ARG A 87 -4.78 7.48 9.78
CA ARG A 87 -6.23 7.71 9.60
C ARG A 87 -6.64 9.15 9.96
N LYS A 88 -6.07 9.70 11.05
CA LYS A 88 -6.47 11.04 11.56
C LYS A 88 -5.76 12.18 10.78
N GLN A 89 -4.51 11.93 10.35
CA GLN A 89 -3.77 12.89 9.52
C GLN A 89 -4.28 12.86 8.07
N TYR A 90 -4.65 11.65 7.61
CA TYR A 90 -5.11 11.39 6.23
C TYR A 90 -6.39 10.51 6.29
N PRO A 91 -7.62 11.10 6.25
CA PRO A 91 -8.88 10.31 6.25
C PRO A 91 -9.17 9.65 4.88
N LYS A 92 -8.65 10.25 3.80
CA LYS A 92 -8.97 9.87 2.41
C LYS A 92 -8.06 8.72 1.87
N VAL A 93 -7.14 8.22 2.72
CA VAL A 93 -6.26 7.07 2.37
C VAL A 93 -6.92 5.75 2.84
N GLU A 94 -6.68 4.65 2.10
CA GLU A 94 -7.05 3.30 2.56
C GLU A 94 -6.03 2.82 3.58
N THR A 95 -6.51 2.26 4.69
CA THR A 95 -5.67 1.82 5.81
C THR A 95 -6.23 0.50 6.38
N ARG A 96 -5.31 -0.31 6.90
CA ARG A 96 -5.64 -1.55 7.63
C ARG A 96 -4.44 -1.93 8.50
N ARG A 97 -4.72 -2.42 9.72
CA ARG A 97 -3.71 -3.04 10.59
C ARG A 97 -3.30 -4.41 10.00
N ALA A 98 -2.00 -4.60 9.81
CA ALA A 98 -1.44 -5.85 9.28
C ALA A 98 -0.17 -6.18 10.07
N GLN A 99 -0.29 -7.15 10.99
CA GLN A 99 0.80 -7.56 11.91
C GLN A 99 1.51 -8.78 11.34
N ASP A 100 0.74 -9.73 10.82
CA ASP A 100 1.29 -10.94 10.18
C ASP A 100 1.45 -10.67 8.67
N LYS A 101 2.45 -11.33 8.06
CA LYS A 101 2.74 -11.24 6.61
C LYS A 101 1.56 -11.78 5.75
N GLU A 102 0.75 -12.70 6.35
CA GLU A 102 -0.45 -13.24 5.70
C GLU A 102 -1.48 -12.12 5.53
N GLU A 103 -1.68 -11.30 6.61
CA GLU A 103 -2.60 -10.15 6.60
C GLU A 103 -2.26 -9.17 5.47
N VAL A 104 -0.94 -9.02 5.22
CA VAL A 104 -0.43 -8.10 4.21
C VAL A 104 -0.85 -8.56 2.82
N LYS A 105 -0.45 -9.80 2.44
CA LYS A 105 -0.69 -10.33 1.08
C LYS A 105 -2.20 -10.49 0.79
N ASP A 106 -2.98 -10.80 1.84
CA ASP A 106 -4.46 -10.78 1.78
C ASP A 106 -4.97 -9.39 1.43
N ALA A 107 -4.57 -8.38 2.23
CA ALA A 107 -5.03 -6.98 2.08
C ALA A 107 -4.64 -6.39 0.72
N VAL A 108 -3.50 -6.86 0.17
CA VAL A 108 -3.03 -6.51 -1.16
C VAL A 108 -4.04 -6.99 -2.21
N GLU A 109 -4.33 -8.30 -2.17
CA GLU A 109 -5.21 -8.95 -3.14
C GLU A 109 -6.65 -8.40 -3.04
N GLU A 110 -7.10 -8.11 -1.80
CA GLU A 110 -8.41 -7.52 -1.54
C GLU A 110 -8.49 -6.10 -2.13
N PHE A 111 -7.37 -5.35 -2.04
CA PHE A 111 -7.25 -3.97 -2.57
C PHE A 111 -7.42 -3.99 -4.09
N LEU A 112 -6.90 -5.05 -4.72
CA LEU A 112 -6.98 -5.28 -6.16
C LEU A 112 -8.41 -5.65 -6.59
N LYS A 113 -9.08 -6.51 -5.77
CA LYS A 113 -10.47 -6.95 -6.02
C LYS A 113 -11.47 -5.78 -6.02
N GLU A 114 -11.29 -4.84 -5.08
CA GLU A 114 -12.20 -3.69 -4.91
C GLU A 114 -11.86 -2.53 -5.88
N GLY A 115 -10.95 -2.78 -6.84
CA GLY A 115 -10.59 -1.80 -7.87
C GLY A 115 -9.81 -0.64 -7.29
N GLY A 116 -8.81 -0.96 -6.46
CA GLY A 116 -7.94 0.04 -5.84
C GLY A 116 -8.53 0.63 -4.56
N SER A 117 -9.19 -0.22 -3.76
CA SER A 117 -9.80 0.19 -2.48
C SER A 117 -9.92 -1.02 -1.54
N LEU A 118 -10.27 -0.76 -0.29
CA LEU A 118 -10.70 -1.77 0.68
C LEU A 118 -12.11 -1.42 1.16
N GLU A 119 -12.63 -2.28 2.04
CA GLU A 119 -13.82 -1.98 2.85
C GLU A 119 -13.36 -1.70 4.29
N HIS A 120 -13.34 -0.40 4.67
CA HIS A 120 -13.17 0.01 6.07
C HIS A 120 -14.40 -0.45 6.85
N HIS A 121 -14.17 -1.06 8.01
CA HIS A 121 -15.25 -1.62 8.86
C HIS A 121 -15.81 -0.52 9.78
N HIS A 122 -16.16 0.60 9.14
CA HIS A 122 -16.81 1.77 9.76
C HIS A 122 -17.94 2.22 8.82
N HIS A 123 -18.62 1.23 8.20
CA HIS A 123 -19.80 1.45 7.35
C HIS A 123 -20.94 2.03 8.22
N HIS A 124 -20.92 3.37 8.33
CA HIS A 124 -21.74 4.14 9.29
C HIS A 124 -23.00 4.70 8.62
N HIS A 125 -23.18 4.36 7.33
CA HIS A 125 -24.36 4.75 6.54
C HIS A 125 -24.58 3.69 5.43
N MET A 1 -3.69 2.75 -16.90
CA MET A 1 -3.62 1.28 -16.66
C MET A 1 -3.26 1.02 -15.20
N GLY A 2 -3.75 -0.12 -14.66
CA GLY A 2 -3.62 -0.44 -13.24
C GLY A 2 -2.22 -0.90 -12.83
N LYS A 3 -1.28 0.05 -12.78
CA LYS A 3 0.09 -0.21 -12.29
C LYS A 3 0.07 -0.25 -10.76
N VAL A 4 0.16 -1.46 -10.23
CA VAL A 4 0.32 -1.71 -8.78
C VAL A 4 1.81 -1.71 -8.47
N VAL A 5 2.23 -0.95 -7.46
CA VAL A 5 3.59 -1.01 -6.94
C VAL A 5 3.52 -1.36 -5.45
N PHE A 6 4.04 -2.54 -5.08
CA PHE A 6 4.11 -2.98 -3.69
C PHE A 6 5.49 -2.59 -3.11
N LEU A 7 5.46 -1.55 -2.29
CA LEU A 7 6.63 -1.02 -1.58
C LEU A 7 6.57 -1.50 -0.11
N SER A 8 7.68 -2.06 0.42
CA SER A 8 7.75 -2.53 1.83
C SER A 8 9.18 -2.45 2.38
N ASP A 9 9.27 -2.35 3.72
CA ASP A 9 10.54 -2.29 4.46
C ASP A 9 11.11 -3.70 4.72
N ASP A 10 10.22 -4.64 5.08
CA ASP A 10 10.61 -6.02 5.45
C ASP A 10 10.60 -6.94 4.21
N GLN A 11 11.66 -7.77 4.07
CA GLN A 11 11.88 -8.64 2.90
C GLN A 11 10.89 -9.83 2.85
N GLU A 12 10.60 -10.45 4.02
CA GLU A 12 9.67 -11.62 4.12
C GLU A 12 8.28 -11.24 3.58
N ILE A 13 7.90 -9.98 3.84
CA ILE A 13 6.66 -9.37 3.35
C ILE A 13 6.66 -9.32 1.79
N ILE A 14 7.73 -8.72 1.23
CA ILE A 14 7.90 -8.47 -0.22
C ILE A 14 7.77 -9.78 -1.02
N GLU A 15 8.46 -10.84 -0.51
CA GLU A 15 8.55 -12.16 -1.18
C GLU A 15 7.18 -12.85 -1.27
N GLU A 16 6.42 -12.84 -0.15
CA GLU A 16 5.11 -13.50 -0.03
C GLU A 16 4.05 -12.87 -0.94
N VAL A 17 4.05 -11.53 -1.00
CA VAL A 17 3.13 -10.76 -1.84
C VAL A 17 3.50 -10.88 -3.33
N SER A 18 4.82 -10.90 -3.62
CA SER A 18 5.35 -11.07 -4.99
C SER A 18 5.01 -12.47 -5.54
N LYS A 19 5.01 -13.47 -4.63
CA LYS A 19 4.65 -14.85 -4.95
C LYS A 19 3.15 -14.94 -5.30
N LYS A 20 2.31 -14.23 -4.53
CA LYS A 20 0.87 -14.12 -4.81
C LYS A 20 0.61 -13.37 -6.13
N ALA A 21 1.42 -12.32 -6.40
CA ALA A 21 1.34 -11.53 -7.65
C ALA A 21 1.65 -12.41 -8.88
N GLU A 22 2.50 -13.42 -8.66
CA GLU A 22 2.88 -14.41 -9.69
C GLU A 22 1.71 -15.39 -9.98
N GLU A 23 1.21 -16.04 -8.92
CA GLU A 23 0.15 -17.06 -9.01
C GLU A 23 -1.18 -16.49 -9.55
N GLU A 24 -1.58 -15.33 -9.04
CA GLU A 24 -2.80 -14.63 -9.49
C GLU A 24 -2.59 -13.96 -10.86
N GLY A 25 -1.31 -13.68 -11.19
CA GLY A 25 -0.95 -13.00 -12.44
C GLY A 25 -1.22 -11.49 -12.39
N TYR A 26 -1.08 -10.90 -11.18
CA TYR A 26 -1.14 -9.45 -10.99
C TYR A 26 0.13 -8.78 -11.54
N ASP A 27 -0.02 -7.62 -12.19
CA ASP A 27 1.13 -6.79 -12.65
C ASP A 27 1.54 -5.84 -11.50
N ILE A 28 2.41 -6.36 -10.61
CA ILE A 28 2.93 -5.60 -9.46
C ILE A 28 4.46 -5.44 -9.59
N GLN A 29 4.94 -4.19 -9.44
CA GLN A 29 6.37 -3.90 -9.25
C GLN A 29 6.63 -3.86 -7.73
N THR A 30 7.42 -4.81 -7.22
CA THR A 30 7.77 -4.87 -5.78
C THR A 30 9.14 -4.19 -5.57
N SER A 31 9.31 -3.54 -4.40
CA SER A 31 10.53 -2.78 -4.07
C SER A 31 10.65 -2.57 -2.56
N ASN A 32 11.87 -2.23 -2.12
CA ASN A 32 12.19 -1.87 -0.73
C ASN A 32 12.58 -0.39 -0.66
N ASP A 33 13.46 0.00 -1.59
CA ASP A 33 13.99 1.37 -1.71
C ASP A 33 12.90 2.35 -2.21
N LYS A 34 12.30 3.07 -1.23
CA LYS A 34 11.12 3.94 -1.44
C LYS A 34 11.39 5.13 -2.36
N LYS A 35 12.63 5.66 -2.34
CA LYS A 35 13.00 6.88 -3.08
C LYS A 35 13.00 6.62 -4.61
N GLU A 36 13.15 5.33 -4.98
CA GLU A 36 12.99 4.86 -6.36
C GLU A 36 11.50 5.00 -6.80
N ILE A 37 10.61 4.60 -5.88
CA ILE A 37 9.15 4.55 -6.11
C ILE A 37 8.50 5.95 -6.04
N ILE A 38 9.05 6.80 -5.14
CA ILE A 38 8.65 8.21 -4.97
C ILE A 38 8.86 8.97 -6.30
N ASP A 39 9.93 8.58 -7.03
CA ASP A 39 10.27 9.15 -8.34
C ASP A 39 9.15 8.87 -9.37
N ARG A 40 8.54 7.68 -9.29
CA ARG A 40 7.47 7.24 -10.20
C ARG A 40 6.10 7.82 -9.79
N LEU A 41 5.98 8.16 -8.50
CA LEU A 41 4.84 8.96 -7.97
C LEU A 41 4.95 10.42 -8.46
N LYS A 42 6.20 10.90 -8.64
CA LYS A 42 6.52 12.22 -9.26
C LYS A 42 6.20 12.21 -10.76
N ARG A 43 6.32 11.02 -11.38
CA ARG A 43 5.95 10.81 -12.79
C ARG A 43 4.42 10.68 -12.95
N ARG A 44 3.70 10.45 -11.82
CA ARG A 44 2.24 10.18 -11.79
C ARG A 44 1.89 8.91 -12.61
N ASN A 45 2.88 7.99 -12.76
CA ASN A 45 2.75 6.80 -13.62
C ASN A 45 2.43 5.52 -12.81
N ILE A 46 2.09 5.70 -11.53
CA ILE A 46 1.60 4.61 -10.65
C ILE A 46 0.09 4.82 -10.40
N ASP A 47 -0.71 3.75 -10.63
CA ASP A 47 -2.18 3.81 -10.48
C ASP A 47 -2.57 3.61 -9.02
N MET A 48 -1.98 2.58 -8.40
CA MET A 48 -2.22 2.22 -7.01
C MET A 48 -0.93 1.69 -6.39
N ILE A 49 -0.65 2.11 -5.15
CA ILE A 49 0.58 1.79 -4.43
C ILE A 49 0.23 1.29 -3.02
N ILE A 50 1.03 0.35 -2.51
CA ILE A 50 0.88 -0.25 -1.18
C ILE A 50 2.20 -0.05 -0.43
N VAL A 51 2.14 0.43 0.83
CA VAL A 51 3.33 0.66 1.67
C VAL A 51 3.17 -0.12 2.97
N LYS A 52 3.97 -1.18 3.16
CA LYS A 52 4.01 -1.96 4.39
C LYS A 52 5.33 -1.68 5.14
N THR A 53 5.20 -0.93 6.23
CA THR A 53 6.30 -0.62 7.15
C THR A 53 5.66 -0.42 8.55
N GLU A 54 6.36 0.23 9.49
CA GLU A 54 5.84 0.51 10.84
C GLU A 54 6.42 1.87 11.32
N ASP A 55 6.61 2.79 10.35
CA ASP A 55 7.16 4.14 10.62
C ASP A 55 6.30 5.19 9.90
N LYS A 56 5.61 6.03 10.70
CA LYS A 56 4.65 7.05 10.21
C LYS A 56 5.31 8.06 9.25
N GLU A 57 6.61 8.33 9.47
CA GLU A 57 7.36 9.37 8.75
C GLU A 57 7.57 8.97 7.28
N SER A 58 8.03 7.72 7.08
CA SER A 58 8.28 7.15 5.75
C SER A 58 6.95 6.95 4.98
N ILE A 59 5.92 6.51 5.72
CA ILE A 59 4.53 6.42 5.22
C ILE A 59 4.06 7.79 4.66
N SER A 60 4.31 8.84 5.47
CA SER A 60 3.85 10.22 5.22
C SER A 60 4.41 10.77 3.89
N GLU A 61 5.66 10.39 3.55
CA GLU A 61 6.35 10.86 2.33
C GLU A 61 5.62 10.38 1.05
N ILE A 62 5.31 9.07 1.03
CA ILE A 62 4.57 8.45 -0.08
C ILE A 62 3.17 9.09 -0.20
N ILE A 63 2.48 9.28 0.95
CA ILE A 63 1.13 9.86 0.99
C ILE A 63 1.13 11.28 0.38
N LYS A 64 2.18 12.08 0.68
CA LYS A 64 2.37 13.44 0.09
C LYS A 64 2.38 13.35 -1.45
N GLN A 65 3.17 12.38 -1.95
CA GLN A 65 3.32 12.13 -3.40
C GLN A 65 1.98 11.63 -4.02
N VAL A 66 1.18 10.89 -3.24
CA VAL A 66 -0.12 10.35 -3.68
C VAL A 66 -1.21 11.45 -3.60
N LEU A 67 -1.00 12.47 -2.75
CA LEU A 67 -1.91 13.64 -2.71
C LEU A 67 -1.73 14.48 -3.99
N ASP A 68 -0.48 14.51 -4.50
CA ASP A 68 -0.13 15.18 -5.77
C ASP A 68 -0.66 14.41 -7.01
N SER A 69 -0.58 13.06 -6.96
CA SER A 69 -0.96 12.20 -8.10
C SER A 69 -2.48 11.89 -8.11
N GLY A 70 -3.07 11.80 -6.91
CA GLY A 70 -4.48 11.41 -6.73
C GLY A 70 -4.71 9.92 -6.91
N ALA A 71 -3.65 9.11 -6.67
CA ALA A 71 -3.68 7.64 -6.86
C ALA A 71 -4.40 6.93 -5.69
N LYS A 72 -4.63 5.60 -5.82
CA LYS A 72 -5.14 4.77 -4.71
C LYS A 72 -3.92 4.34 -3.85
N VAL A 73 -3.93 4.70 -2.57
CA VAL A 73 -2.83 4.37 -1.64
C VAL A 73 -3.35 3.49 -0.50
N LEU A 74 -2.59 2.42 -0.23
CA LEU A 74 -2.84 1.52 0.88
C LEU A 74 -1.66 1.65 1.86
N ILE A 75 -1.98 1.85 3.14
CA ILE A 75 -1.00 1.95 4.21
C ILE A 75 -1.20 0.79 5.17
N LEU A 76 -0.25 -0.16 5.14
CA LEU A 76 -0.21 -1.31 6.03
C LEU A 76 0.88 -1.06 7.10
N SER A 77 0.49 -1.14 8.38
CA SER A 77 1.41 -0.99 9.52
C SER A 77 1.05 -2.01 10.58
N SER A 78 2.04 -2.49 11.32
CA SER A 78 1.86 -3.57 12.30
C SER A 78 1.35 -3.06 13.66
N ASP A 79 0.92 -1.77 13.72
CA ASP A 79 0.50 -1.11 14.97
C ASP A 79 -0.81 -0.33 14.73
N GLU A 80 -1.79 -0.56 15.63
CA GLU A 80 -3.13 0.06 15.58
C GLU A 80 -3.10 1.59 15.71
N ASN A 81 -2.16 2.11 16.52
CA ASN A 81 -2.08 3.55 16.85
C ASN A 81 -1.47 4.33 15.67
N ILE A 82 -0.53 3.68 14.94
CA ILE A 82 0.07 4.20 13.71
C ILE A 82 -0.99 4.30 12.60
N ILE A 83 -1.76 3.20 12.42
CA ILE A 83 -2.89 3.15 11.47
C ILE A 83 -3.90 4.27 11.77
N GLU A 84 -4.20 4.45 13.08
CA GLU A 84 -5.13 5.49 13.58
C GLU A 84 -4.60 6.90 13.28
N SER A 85 -3.28 7.10 13.45
CA SER A 85 -2.61 8.38 13.17
C SER A 85 -2.77 8.76 11.68
N ILE A 86 -2.57 7.78 10.80
CA ILE A 86 -2.65 7.98 9.35
C ILE A 86 -4.11 8.25 8.92
N ARG A 87 -5.09 7.67 9.64
CA ARG A 87 -6.53 7.87 9.37
C ARG A 87 -6.99 9.31 9.73
N LYS A 88 -6.51 9.84 10.89
CA LYS A 88 -6.97 11.16 11.39
C LYS A 88 -6.25 12.32 10.69
N GLN A 89 -4.95 12.13 10.38
CA GLN A 89 -4.15 13.13 9.63
C GLN A 89 -4.59 13.17 8.16
N TYR A 90 -4.86 11.99 7.57
CA TYR A 90 -5.25 11.84 6.16
C TYR A 90 -6.62 11.14 6.10
N PRO A 91 -7.74 11.90 5.86
CA PRO A 91 -9.11 11.31 5.90
C PRO A 91 -9.40 10.32 4.74
N LYS A 92 -8.80 10.57 3.57
CA LYS A 92 -9.13 9.85 2.31
C LYS A 92 -8.10 8.75 1.95
N VAL A 93 -7.23 8.37 2.89
CA VAL A 93 -6.26 7.27 2.68
C VAL A 93 -6.92 5.92 2.99
N GLU A 94 -6.54 4.84 2.28
CA GLU A 94 -6.95 3.47 2.63
C GLU A 94 -5.89 2.88 3.56
N THR A 95 -6.26 2.62 4.82
CA THR A 95 -5.36 2.00 5.80
C THR A 95 -5.92 0.66 6.26
N ARG A 96 -5.02 -0.23 6.68
CA ARG A 96 -5.37 -1.51 7.28
C ARG A 96 -4.14 -2.01 8.07
N ARG A 97 -4.35 -2.49 9.30
CA ARG A 97 -3.26 -3.12 10.07
C ARG A 97 -2.89 -4.45 9.43
N ALA A 98 -1.60 -4.71 9.37
CA ALA A 98 -1.04 -5.98 8.91
C ALA A 98 0.25 -6.22 9.70
N GLN A 99 0.30 -7.28 10.50
CA GLN A 99 1.50 -7.63 11.28
C GLN A 99 2.33 -8.68 10.53
N ASP A 100 1.68 -9.81 10.23
CA ASP A 100 2.31 -10.96 9.57
C ASP A 100 2.16 -10.86 8.04
N LYS A 101 3.03 -11.59 7.33
CA LYS A 101 3.12 -11.60 5.86
C LYS A 101 1.83 -12.12 5.18
N GLU A 102 1.14 -13.06 5.86
CA GLU A 102 -0.13 -13.64 5.39
C GLU A 102 -1.25 -12.59 5.41
N GLU A 103 -1.27 -11.77 6.49
CA GLU A 103 -2.20 -10.62 6.63
C GLU A 103 -1.98 -9.59 5.51
N VAL A 104 -0.70 -9.36 5.17
CA VAL A 104 -0.31 -8.37 4.15
C VAL A 104 -0.77 -8.80 2.75
N LYS A 105 -0.45 -10.04 2.34
CA LYS A 105 -0.75 -10.52 0.99
C LYS A 105 -2.26 -10.68 0.74
N ASP A 106 -3.02 -11.04 1.80
CA ASP A 106 -4.51 -11.03 1.74
C ASP A 106 -5.05 -9.59 1.59
N ALA A 107 -4.39 -8.64 2.27
CA ALA A 107 -4.73 -7.22 2.20
C ALA A 107 -4.50 -6.67 0.77
N VAL A 108 -3.37 -7.06 0.18
CA VAL A 108 -2.98 -6.68 -1.19
C VAL A 108 -3.99 -7.23 -2.20
N GLU A 109 -4.29 -8.54 -2.05
CA GLU A 109 -5.19 -9.28 -2.94
C GLU A 109 -6.58 -8.60 -3.03
N GLU A 110 -7.12 -8.22 -1.85
CA GLU A 110 -8.44 -7.56 -1.74
C GLU A 110 -8.41 -6.11 -2.25
N PHE A 111 -7.28 -5.42 -2.03
CA PHE A 111 -7.07 -4.02 -2.48
C PHE A 111 -7.16 -3.94 -4.01
N LEU A 112 -6.68 -5.01 -4.67
CA LEU A 112 -6.69 -5.12 -6.13
C LEU A 112 -8.05 -5.60 -6.69
N LYS A 113 -8.63 -6.67 -6.07
CA LYS A 113 -9.92 -7.25 -6.55
C LYS A 113 -11.08 -6.25 -6.41
N GLU A 114 -11.01 -5.39 -5.39
CA GLU A 114 -12.03 -4.36 -5.13
C GLU A 114 -11.60 -3.01 -5.73
N GLY A 115 -10.28 -2.85 -6.00
CA GLY A 115 -9.73 -1.60 -6.53
C GLY A 115 -9.64 -0.47 -5.50
N GLY A 116 -9.88 -0.82 -4.22
CA GLY A 116 -9.97 0.15 -3.14
C GLY A 116 -10.17 -0.54 -1.79
N SER A 117 -11.42 -0.50 -1.27
CA SER A 117 -11.77 -1.01 0.07
C SER A 117 -11.42 -2.50 0.28
N LEU A 118 -10.55 -2.76 1.27
CA LEU A 118 -10.09 -4.12 1.65
C LEU A 118 -11.07 -4.73 2.67
N GLU A 119 -11.68 -3.83 3.43
CA GLU A 119 -12.56 -4.13 4.57
C GLU A 119 -14.02 -3.77 4.22
N HIS A 120 -14.88 -3.63 5.26
CA HIS A 120 -16.35 -3.58 5.17
C HIS A 120 -16.87 -5.00 4.83
N HIS A 121 -16.53 -5.47 3.62
CA HIS A 121 -16.83 -6.85 3.17
C HIS A 121 -15.99 -7.88 3.95
N HIS A 122 -16.62 -9.02 4.29
CA HIS A 122 -15.99 -10.17 4.99
C HIS A 122 -15.50 -9.78 6.41
N HIS A 123 -16.11 -8.72 7.00
CA HIS A 123 -15.87 -8.33 8.40
C HIS A 123 -17.18 -8.48 9.19
N HIS A 124 -17.24 -9.54 10.02
CA HIS A 124 -18.45 -9.94 10.78
C HIS A 124 -18.83 -8.86 11.83
N HIS A 125 -19.76 -7.97 11.45
CA HIS A 125 -20.36 -6.96 12.37
C HIS A 125 -21.78 -7.44 12.78
N MET A 1 -2.28 3.19 -19.66
CA MET A 1 -1.01 3.02 -18.91
C MET A 1 -1.27 3.22 -17.41
N GLY A 2 -1.35 2.10 -16.68
CA GLY A 2 -1.44 2.11 -15.22
C GLY A 2 -0.20 1.45 -14.61
N LYS A 3 -0.20 1.30 -13.27
CA LYS A 3 0.95 0.78 -12.53
C LYS A 3 0.55 0.42 -11.09
N VAL A 4 0.55 -0.88 -10.77
CA VAL A 4 0.40 -1.38 -9.40
C VAL A 4 1.80 -1.59 -8.81
N VAL A 5 2.13 -0.87 -7.74
CA VAL A 5 3.40 -1.03 -7.00
C VAL A 5 3.12 -1.43 -5.57
N PHE A 6 3.85 -2.42 -5.06
CA PHE A 6 3.91 -2.72 -3.63
C PHE A 6 5.28 -2.30 -3.09
N LEU A 7 5.28 -1.35 -2.17
CA LEU A 7 6.46 -0.93 -1.43
C LEU A 7 6.41 -1.55 -0.02
N SER A 8 7.55 -2.05 0.47
CA SER A 8 7.70 -2.52 1.86
C SER A 8 9.17 -2.46 2.27
N ASP A 9 9.42 -2.49 3.57
CA ASP A 9 10.79 -2.56 4.13
C ASP A 9 11.12 -4.01 4.53
N ASP A 10 10.07 -4.73 4.91
CA ASP A 10 10.17 -6.06 5.50
C ASP A 10 10.35 -7.10 4.38
N GLN A 11 11.52 -7.78 4.37
CA GLN A 11 11.93 -8.69 3.27
C GLN A 11 10.88 -9.78 2.97
N GLU A 12 10.40 -10.48 4.04
CA GLU A 12 9.39 -11.56 3.91
C GLU A 12 8.15 -11.03 3.18
N ILE A 13 7.60 -9.95 3.73
CA ILE A 13 6.44 -9.21 3.18
C ILE A 13 6.56 -8.95 1.65
N ILE A 14 7.73 -8.40 1.23
CA ILE A 14 8.01 -8.10 -0.20
C ILE A 14 7.87 -9.38 -1.05
N GLU A 15 8.47 -10.47 -0.56
CA GLU A 15 8.48 -11.78 -1.24
C GLU A 15 7.10 -12.47 -1.18
N GLU A 16 6.30 -12.16 -0.16
CA GLU A 16 4.97 -12.77 0.05
C GLU A 16 3.95 -12.19 -0.92
N VAL A 17 3.99 -10.87 -1.09
CA VAL A 17 3.13 -10.15 -2.02
C VAL A 17 3.60 -10.35 -3.46
N SER A 18 4.92 -10.49 -3.66
CA SER A 18 5.53 -10.77 -4.96
C SER A 18 5.17 -12.19 -5.43
N LYS A 19 5.23 -13.15 -4.49
CA LYS A 19 4.84 -14.55 -4.75
C LYS A 19 3.36 -14.59 -5.15
N LYS A 20 2.52 -13.87 -4.40
CA LYS A 20 1.08 -13.78 -4.65
C LYS A 20 0.77 -13.01 -5.95
N ALA A 21 1.67 -12.07 -6.32
CA ALA A 21 1.57 -11.36 -7.60
C ALA A 21 1.70 -12.34 -8.78
N GLU A 22 2.65 -13.28 -8.66
CA GLU A 22 2.87 -14.33 -9.68
C GLU A 22 1.69 -15.32 -9.72
N GLU A 23 1.29 -15.82 -8.53
CA GLU A 23 0.21 -16.83 -8.36
C GLU A 23 -1.12 -16.36 -8.97
N GLU A 24 -1.52 -15.11 -8.65
CA GLU A 24 -2.76 -14.51 -9.16
C GLU A 24 -2.58 -13.95 -10.58
N GLY A 25 -1.31 -13.70 -10.96
CA GLY A 25 -0.98 -13.14 -12.27
C GLY A 25 -0.93 -11.61 -12.28
N TYR A 26 -1.06 -11.00 -11.07
CA TYR A 26 -1.03 -9.54 -10.90
C TYR A 26 0.36 -8.98 -11.27
N ASP A 27 0.42 -7.95 -12.12
CA ASP A 27 1.64 -7.19 -12.35
C ASP A 27 1.83 -6.19 -11.19
N ILE A 28 2.51 -6.62 -10.12
CA ILE A 28 2.83 -5.76 -8.95
C ILE A 28 4.35 -5.60 -8.84
N GLN A 29 4.84 -4.36 -8.98
CA GLN A 29 6.26 -4.04 -8.77
C GLN A 29 6.54 -4.00 -7.26
N THR A 30 7.24 -5.02 -6.76
CA THR A 30 7.58 -5.15 -5.34
C THR A 30 9.00 -4.63 -5.10
N SER A 31 9.13 -3.70 -4.15
CA SER A 31 10.35 -2.90 -3.96
C SER A 31 10.56 -2.54 -2.49
N ASN A 32 11.82 -2.20 -2.15
CA ASN A 32 12.21 -1.62 -0.84
C ASN A 32 12.72 -0.18 -1.06
N ASP A 33 12.90 0.18 -2.35
CA ASP A 33 13.45 1.47 -2.76
C ASP A 33 12.37 2.56 -2.63
N LYS A 34 12.14 3.01 -1.38
CA LYS A 34 11.12 4.01 -1.04
C LYS A 34 11.41 5.33 -1.79
N LYS A 35 12.72 5.65 -1.93
CA LYS A 35 13.20 6.88 -2.57
C LYS A 35 12.84 6.89 -4.07
N GLU A 36 13.04 5.74 -4.74
CA GLU A 36 12.70 5.57 -6.16
C GLU A 36 11.19 5.72 -6.36
N ILE A 37 10.42 5.06 -5.48
CA ILE A 37 8.96 5.02 -5.56
C ILE A 37 8.35 6.43 -5.38
N ILE A 38 8.90 7.21 -4.42
CA ILE A 38 8.51 8.63 -4.18
C ILE A 38 8.73 9.47 -5.46
N ASP A 39 9.86 9.19 -6.14
CA ASP A 39 10.27 9.85 -7.39
C ASP A 39 9.30 9.53 -8.54
N ARG A 40 8.85 8.27 -8.62
CA ARG A 40 7.91 7.80 -9.67
C ARG A 40 6.49 8.34 -9.42
N LEU A 41 6.18 8.58 -8.14
CA LEU A 41 4.93 9.23 -7.71
C LEU A 41 4.97 10.75 -8.03
N LYS A 42 6.18 11.36 -8.04
CA LYS A 42 6.39 12.76 -8.48
C LYS A 42 6.11 12.90 -9.98
N ARG A 43 6.36 11.81 -10.71
CA ARG A 43 6.08 11.71 -12.15
C ARG A 43 4.59 11.39 -12.40
N ARG A 44 3.90 10.91 -11.33
CA ARG A 44 2.50 10.43 -11.37
C ARG A 44 2.36 9.15 -12.22
N ASN A 45 3.50 8.44 -12.41
CA ASN A 45 3.60 7.23 -13.26
C ASN A 45 3.10 5.96 -12.54
N ILE A 46 2.64 6.10 -11.29
CA ILE A 46 2.07 4.99 -10.49
C ILE A 46 0.55 5.23 -10.30
N ASP A 47 -0.27 4.26 -10.73
CA ASP A 47 -1.75 4.36 -10.72
C ASP A 47 -2.33 3.98 -9.34
N MET A 48 -1.70 2.99 -8.71
CA MET A 48 -2.08 2.53 -7.37
C MET A 48 -0.87 1.89 -6.68
N ILE A 49 -0.77 2.10 -5.36
CA ILE A 49 0.36 1.66 -4.55
C ILE A 49 -0.12 1.16 -3.17
N ILE A 50 0.57 0.13 -2.64
CA ILE A 50 0.31 -0.42 -1.30
C ILE A 50 1.65 -0.48 -0.54
N VAL A 51 1.72 0.19 0.63
CA VAL A 51 2.96 0.31 1.45
C VAL A 51 2.80 -0.41 2.79
N LYS A 52 3.69 -1.39 3.08
CA LYS A 52 3.76 -2.07 4.39
C LYS A 52 5.11 -1.77 5.06
N THR A 53 5.06 -1.01 6.15
CA THR A 53 6.21 -0.74 7.03
C THR A 53 5.71 -0.02 8.31
N GLU A 54 6.58 0.04 9.33
CA GLU A 54 6.30 0.80 10.57
C GLU A 54 7.11 2.11 10.58
N ASP A 55 7.87 2.34 9.49
CA ASP A 55 8.64 3.58 9.26
C ASP A 55 7.62 4.68 8.89
N LYS A 56 7.12 5.36 9.93
CA LYS A 56 6.08 6.41 9.82
C LYS A 56 6.49 7.56 8.87
N GLU A 57 7.81 7.87 8.84
CA GLU A 57 8.37 8.93 8.00
C GLU A 57 8.16 8.61 6.51
N SER A 58 8.54 7.39 6.10
CA SER A 58 8.47 6.95 4.70
C SER A 58 7.01 6.86 4.23
N ILE A 59 6.16 6.21 5.07
CA ILE A 59 4.70 6.07 4.82
C ILE A 59 4.09 7.44 4.47
N SER A 60 4.40 8.42 5.34
CA SER A 60 3.93 9.80 5.22
C SER A 60 4.32 10.43 3.87
N GLU A 61 5.60 10.28 3.48
CA GLU A 61 6.14 10.89 2.24
C GLU A 61 5.42 10.35 1.01
N ILE A 62 5.31 8.99 0.92
CA ILE A 62 4.59 8.32 -0.18
C ILE A 62 3.15 8.87 -0.33
N ILE A 63 2.41 8.98 0.81
CA ILE A 63 1.00 9.44 0.81
C ILE A 63 0.90 10.88 0.27
N LYS A 64 1.84 11.75 0.69
CA LYS A 64 1.90 13.16 0.23
C LYS A 64 2.01 13.22 -1.30
N GLN A 65 2.84 12.32 -1.85
CA GLN A 65 3.02 12.18 -3.30
C GLN A 65 1.71 11.68 -3.96
N VAL A 66 1.02 10.73 -3.29
CA VAL A 66 -0.21 10.10 -3.80
C VAL A 66 -1.43 11.06 -3.71
N LEU A 67 -1.40 12.02 -2.77
CA LEU A 67 -2.43 13.07 -2.68
C LEU A 67 -2.34 13.96 -3.94
N ASP A 68 -1.09 14.26 -4.32
CA ASP A 68 -0.75 15.03 -5.54
C ASP A 68 -1.00 14.17 -6.81
N SER A 69 -0.79 12.84 -6.68
CA SER A 69 -0.81 11.90 -7.82
C SER A 69 -2.25 11.47 -8.18
N GLY A 70 -3.10 11.34 -7.16
CA GLY A 70 -4.47 10.85 -7.33
C GLY A 70 -4.54 9.33 -7.47
N ALA A 71 -3.56 8.61 -6.90
CA ALA A 71 -3.46 7.12 -7.00
C ALA A 71 -4.27 6.43 -5.88
N LYS A 72 -4.58 5.12 -6.04
CA LYS A 72 -5.23 4.32 -4.95
C LYS A 72 -4.14 3.80 -4.00
N VAL A 73 -4.13 4.32 -2.77
CA VAL A 73 -3.10 3.98 -1.76
C VAL A 73 -3.70 3.19 -0.59
N LEU A 74 -3.05 2.06 -0.28
CA LEU A 74 -3.35 1.24 0.91
C LEU A 74 -2.12 1.26 1.82
N ILE A 75 -2.34 1.69 3.07
CA ILE A 75 -1.29 1.72 4.09
C ILE A 75 -1.50 0.54 5.05
N LEU A 76 -0.42 -0.24 5.21
CA LEU A 76 -0.38 -1.41 6.08
C LEU A 76 0.77 -1.22 7.09
N SER A 77 0.48 -1.49 8.36
CA SER A 77 1.48 -1.44 9.45
C SER A 77 1.03 -2.43 10.53
N SER A 78 2.01 -3.03 11.21
CA SER A 78 1.75 -4.00 12.29
C SER A 78 1.12 -3.31 13.52
N ASP A 79 1.20 -1.96 13.56
CA ASP A 79 0.64 -1.16 14.66
C ASP A 79 -0.55 -0.28 14.16
N GLU A 80 -1.68 -0.37 14.88
CA GLU A 80 -2.94 0.30 14.53
C GLU A 80 -2.96 1.77 14.96
N ASN A 81 -2.01 2.20 15.79
CA ASN A 81 -1.89 3.61 16.23
C ASN A 81 -1.13 4.42 15.17
N ILE A 82 -0.19 3.74 14.47
CA ILE A 82 0.46 4.26 13.25
C ILE A 82 -0.61 4.38 12.15
N ILE A 83 -1.39 3.30 11.98
CA ILE A 83 -2.54 3.26 11.05
C ILE A 83 -3.56 4.38 11.37
N GLU A 84 -3.80 4.65 12.67
CA GLU A 84 -4.70 5.73 13.13
C GLU A 84 -4.11 7.11 12.80
N SER A 85 -2.79 7.27 12.99
CA SER A 85 -2.08 8.53 12.68
C SER A 85 -2.24 8.89 11.20
N ILE A 86 -2.17 7.85 10.36
CA ILE A 86 -2.34 7.96 8.91
C ILE A 86 -3.82 8.27 8.55
N ARG A 87 -4.77 7.69 9.31
CA ARG A 87 -6.22 7.93 9.13
C ARG A 87 -6.59 9.40 9.44
N LYS A 88 -6.05 9.94 10.54
CA LYS A 88 -6.49 11.26 11.08
C LYS A 88 -5.80 12.42 10.33
N GLN A 89 -4.54 12.22 9.91
CA GLN A 89 -3.81 13.20 9.07
C GLN A 89 -4.31 13.15 7.61
N TYR A 90 -4.67 11.95 7.15
CA TYR A 90 -5.14 11.70 5.78
C TYR A 90 -6.48 10.93 5.84
N PRO A 91 -7.66 11.63 5.84
CA PRO A 91 -8.97 10.95 5.99
C PRO A 91 -9.39 10.06 4.77
N LYS A 92 -8.87 10.38 3.57
CA LYS A 92 -9.27 9.70 2.32
C LYS A 92 -8.30 8.56 1.90
N VAL A 93 -7.40 8.15 2.80
CA VAL A 93 -6.50 6.99 2.54
C VAL A 93 -7.17 5.68 3.04
N GLU A 94 -6.98 4.58 2.28
CA GLU A 94 -7.38 3.25 2.76
C GLU A 94 -6.26 2.70 3.64
N THR A 95 -6.60 2.24 4.86
CA THR A 95 -5.62 1.72 5.83
C THR A 95 -6.10 0.39 6.42
N ARG A 96 -5.16 -0.41 6.91
CA ARG A 96 -5.43 -1.64 7.66
C ARG A 96 -4.19 -2.00 8.46
N ARG A 97 -4.37 -2.31 9.75
CA ARG A 97 -3.31 -2.88 10.57
C ARG A 97 -3.17 -4.37 10.23
N ALA A 98 -1.97 -4.74 9.77
CA ALA A 98 -1.67 -6.08 9.25
C ALA A 98 -0.29 -6.49 9.78
N GLN A 99 -0.30 -7.42 10.75
CA GLN A 99 0.89 -7.80 11.52
C GLN A 99 1.59 -9.00 10.87
N ASP A 100 0.76 -10.00 10.53
CA ASP A 100 1.21 -11.24 9.88
C ASP A 100 1.41 -10.99 8.38
N LYS A 101 2.42 -11.66 7.79
CA LYS A 101 2.73 -11.57 6.34
C LYS A 101 1.59 -12.15 5.48
N GLU A 102 0.86 -13.11 6.05
CA GLU A 102 -0.36 -13.67 5.43
C GLU A 102 -1.47 -12.59 5.37
N GLU A 103 -1.61 -11.80 6.46
CA GLU A 103 -2.59 -10.71 6.57
C GLU A 103 -2.27 -9.54 5.62
N VAL A 104 -0.97 -9.30 5.37
CA VAL A 104 -0.51 -8.22 4.48
C VAL A 104 -0.80 -8.56 3.01
N LYS A 105 -0.34 -9.74 2.56
CA LYS A 105 -0.53 -10.16 1.14
C LYS A 105 -2.03 -10.39 0.84
N ASP A 106 -2.79 -10.79 1.89
CA ASP A 106 -4.26 -10.85 1.85
C ASP A 106 -4.88 -9.46 1.60
N ALA A 107 -4.38 -8.44 2.35
CA ALA A 107 -4.88 -7.05 2.26
C ALA A 107 -4.61 -6.45 0.87
N VAL A 108 -3.45 -6.84 0.29
CA VAL A 108 -3.06 -6.44 -1.07
C VAL A 108 -4.04 -7.06 -2.10
N GLU A 109 -4.11 -8.40 -2.07
CA GLU A 109 -4.96 -9.23 -2.96
C GLU A 109 -6.41 -8.70 -3.03
N GLU A 110 -6.95 -8.45 -1.82
CA GLU A 110 -8.30 -7.97 -1.58
C GLU A 110 -8.52 -6.59 -2.21
N PHE A 111 -7.60 -5.65 -1.91
CA PHE A 111 -7.65 -4.24 -2.39
C PHE A 111 -7.70 -4.19 -3.93
N LEU A 112 -7.04 -5.16 -4.57
CA LEU A 112 -6.96 -5.29 -6.03
C LEU A 112 -8.26 -5.88 -6.62
N LYS A 113 -8.85 -6.88 -5.93
CA LYS A 113 -10.15 -7.49 -6.36
C LYS A 113 -11.32 -6.51 -6.12
N GLU A 114 -11.16 -5.64 -5.12
CA GLU A 114 -12.14 -4.60 -4.76
C GLU A 114 -11.87 -3.28 -5.50
N GLY A 115 -10.91 -3.32 -6.45
CA GLY A 115 -10.60 -2.17 -7.30
C GLY A 115 -9.57 -1.24 -6.69
N GLY A 116 -9.94 -0.62 -5.57
CA GLY A 116 -9.05 0.29 -4.86
C GLY A 116 -9.66 0.80 -3.57
N SER A 117 -10.28 -0.13 -2.81
CA SER A 117 -10.93 0.17 -1.52
C SER A 117 -11.05 -1.11 -0.70
N LEU A 118 -10.67 -1.06 0.59
CA LEU A 118 -10.91 -2.18 1.53
C LEU A 118 -12.37 -2.18 2.01
N GLU A 119 -13.09 -1.06 1.79
CA GLU A 119 -14.54 -1.01 2.04
C GLU A 119 -15.22 -2.08 1.18
N HIS A 120 -15.61 -3.18 1.85
CA HIS A 120 -16.01 -4.42 1.21
C HIS A 120 -17.35 -4.26 0.47
N HIS A 121 -17.46 -4.95 -0.67
CA HIS A 121 -18.68 -4.96 -1.49
C HIS A 121 -19.66 -6.01 -0.93
N HIS A 122 -20.11 -5.74 0.31
CA HIS A 122 -20.98 -6.63 1.07
C HIS A 122 -22.44 -6.25 0.80
N HIS A 123 -22.91 -6.59 -0.41
CA HIS A 123 -24.31 -6.35 -0.81
C HIS A 123 -25.17 -7.60 -0.55
N HIS A 124 -24.53 -8.78 -0.45
CA HIS A 124 -25.22 -10.03 -0.05
C HIS A 124 -25.61 -9.96 1.43
N HIS A 125 -26.91 -10.06 1.69
CA HIS A 125 -27.47 -10.09 3.05
C HIS A 125 -28.53 -11.22 3.12
N MET A 1 -2.41 4.54 -16.31
CA MET A 1 -2.13 3.12 -16.66
C MET A 1 -2.85 2.20 -15.66
N GLY A 2 -2.34 0.96 -15.46
CA GLY A 2 -2.82 0.04 -14.43
C GLY A 2 -1.68 -0.45 -13.55
N LYS A 3 -0.75 0.47 -13.23
CA LYS A 3 0.48 0.20 -12.45
C LYS A 3 0.19 0.13 -10.94
N VAL A 4 0.25 -1.09 -10.39
CA VAL A 4 0.32 -1.30 -8.93
C VAL A 4 1.80 -1.40 -8.54
N VAL A 5 2.20 -0.70 -7.47
CA VAL A 5 3.55 -0.78 -6.89
C VAL A 5 3.46 -1.10 -5.39
N PHE A 6 4.16 -2.15 -4.96
CA PHE A 6 4.26 -2.51 -3.53
C PHE A 6 5.63 -2.06 -2.96
N LEU A 7 5.60 -1.10 -2.05
CA LEU A 7 6.76 -0.75 -1.21
C LEU A 7 6.61 -1.50 0.14
N SER A 8 7.74 -1.88 0.75
CA SER A 8 7.76 -2.52 2.09
C SER A 8 9.11 -2.27 2.78
N ASP A 9 9.18 -2.64 4.05
CA ASP A 9 10.39 -2.58 4.89
C ASP A 9 10.94 -3.99 5.14
N ASP A 10 10.02 -4.98 5.26
CA ASP A 10 10.38 -6.38 5.56
C ASP A 10 10.48 -7.17 4.24
N GLN A 11 11.60 -7.91 4.07
CA GLN A 11 11.84 -8.76 2.88
C GLN A 11 10.83 -9.93 2.78
N GLU A 12 10.49 -10.54 3.96
CA GLU A 12 9.47 -11.61 4.07
C GLU A 12 8.15 -11.18 3.39
N ILE A 13 7.67 -9.99 3.81
CA ILE A 13 6.47 -9.35 3.28
C ILE A 13 6.52 -9.22 1.73
N ILE A 14 7.65 -8.65 1.21
CA ILE A 14 7.86 -8.38 -0.23
C ILE A 14 7.65 -9.66 -1.06
N GLU A 15 8.26 -10.76 -0.56
CA GLU A 15 8.26 -12.07 -1.24
C GLU A 15 6.87 -12.73 -1.23
N GLU A 16 6.07 -12.47 -0.17
CA GLU A 16 4.71 -13.03 -0.03
C GLU A 16 3.71 -12.32 -0.97
N VAL A 17 3.87 -11.01 -1.11
CA VAL A 17 3.02 -10.19 -2.00
C VAL A 17 3.37 -10.50 -3.47
N SER A 18 4.68 -10.73 -3.74
CA SER A 18 5.16 -11.15 -5.08
C SER A 18 4.72 -12.59 -5.41
N LYS A 19 4.69 -13.46 -4.37
CA LYS A 19 4.20 -14.84 -4.46
C LYS A 19 2.73 -14.87 -4.91
N LYS A 20 1.89 -14.10 -4.21
CA LYS A 20 0.46 -13.99 -4.51
C LYS A 20 0.22 -13.23 -5.83
N ALA A 21 1.10 -12.25 -6.14
CA ALA A 21 1.04 -11.51 -7.43
C ALA A 21 1.26 -12.45 -8.62
N GLU A 22 2.15 -13.44 -8.43
CA GLU A 22 2.49 -14.45 -9.43
C GLU A 22 1.28 -15.39 -9.68
N GLU A 23 0.77 -15.98 -8.57
CA GLU A 23 -0.33 -16.96 -8.58
C GLU A 23 -1.65 -16.36 -9.09
N GLU A 24 -1.91 -15.10 -8.73
CA GLU A 24 -3.16 -14.39 -9.08
C GLU A 24 -3.04 -13.61 -10.40
N GLY A 25 -1.81 -13.52 -10.95
CA GLY A 25 -1.56 -12.79 -12.20
C GLY A 25 -1.70 -11.28 -12.06
N TYR A 26 -1.39 -10.76 -10.86
CA TYR A 26 -1.40 -9.33 -10.56
C TYR A 26 -0.15 -8.63 -11.13
N ASP A 27 -0.36 -7.48 -11.75
CA ASP A 27 0.70 -6.53 -12.11
C ASP A 27 1.09 -5.73 -10.86
N ILE A 28 2.21 -6.09 -10.23
CA ILE A 28 2.77 -5.34 -9.07
C ILE A 28 4.29 -5.18 -9.26
N GLN A 29 4.81 -3.99 -8.97
CA GLN A 29 6.25 -3.71 -8.94
C GLN A 29 6.67 -3.55 -7.46
N THR A 30 7.50 -4.48 -6.97
CA THR A 30 7.89 -4.51 -5.55
C THR A 30 9.25 -3.80 -5.32
N SER A 31 9.41 -3.16 -4.15
CA SER A 31 10.62 -2.39 -3.80
C SER A 31 10.74 -2.21 -2.27
N ASN A 32 11.93 -1.78 -1.84
CA ASN A 32 12.31 -1.54 -0.43
C ASN A 32 12.83 -0.09 -0.23
N ASP A 33 12.98 0.66 -1.33
CA ASP A 33 13.57 2.02 -1.30
C ASP A 33 12.47 3.09 -1.44
N LYS A 34 12.24 3.85 -0.35
CA LYS A 34 11.17 4.87 -0.27
C LYS A 34 11.32 5.96 -1.37
N LYS A 35 12.58 6.40 -1.64
CA LYS A 35 12.85 7.59 -2.48
C LYS A 35 12.77 7.22 -3.97
N GLU A 36 12.97 5.92 -4.26
CA GLU A 36 12.66 5.31 -5.57
C GLU A 36 11.20 5.56 -5.89
N ILE A 37 10.36 5.12 -4.94
CA ILE A 37 8.91 5.11 -5.06
C ILE A 37 8.32 6.53 -5.16
N ILE A 38 8.82 7.43 -4.29
CA ILE A 38 8.40 8.85 -4.23
C ILE A 38 8.64 9.54 -5.60
N ASP A 39 9.79 9.23 -6.22
CA ASP A 39 10.19 9.81 -7.51
C ASP A 39 9.28 9.30 -8.64
N ARG A 40 8.82 8.04 -8.54
CA ARG A 40 7.95 7.39 -9.53
C ARG A 40 6.50 7.89 -9.41
N LEU A 41 6.12 8.27 -8.17
CA LEU A 41 4.86 8.98 -7.88
C LEU A 41 4.89 10.36 -8.57
N LYS A 42 6.08 11.02 -8.53
CA LYS A 42 6.32 12.33 -9.21
C LYS A 42 6.24 12.19 -10.74
N ARG A 43 6.67 11.02 -11.27
CA ARG A 43 6.60 10.69 -12.71
C ARG A 43 5.13 10.44 -13.16
N ARG A 44 4.22 10.32 -12.15
CA ARG A 44 2.79 10.02 -12.33
C ARG A 44 2.60 8.58 -12.87
N ASN A 45 3.64 7.74 -12.66
CA ASN A 45 3.71 6.37 -13.19
C ASN A 45 2.91 5.37 -12.34
N ILE A 46 2.67 5.70 -11.06
CA ILE A 46 2.02 4.78 -10.11
C ILE A 46 0.54 5.16 -9.94
N ASP A 47 -0.35 4.23 -10.33
CA ASP A 47 -1.83 4.44 -10.33
C ASP A 47 -2.43 4.03 -8.99
N MET A 48 -1.85 3.00 -8.38
CA MET A 48 -2.22 2.52 -7.05
C MET A 48 -1.00 1.87 -6.39
N ILE A 49 -0.87 2.05 -5.08
CA ILE A 49 0.33 1.68 -4.33
C ILE A 49 -0.06 1.12 -2.94
N ILE A 50 0.76 0.19 -2.44
CA ILE A 50 0.58 -0.44 -1.12
C ILE A 50 1.94 -0.43 -0.40
N VAL A 51 2.01 0.23 0.79
CA VAL A 51 3.26 0.39 1.57
C VAL A 51 3.15 -0.32 2.93
N LYS A 52 4.05 -1.30 3.19
CA LYS A 52 4.14 -1.99 4.48
C LYS A 52 5.41 -1.52 5.24
N THR A 53 5.22 -0.68 6.26
CA THR A 53 6.31 -0.22 7.15
C THR A 53 5.74 0.49 8.38
N GLU A 54 6.57 0.61 9.41
CA GLU A 54 6.24 1.35 10.66
C GLU A 54 6.91 2.73 10.68
N ASP A 55 7.75 3.03 9.67
CA ASP A 55 8.41 4.34 9.57
C ASP A 55 7.39 5.37 9.03
N LYS A 56 6.78 6.10 9.96
CA LYS A 56 5.71 7.07 9.68
C LYS A 56 6.15 8.21 8.74
N GLU A 57 7.46 8.54 8.77
CA GLU A 57 8.04 9.58 7.91
C GLU A 57 7.96 9.15 6.43
N SER A 58 8.29 7.86 6.16
CA SER A 58 8.22 7.28 4.80
C SER A 58 6.78 7.28 4.31
N ILE A 59 5.89 6.72 5.15
CA ILE A 59 4.46 6.57 4.86
C ILE A 59 3.83 7.93 4.46
N SER A 60 4.14 8.96 5.28
CA SER A 60 3.67 10.34 5.08
C SER A 60 4.06 10.86 3.68
N GLU A 61 5.37 10.78 3.35
CA GLU A 61 5.92 11.32 2.09
C GLU A 61 5.35 10.62 0.85
N ILE A 62 5.19 9.28 0.93
CA ILE A 62 4.56 8.49 -0.13
C ILE A 62 3.13 9.02 -0.38
N ILE A 63 2.30 9.04 0.69
CA ILE A 63 0.86 9.41 0.58
C ILE A 63 0.69 10.83 0.04
N LYS A 64 1.59 11.75 0.44
CA LYS A 64 1.61 13.12 -0.06
C LYS A 64 1.76 13.12 -1.58
N GLN A 65 2.71 12.31 -2.09
CA GLN A 65 2.97 12.19 -3.53
C GLN A 65 1.88 11.35 -4.25
N VAL A 66 1.11 10.57 -3.47
CA VAL A 66 -0.08 9.85 -3.98
C VAL A 66 -1.26 10.83 -4.13
N LEU A 67 -1.35 11.81 -3.22
CA LEU A 67 -2.36 12.89 -3.28
C LEU A 67 -2.01 13.82 -4.46
N ASP A 68 -0.69 14.00 -4.67
CA ASP A 68 -0.12 14.68 -5.85
C ASP A 68 -0.47 13.92 -7.15
N SER A 69 -0.44 12.58 -7.11
CA SER A 69 -0.81 11.73 -8.25
C SER A 69 -2.34 11.65 -8.44
N GLY A 70 -3.08 11.80 -7.33
CA GLY A 70 -4.50 11.49 -7.32
C GLY A 70 -4.74 9.99 -7.50
N ALA A 71 -3.90 9.20 -6.82
CA ALA A 71 -3.86 7.73 -6.95
C ALA A 71 -4.49 7.05 -5.72
N LYS A 72 -4.64 5.71 -5.76
CA LYS A 72 -5.12 4.91 -4.61
C LYS A 72 -3.90 4.47 -3.78
N VAL A 73 -4.03 4.48 -2.45
CA VAL A 73 -2.97 4.06 -1.54
C VAL A 73 -3.53 3.22 -0.38
N LEU A 74 -2.85 2.10 -0.11
CA LEU A 74 -3.11 1.20 1.02
C LEU A 74 -1.87 1.20 1.90
N ILE A 75 -2.04 1.53 3.19
CA ILE A 75 -0.95 1.48 4.18
C ILE A 75 -1.17 0.30 5.13
N LEU A 76 -0.24 -0.64 5.11
CA LEU A 76 -0.22 -1.79 6.00
C LEU A 76 0.92 -1.59 7.00
N SER A 77 0.64 -1.84 8.28
CA SER A 77 1.63 -1.73 9.35
C SER A 77 1.20 -2.61 10.51
N SER A 78 2.20 -3.25 11.14
CA SER A 78 1.99 -4.09 12.33
C SER A 78 1.35 -3.29 13.48
N ASP A 79 1.76 -2.02 13.60
CA ASP A 79 1.33 -1.14 14.70
C ASP A 79 0.04 -0.36 14.32
N GLU A 80 -1.00 -0.54 15.15
CA GLU A 80 -2.35 0.04 14.94
C GLU A 80 -2.37 1.56 15.18
N ASN A 81 -1.42 2.07 16.01
CA ASN A 81 -1.37 3.49 16.37
C ASN A 81 -0.89 4.29 15.16
N ILE A 82 0.02 3.67 14.38
CA ILE A 82 0.52 4.20 13.11
C ILE A 82 -0.62 4.18 12.08
N ILE A 83 -1.27 3.02 11.93
CA ILE A 83 -2.42 2.82 11.01
C ILE A 83 -3.52 3.89 11.20
N GLU A 84 -3.90 4.12 12.45
CA GLU A 84 -4.94 5.08 12.82
C GLU A 84 -4.43 6.54 12.77
N SER A 85 -3.11 6.73 12.99
CA SER A 85 -2.46 8.07 12.84
C SER A 85 -2.52 8.50 11.36
N ILE A 86 -2.30 7.53 10.48
CA ILE A 86 -2.30 7.73 9.04
C ILE A 86 -3.74 7.99 8.52
N ARG A 87 -4.75 7.37 9.18
CA ARG A 87 -6.17 7.63 8.86
C ARG A 87 -6.61 9.05 9.30
N LYS A 88 -6.22 9.49 10.53
CA LYS A 88 -6.66 10.80 11.08
C LYS A 88 -5.98 11.97 10.34
N GLN A 89 -4.73 11.75 9.89
CA GLN A 89 -3.99 12.73 9.05
C GLN A 89 -4.54 12.73 7.61
N TYR A 90 -4.78 11.52 7.07
CA TYR A 90 -5.20 11.33 5.67
C TYR A 90 -6.54 10.56 5.63
N PRO A 91 -7.70 11.27 5.51
CA PRO A 91 -9.03 10.60 5.42
C PRO A 91 -9.18 9.67 4.20
N LYS A 92 -8.53 10.05 3.08
CA LYS A 92 -8.70 9.37 1.77
C LYS A 92 -7.91 8.06 1.63
N VAL A 93 -6.96 7.76 2.55
CA VAL A 93 -6.17 6.51 2.50
C VAL A 93 -6.95 5.35 3.17
N GLU A 94 -6.88 4.16 2.56
CA GLU A 94 -7.27 2.89 3.20
C GLU A 94 -6.04 2.34 3.93
N THR A 95 -6.16 2.07 5.23
CA THR A 95 -5.07 1.47 6.03
C THR A 95 -5.59 0.19 6.68
N ARG A 96 -4.68 -0.67 7.13
CA ARG A 96 -5.03 -1.92 7.81
C ARG A 96 -3.86 -2.43 8.65
N ARG A 97 -4.15 -2.73 9.92
CA ARG A 97 -3.23 -3.40 10.83
C ARG A 97 -2.92 -4.81 10.28
N ALA A 98 -1.66 -5.04 9.95
CA ALA A 98 -1.20 -6.33 9.41
C ALA A 98 0.12 -6.67 10.10
N GLN A 99 0.03 -7.58 11.07
CA GLN A 99 1.17 -7.99 11.92
C GLN A 99 1.85 -9.23 11.35
N ASP A 100 1.30 -9.78 10.26
CA ASP A 100 1.83 -10.99 9.62
C ASP A 100 1.81 -10.81 8.09
N LYS A 101 2.71 -11.54 7.42
CA LYS A 101 2.92 -11.48 5.95
C LYS A 101 1.72 -12.06 5.17
N GLU A 102 0.99 -12.98 5.83
CA GLU A 102 -0.23 -13.58 5.29
C GLU A 102 -1.32 -12.51 5.19
N GLU A 103 -1.50 -11.80 6.31
CA GLU A 103 -2.46 -10.68 6.42
C GLU A 103 -2.18 -9.56 5.40
N VAL A 104 -0.89 -9.34 5.09
CA VAL A 104 -0.46 -8.31 4.13
C VAL A 104 -0.84 -8.70 2.70
N LYS A 105 -0.39 -9.87 2.23
CA LYS A 105 -0.61 -10.32 0.84
C LYS A 105 -2.11 -10.47 0.53
N ASP A 106 -2.89 -10.90 1.55
CA ASP A 106 -4.36 -10.95 1.48
C ASP A 106 -4.96 -9.54 1.31
N ALA A 107 -4.47 -8.57 2.12
CA ALA A 107 -4.94 -7.17 2.07
C ALA A 107 -4.67 -6.54 0.70
N VAL A 108 -3.53 -6.94 0.10
CA VAL A 108 -3.13 -6.57 -1.26
C VAL A 108 -4.17 -7.10 -2.26
N GLU A 109 -4.44 -8.42 -2.17
CA GLU A 109 -5.34 -9.14 -3.09
C GLU A 109 -6.75 -8.52 -3.13
N GLU A 110 -7.36 -8.38 -1.94
CA GLU A 110 -8.69 -7.78 -1.77
C GLU A 110 -8.77 -6.33 -2.29
N PHE A 111 -7.66 -5.57 -2.11
CA PHE A 111 -7.58 -4.16 -2.54
C PHE A 111 -7.55 -4.06 -4.08
N LEU A 112 -6.87 -5.03 -4.72
CA LEU A 112 -6.68 -5.06 -6.18
C LEU A 112 -7.94 -5.57 -6.92
N LYS A 113 -8.72 -6.47 -6.28
CA LYS A 113 -9.96 -7.02 -6.88
C LYS A 113 -11.04 -5.91 -6.97
N GLU A 114 -11.09 -5.06 -5.93
CA GLU A 114 -12.01 -3.91 -5.87
C GLU A 114 -11.42 -2.68 -6.57
N GLY A 115 -10.08 -2.64 -6.72
CA GLY A 115 -9.39 -1.55 -7.41
C GLY A 115 -9.08 -0.34 -6.51
N GLY A 116 -9.69 -0.29 -5.31
CA GLY A 116 -9.46 0.80 -4.36
C GLY A 116 -10.30 0.69 -3.12
N SER A 117 -10.52 -0.56 -2.64
CA SER A 117 -11.29 -0.85 -1.41
C SER A 117 -10.78 -2.14 -0.77
N LEU A 118 -10.60 -2.11 0.55
CA LEU A 118 -10.27 -3.31 1.35
C LEU A 118 -11.53 -4.14 1.63
N GLU A 119 -11.33 -5.24 2.37
CA GLU A 119 -12.42 -5.98 3.04
C GLU A 119 -13.02 -5.11 4.18
N HIS A 120 -12.17 -4.18 4.71
CA HIS A 120 -12.59 -3.07 5.58
C HIS A 120 -13.71 -2.26 4.91
N HIS A 121 -13.50 -1.91 3.64
CA HIS A 121 -14.47 -1.12 2.84
C HIS A 121 -15.21 -2.06 1.88
N HIS A 122 -15.83 -3.11 2.47
CA HIS A 122 -16.70 -4.07 1.75
C HIS A 122 -17.94 -3.35 1.18
N HIS A 123 -18.37 -2.31 1.91
CA HIS A 123 -19.50 -1.46 1.54
C HIS A 123 -19.17 0.01 1.91
N HIS A 124 -20.14 0.92 1.74
CA HIS A 124 -20.01 2.35 2.11
C HIS A 124 -20.53 2.56 3.55
N HIS A 125 -19.94 3.54 4.27
CA HIS A 125 -20.34 3.87 5.66
C HIS A 125 -21.58 4.79 5.64
N MET A 1 -1.99 -0.53 -18.44
CA MET A 1 -0.75 0.15 -17.96
C MET A 1 -0.96 0.77 -16.56
N GLY A 2 -2.04 0.36 -15.87
CA GLY A 2 -2.30 0.75 -14.49
C GLY A 2 -1.27 0.14 -13.55
N LYS A 3 -0.20 0.91 -13.29
CA LYS A 3 0.98 0.42 -12.58
C LYS A 3 0.69 0.18 -11.09
N VAL A 4 0.55 -1.10 -10.72
CA VAL A 4 0.45 -1.54 -9.33
C VAL A 4 1.88 -1.72 -8.81
N VAL A 5 2.22 -1.03 -7.71
CA VAL A 5 3.55 -1.12 -7.08
C VAL A 5 3.39 -1.46 -5.60
N PHE A 6 4.04 -2.55 -5.16
CA PHE A 6 4.16 -2.89 -3.73
C PHE A 6 5.51 -2.42 -3.21
N LEU A 7 5.49 -1.41 -2.35
CA LEU A 7 6.65 -0.94 -1.60
C LEU A 7 6.62 -1.59 -0.20
N SER A 8 7.80 -2.01 0.31
CA SER A 8 7.95 -2.52 1.69
C SER A 8 9.43 -2.51 2.08
N ASP A 9 9.69 -2.57 3.39
CA ASP A 9 11.06 -2.68 3.95
C ASP A 9 11.33 -4.14 4.33
N ASP A 10 10.26 -4.82 4.73
CA ASP A 10 10.29 -6.19 5.26
C ASP A 10 10.40 -7.18 4.08
N GLN A 11 11.55 -7.90 4.01
CA GLN A 11 11.87 -8.81 2.89
C GLN A 11 10.86 -9.97 2.74
N GLU A 12 10.60 -10.70 3.84
CA GLU A 12 9.76 -11.92 3.83
C GLU A 12 8.28 -11.59 3.54
N ILE A 13 7.92 -10.31 3.79
CA ILE A 13 6.62 -9.76 3.41
C ILE A 13 6.54 -9.65 1.87
N ILE A 14 7.59 -9.02 1.27
CA ILE A 14 7.69 -8.79 -0.18
C ILE A 14 7.62 -10.11 -0.98
N GLU A 15 8.26 -11.16 -0.42
CA GLU A 15 8.31 -12.51 -1.05
C GLU A 15 6.91 -13.15 -1.11
N GLU A 16 6.14 -12.97 -0.03
CA GLU A 16 4.77 -13.51 0.11
C GLU A 16 3.76 -12.72 -0.74
N VAL A 17 3.98 -11.41 -0.91
CA VAL A 17 3.14 -10.55 -1.76
C VAL A 17 3.47 -10.76 -3.25
N SER A 18 4.76 -11.00 -3.53
CA SER A 18 5.24 -11.33 -4.89
C SER A 18 4.70 -12.71 -5.30
N LYS A 19 4.60 -13.62 -4.30
CA LYS A 19 4.00 -14.96 -4.49
C LYS A 19 2.49 -14.82 -4.75
N LYS A 20 1.80 -14.01 -3.91
CA LYS A 20 0.35 -13.74 -4.04
C LYS A 20 0.01 -13.14 -5.42
N ALA A 21 0.85 -12.19 -5.85
CA ALA A 21 0.75 -11.54 -7.16
C ALA A 21 0.87 -12.56 -8.29
N GLU A 22 1.87 -13.45 -8.16
CA GLU A 22 2.17 -14.50 -9.15
C GLU A 22 1.00 -15.50 -9.28
N GLU A 23 0.45 -15.94 -8.12
CA GLU A 23 -0.67 -16.90 -8.10
C GLU A 23 -1.92 -16.36 -8.81
N GLU A 24 -2.24 -15.07 -8.56
CA GLU A 24 -3.43 -14.42 -9.18
C GLU A 24 -3.14 -13.91 -10.61
N GLY A 25 -1.85 -13.73 -10.93
CA GLY A 25 -1.42 -13.18 -12.24
C GLY A 25 -1.52 -11.66 -12.31
N TYR A 26 -1.19 -10.98 -11.19
CA TYR A 26 -1.11 -9.51 -11.12
C TYR A 26 0.30 -9.02 -11.48
N ASP A 27 0.38 -7.93 -12.25
CA ASP A 27 1.63 -7.22 -12.50
C ASP A 27 1.86 -6.19 -11.37
N ILE A 28 2.49 -6.65 -10.28
CA ILE A 28 2.85 -5.80 -9.15
C ILE A 28 4.37 -5.62 -9.11
N GLN A 29 4.82 -4.36 -9.11
CA GLN A 29 6.24 -4.01 -9.07
C GLN A 29 6.66 -3.94 -7.60
N THR A 30 7.46 -4.90 -7.16
CA THR A 30 7.88 -5.01 -5.77
C THR A 30 9.27 -4.34 -5.60
N SER A 31 9.35 -3.39 -4.65
CA SER A 31 10.53 -2.52 -4.46
C SER A 31 10.77 -2.28 -2.97
N ASN A 32 12.04 -1.98 -2.62
CA ASN A 32 12.49 -1.75 -1.24
C ASN A 32 12.85 -0.27 -1.04
N ASP A 33 13.47 0.35 -2.08
CA ASP A 33 13.93 1.74 -2.01
C ASP A 33 12.74 2.70 -2.25
N LYS A 34 12.26 3.30 -1.14
CA LYS A 34 11.11 4.23 -1.14
C LYS A 34 11.46 5.55 -1.84
N LYS A 35 12.76 5.91 -1.83
CA LYS A 35 13.28 7.14 -2.46
C LYS A 35 13.02 7.13 -3.98
N GLU A 36 13.21 5.94 -4.58
CA GLU A 36 12.88 5.67 -5.98
C GLU A 36 11.39 5.91 -6.23
N ILE A 37 10.58 5.32 -5.33
CA ILE A 37 9.12 5.28 -5.42
C ILE A 37 8.49 6.70 -5.33
N ILE A 38 9.05 7.55 -4.45
CA ILE A 38 8.67 8.98 -4.32
C ILE A 38 8.86 9.71 -5.67
N ASP A 39 9.99 9.41 -6.32
CA ASP A 39 10.37 9.98 -7.63
C ASP A 39 9.44 9.44 -8.74
N ARG A 40 8.99 8.18 -8.61
CA ARG A 40 8.08 7.54 -9.58
C ARG A 40 6.66 8.11 -9.46
N LEU A 41 6.29 8.50 -8.23
CA LEU A 41 5.02 9.21 -7.97
C LEU A 41 5.07 10.63 -8.59
N LYS A 42 6.29 11.23 -8.62
CA LYS A 42 6.55 12.50 -9.38
C LYS A 42 6.39 12.27 -10.90
N ARG A 43 6.83 11.07 -11.39
CA ARG A 43 6.71 10.67 -12.82
C ARG A 43 5.24 10.37 -13.18
N ARG A 44 4.37 10.27 -12.14
CA ARG A 44 2.95 9.86 -12.26
C ARG A 44 2.88 8.39 -12.75
N ASN A 45 4.02 7.69 -12.57
CA ASN A 45 4.31 6.35 -13.09
C ASN A 45 3.43 5.29 -12.41
N ILE A 46 3.07 5.54 -11.13
CA ILE A 46 2.34 4.57 -10.30
C ILE A 46 0.85 4.95 -10.24
N ASP A 47 -0.02 4.03 -10.69
CA ASP A 47 -1.48 4.23 -10.68
C ASP A 47 -2.05 3.93 -9.28
N MET A 48 -1.56 2.85 -8.68
CA MET A 48 -1.99 2.40 -7.36
C MET A 48 -0.82 1.71 -6.64
N ILE A 49 -0.69 1.98 -5.34
CA ILE A 49 0.49 1.60 -4.55
C ILE A 49 0.08 1.06 -3.18
N ILE A 50 0.85 0.10 -2.66
CA ILE A 50 0.65 -0.52 -1.35
C ILE A 50 1.98 -0.50 -0.59
N VAL A 51 2.04 0.27 0.52
CA VAL A 51 3.26 0.46 1.30
C VAL A 51 3.13 -0.26 2.65
N LYS A 52 3.92 -1.33 2.83
CA LYS A 52 4.02 -2.05 4.10
C LYS A 52 5.31 -1.62 4.82
N THR A 53 5.12 -0.89 5.91
CA THR A 53 6.22 -0.36 6.74
C THR A 53 5.69 -0.13 8.16
N GLU A 54 6.52 0.41 9.05
CA GLU A 54 6.12 0.72 10.43
C GLU A 54 6.73 2.08 10.88
N ASP A 55 7.08 2.93 9.89
CA ASP A 55 7.61 4.29 10.19
C ASP A 55 6.65 5.33 9.58
N LYS A 56 6.02 6.13 10.47
CA LYS A 56 4.98 7.11 10.13
C LYS A 56 5.47 8.20 9.14
N GLU A 57 6.74 8.62 9.27
CA GLU A 57 7.33 9.66 8.42
C GLU A 57 7.64 9.13 7.01
N SER A 58 7.96 7.82 6.92
CA SER A 58 8.17 7.13 5.63
C SER A 58 6.82 7.03 4.87
N ILE A 59 5.79 6.63 5.64
CA ILE A 59 4.38 6.54 5.17
C ILE A 59 3.92 7.90 4.61
N SER A 60 4.15 8.94 5.41
CA SER A 60 3.68 10.31 5.15
C SER A 60 4.20 10.84 3.80
N GLU A 61 5.50 10.58 3.49
CA GLU A 61 6.14 11.06 2.25
C GLU A 61 5.45 10.49 1.00
N ILE A 62 5.21 9.16 1.00
CA ILE A 62 4.52 8.48 -0.09
C ILE A 62 3.08 9.06 -0.24
N ILE A 63 2.34 9.16 0.89
CA ILE A 63 0.95 9.68 0.89
C ILE A 63 0.88 11.08 0.24
N LYS A 64 1.80 11.98 0.65
CA LYS A 64 1.89 13.36 0.15
C LYS A 64 2.01 13.41 -1.39
N GLN A 65 2.91 12.56 -1.92
CA GLN A 65 3.12 12.42 -3.38
C GLN A 65 1.87 11.88 -4.08
N VAL A 66 1.22 10.89 -3.44
CA VAL A 66 0.01 10.22 -3.97
C VAL A 66 -1.21 11.17 -3.97
N LEU A 67 -1.30 12.07 -2.96
CA LEU A 67 -2.39 13.05 -2.86
C LEU A 67 -2.31 14.03 -4.04
N ASP A 68 -1.07 14.42 -4.36
CA ASP A 68 -0.73 15.32 -5.47
C ASP A 68 -1.05 14.67 -6.83
N SER A 69 -0.73 13.35 -6.95
CA SER A 69 -0.88 12.61 -8.22
C SER A 69 -2.29 12.00 -8.37
N GLY A 70 -3.07 11.99 -7.28
CA GLY A 70 -4.43 11.44 -7.25
C GLY A 70 -4.49 9.94 -7.49
N ALA A 71 -3.42 9.23 -7.05
CA ALA A 71 -3.31 7.76 -7.19
C ALA A 71 -4.06 7.06 -6.04
N LYS A 72 -4.30 5.75 -6.17
CA LYS A 72 -4.87 4.92 -5.09
C LYS A 72 -3.72 4.44 -4.20
N VAL A 73 -3.91 4.46 -2.87
CA VAL A 73 -2.86 4.07 -1.92
C VAL A 73 -3.45 3.27 -0.74
N LEU A 74 -2.76 2.18 -0.39
CA LEU A 74 -3.02 1.35 0.77
C LEU A 74 -1.81 1.42 1.70
N ILE A 75 -2.03 1.93 2.91
CA ILE A 75 -1.03 1.98 3.97
C ILE A 75 -1.23 0.78 4.92
N LEU A 76 -0.26 -0.14 4.89
CA LEU A 76 -0.20 -1.28 5.80
C LEU A 76 0.90 -1.01 6.84
N SER A 77 0.56 -1.12 8.12
CA SER A 77 1.50 -0.90 9.23
C SER A 77 1.32 -2.00 10.26
N SER A 78 2.44 -2.43 10.88
CA SER A 78 2.46 -3.51 11.87
C SER A 78 1.99 -3.03 13.27
N ASP A 79 1.42 -1.82 13.37
CA ASP A 79 1.04 -1.20 14.64
C ASP A 79 -0.28 -0.41 14.50
N GLU A 80 -1.17 -0.63 15.48
CA GLU A 80 -2.54 -0.09 15.51
C GLU A 80 -2.55 1.43 15.70
N ASN A 81 -1.58 1.94 16.51
CA ASN A 81 -1.52 3.37 16.87
C ASN A 81 -1.11 4.19 15.63
N ILE A 82 -0.20 3.60 14.83
CA ILE A 82 0.26 4.20 13.56
C ILE A 82 -0.91 4.30 12.58
N ILE A 83 -1.66 3.18 12.41
CA ILE A 83 -2.87 3.17 11.56
C ILE A 83 -3.88 4.24 12.01
N GLU A 84 -4.07 4.38 13.33
CA GLU A 84 -4.98 5.37 13.93
C GLU A 84 -4.59 6.82 13.55
N SER A 85 -3.28 7.13 13.66
CA SER A 85 -2.76 8.47 13.36
C SER A 85 -2.87 8.80 11.86
N ILE A 86 -2.65 7.79 11.00
CA ILE A 86 -2.77 7.96 9.54
C ILE A 86 -4.27 8.12 9.12
N ARG A 87 -5.19 7.50 9.90
CA ARG A 87 -6.66 7.65 9.67
C ARG A 87 -7.15 9.07 9.98
N LYS A 88 -6.71 9.64 11.12
CA LYS A 88 -7.18 10.95 11.59
C LYS A 88 -6.60 12.10 10.72
N GLN A 89 -5.32 11.95 10.30
CA GLN A 89 -4.68 12.93 9.39
C GLN A 89 -5.23 12.80 7.97
N TYR A 90 -5.35 11.55 7.50
CA TYR A 90 -5.80 11.24 6.15
C TYR A 90 -6.96 10.22 6.22
N PRO A 91 -8.24 10.68 6.27
CA PRO A 91 -9.40 9.77 6.33
C PRO A 91 -9.72 9.10 4.98
N LYS A 92 -9.23 9.70 3.89
CA LYS A 92 -9.50 9.25 2.51
C LYS A 92 -8.53 8.15 2.02
N VAL A 93 -7.40 7.94 2.71
CA VAL A 93 -6.45 6.84 2.38
C VAL A 93 -6.99 5.50 2.92
N GLU A 94 -6.80 4.42 2.14
CA GLU A 94 -7.09 3.07 2.63
C GLU A 94 -5.98 2.63 3.58
N THR A 95 -6.32 2.44 4.87
CA THR A 95 -5.37 1.97 5.89
C THR A 95 -5.88 0.65 6.49
N ARG A 96 -4.96 -0.31 6.67
CA ARG A 96 -5.26 -1.57 7.33
C ARG A 96 -4.03 -2.02 8.14
N ARG A 97 -4.25 -2.35 9.40
CA ARG A 97 -3.22 -2.89 10.28
C ARG A 97 -2.91 -4.33 9.86
N ALA A 98 -1.65 -4.57 9.50
CA ALA A 98 -1.20 -5.86 8.95
C ALA A 98 0.23 -6.06 9.45
N GLN A 99 0.44 -7.13 10.21
CA GLN A 99 1.75 -7.44 10.83
C GLN A 99 2.41 -8.58 10.07
N ASP A 100 1.71 -9.72 10.04
CA ASP A 100 2.24 -10.97 9.50
C ASP A 100 2.11 -10.99 7.97
N LYS A 101 2.95 -11.82 7.35
CA LYS A 101 3.08 -11.96 5.89
C LYS A 101 1.75 -12.31 5.21
N GLU A 102 0.92 -13.12 5.91
CA GLU A 102 -0.38 -13.56 5.38
C GLU A 102 -1.37 -12.38 5.36
N GLU A 103 -1.32 -11.55 6.41
CA GLU A 103 -2.22 -10.39 6.58
C GLU A 103 -1.95 -9.31 5.52
N VAL A 104 -0.67 -9.17 5.14
CA VAL A 104 -0.24 -8.17 4.17
C VAL A 104 -0.63 -8.58 2.75
N LYS A 105 -0.27 -9.82 2.34
CA LYS A 105 -0.58 -10.31 0.97
C LYS A 105 -2.11 -10.42 0.75
N ASP A 106 -2.84 -10.76 1.83
CA ASP A 106 -4.32 -10.74 1.89
C ASP A 106 -4.88 -9.34 1.58
N ALA A 107 -4.24 -8.32 2.17
CA ALA A 107 -4.63 -6.89 2.01
C ALA A 107 -4.39 -6.42 0.57
N VAL A 108 -3.28 -6.88 -0.01
CA VAL A 108 -2.87 -6.58 -1.39
C VAL A 108 -3.92 -7.12 -2.39
N GLU A 109 -4.20 -8.43 -2.27
CA GLU A 109 -5.19 -9.16 -3.10
C GLU A 109 -6.58 -8.49 -3.02
N GLU A 110 -6.95 -8.08 -1.79
CA GLU A 110 -8.25 -7.46 -1.49
C GLU A 110 -8.42 -6.10 -2.19
N PHE A 111 -7.36 -5.27 -2.05
CA PHE A 111 -7.31 -3.89 -2.60
C PHE A 111 -7.49 -3.90 -4.12
N LEU A 112 -6.90 -4.93 -4.76
CA LEU A 112 -6.93 -5.10 -6.22
C LEU A 112 -8.28 -5.65 -6.73
N LYS A 113 -8.84 -6.67 -6.04
CA LYS A 113 -10.13 -7.29 -6.45
C LYS A 113 -11.32 -6.35 -6.24
N GLU A 114 -11.26 -5.50 -5.19
CA GLU A 114 -12.27 -4.45 -4.94
C GLU A 114 -11.87 -3.12 -5.64
N GLY A 115 -11.03 -3.22 -6.69
CA GLY A 115 -10.67 -2.07 -7.53
C GLY A 115 -9.62 -1.20 -6.90
N GLY A 116 -10.02 -0.37 -5.93
CA GLY A 116 -9.11 0.54 -5.23
C GLY A 116 -9.60 0.81 -3.82
N SER A 117 -9.94 -0.27 -3.09
CA SER A 117 -10.44 -0.18 -1.71
C SER A 117 -10.34 -1.53 -0.99
N LEU A 118 -10.29 -1.48 0.35
CA LEU A 118 -10.51 -2.62 1.25
C LEU A 118 -11.68 -2.22 2.14
N GLU A 119 -12.90 -2.54 1.70
CA GLU A 119 -14.12 -2.19 2.44
C GLU A 119 -14.16 -3.04 3.73
N HIS A 120 -13.75 -2.42 4.86
CA HIS A 120 -13.44 -3.11 6.15
C HIS A 120 -14.59 -4.02 6.62
N HIS A 121 -15.82 -3.59 6.34
CA HIS A 121 -17.01 -4.41 6.43
C HIS A 121 -17.56 -4.52 5.01
N HIS A 122 -17.28 -5.67 4.36
CA HIS A 122 -17.49 -5.90 2.92
C HIS A 122 -18.99 -6.02 2.57
N HIS A 123 -19.32 -6.69 1.43
CA HIS A 123 -20.70 -6.83 0.91
C HIS A 123 -21.66 -7.37 1.99
N HIS A 124 -22.25 -6.42 2.73
CA HIS A 124 -23.28 -6.65 3.78
C HIS A 124 -24.32 -5.51 3.74
N HIS A 125 -24.32 -4.74 2.62
CA HIS A 125 -25.31 -3.70 2.32
C HIS A 125 -26.60 -4.35 1.76
N MET A 1 -4.88 4.63 -14.58
CA MET A 1 -4.74 3.59 -15.61
C MET A 1 -4.53 2.20 -14.96
N GLY A 2 -3.27 1.85 -14.63
CA GLY A 2 -2.97 0.52 -14.09
C GLY A 2 -1.48 0.34 -13.84
N LYS A 3 -1.05 0.70 -12.64
CA LYS A 3 0.34 0.58 -12.19
C LYS A 3 0.32 0.39 -10.67
N VAL A 4 0.33 -0.88 -10.26
CA VAL A 4 0.37 -1.30 -8.86
C VAL A 4 1.84 -1.41 -8.45
N VAL A 5 2.26 -0.62 -7.45
CA VAL A 5 3.61 -0.66 -6.91
C VAL A 5 3.53 -0.96 -5.40
N PHE A 6 4.00 -2.15 -5.00
CA PHE A 6 4.10 -2.52 -3.58
C PHE A 6 5.48 -2.09 -3.04
N LEU A 7 5.49 -1.08 -2.19
CA LEU A 7 6.67 -0.67 -1.45
C LEU A 7 6.62 -1.37 -0.07
N SER A 8 7.78 -1.83 0.42
CA SER A 8 7.92 -2.37 1.78
C SER A 8 9.34 -2.13 2.29
N ASP A 9 9.52 -2.27 3.59
CA ASP A 9 10.85 -2.16 4.25
C ASP A 9 11.21 -3.52 4.90
N ASP A 10 10.33 -4.51 4.68
CA ASP A 10 10.33 -5.80 5.39
C ASP A 10 10.34 -6.96 4.35
N GLN A 11 11.37 -7.84 4.41
CA GLN A 11 11.61 -8.90 3.39
C GLN A 11 10.49 -9.98 3.32
N GLU A 12 10.18 -10.64 4.46
CA GLU A 12 9.17 -11.75 4.53
C GLU A 12 7.83 -11.33 3.91
N ILE A 13 7.48 -10.08 4.17
CA ILE A 13 6.31 -9.41 3.61
C ILE A 13 6.33 -9.46 2.06
N ILE A 14 7.44 -8.96 1.47
CA ILE A 14 7.64 -8.86 0.01
C ILE A 14 7.57 -10.24 -0.68
N GLU A 15 8.11 -11.27 0.02
CA GLU A 15 8.15 -12.67 -0.47
C GLU A 15 6.74 -13.25 -0.60
N GLU A 16 5.89 -12.89 0.35
CA GLU A 16 4.49 -13.36 0.43
C GLU A 16 3.57 -12.59 -0.54
N VAL A 17 3.79 -11.27 -0.69
CA VAL A 17 3.04 -10.43 -1.64
C VAL A 17 3.41 -10.79 -3.08
N SER A 18 4.69 -11.14 -3.30
CA SER A 18 5.20 -11.61 -4.61
C SER A 18 4.65 -13.01 -4.93
N LYS A 19 4.44 -13.83 -3.86
CA LYS A 19 3.78 -15.16 -3.96
C LYS A 19 2.34 -14.98 -4.48
N LYS A 20 1.58 -14.12 -3.78
CA LYS A 20 0.19 -13.77 -4.12
C LYS A 20 0.09 -13.21 -5.56
N ALA A 21 1.03 -12.31 -5.90
CA ALA A 21 1.09 -11.63 -7.19
C ALA A 21 1.38 -12.62 -8.34
N GLU A 22 2.26 -13.62 -8.08
CA GLU A 22 2.68 -14.61 -9.09
C GLU A 22 1.52 -15.57 -9.41
N GLU A 23 0.90 -16.13 -8.35
CA GLU A 23 -0.23 -17.09 -8.46
C GLU A 23 -1.39 -16.51 -9.26
N GLU A 24 -1.81 -15.29 -8.88
CA GLU A 24 -2.98 -14.63 -9.48
C GLU A 24 -2.62 -13.90 -10.79
N GLY A 25 -1.31 -13.71 -11.04
CA GLY A 25 -0.82 -13.04 -12.25
C GLY A 25 -0.89 -11.51 -12.16
N TYR A 26 -1.00 -10.99 -10.92
CA TYR A 26 -1.03 -9.54 -10.64
C TYR A 26 0.34 -8.91 -10.95
N ASP A 27 0.36 -7.92 -11.86
CA ASP A 27 1.57 -7.12 -12.14
C ASP A 27 1.74 -6.08 -11.04
N ILE A 28 2.72 -6.32 -10.16
CA ILE A 28 3.03 -5.46 -9.00
C ILE A 28 4.56 -5.23 -8.94
N GLN A 29 4.99 -3.95 -8.90
CA GLN A 29 6.40 -3.59 -8.69
C GLN A 29 6.70 -3.61 -7.18
N THR A 30 7.48 -4.60 -6.73
CA THR A 30 7.89 -4.72 -5.33
C THR A 30 9.31 -4.15 -5.15
N SER A 31 9.46 -3.21 -4.19
CA SER A 31 10.70 -2.44 -3.98
C SER A 31 10.84 -2.05 -2.49
N ASN A 32 12.07 -1.62 -2.10
CA ASN A 32 12.37 -1.08 -0.74
C ASN A 32 12.80 0.39 -0.83
N ASP A 33 13.29 0.78 -2.02
CA ASP A 33 13.79 2.14 -2.28
C ASP A 33 12.62 3.13 -2.26
N LYS A 34 12.25 3.62 -1.05
CA LYS A 34 11.13 4.55 -0.85
C LYS A 34 11.40 5.85 -1.63
N LYS A 35 12.69 6.22 -1.72
CA LYS A 35 13.17 7.40 -2.45
C LYS A 35 12.86 7.30 -3.95
N GLU A 36 13.07 6.08 -4.50
CA GLU A 36 12.76 5.78 -5.91
C GLU A 36 11.25 5.87 -6.14
N ILE A 37 10.46 5.28 -5.22
CA ILE A 37 9.00 5.15 -5.38
C ILE A 37 8.32 6.54 -5.28
N ILE A 38 8.83 7.41 -4.37
CA ILE A 38 8.42 8.83 -4.25
C ILE A 38 8.71 9.56 -5.59
N ASP A 39 9.87 9.24 -6.19
CA ASP A 39 10.33 9.79 -7.49
C ASP A 39 9.38 9.38 -8.63
N ARG A 40 8.86 8.14 -8.59
CA ARG A 40 7.95 7.58 -9.61
C ARG A 40 6.52 8.14 -9.46
N LEU A 41 6.17 8.48 -8.19
CA LEU A 41 4.94 9.21 -7.86
C LEU A 41 5.01 10.67 -8.38
N LYS A 42 6.23 11.25 -8.39
CA LYS A 42 6.50 12.58 -8.99
C LYS A 42 6.29 12.55 -10.51
N ARG A 43 6.60 11.38 -11.13
CA ARG A 43 6.38 11.13 -12.58
C ARG A 43 4.88 10.92 -12.88
N ARG A 44 4.05 10.78 -11.79
CA ARG A 44 2.57 10.57 -11.88
C ARG A 44 2.25 9.20 -12.52
N ASN A 45 3.26 8.31 -12.53
CA ASN A 45 3.27 7.04 -13.29
C ASN A 45 2.44 5.95 -12.58
N ILE A 46 2.35 6.08 -11.26
CA ILE A 46 1.78 5.07 -10.37
C ILE A 46 0.28 5.33 -10.17
N ASP A 47 -0.54 4.30 -10.47
CA ASP A 47 -2.01 4.38 -10.42
C ASP A 47 -2.51 4.04 -9.01
N MET A 48 -1.84 3.06 -8.39
CA MET A 48 -2.10 2.63 -7.02
C MET A 48 -0.80 2.07 -6.41
N ILE A 49 -0.63 2.30 -5.11
CA ILE A 49 0.58 1.94 -4.37
C ILE A 49 0.21 1.38 -3.00
N ILE A 50 0.93 0.35 -2.55
CA ILE A 50 0.66 -0.34 -1.29
C ILE A 50 1.98 -0.43 -0.49
N VAL A 51 2.06 0.31 0.64
CA VAL A 51 3.30 0.41 1.45
C VAL A 51 3.14 -0.29 2.81
N LYS A 52 3.95 -1.34 3.05
CA LYS A 52 4.10 -1.99 4.35
C LYS A 52 5.40 -1.51 5.01
N THR A 53 5.27 -0.70 6.07
CA THR A 53 6.39 -0.29 6.93
C THR A 53 5.83 0.34 8.21
N GLU A 54 6.66 0.32 9.27
CA GLU A 54 6.38 1.01 10.55
C GLU A 54 7.02 2.42 10.54
N ASP A 55 7.81 2.72 9.49
CA ASP A 55 8.42 4.05 9.30
C ASP A 55 7.30 5.02 8.86
N LYS A 56 6.74 5.71 9.86
CA LYS A 56 5.65 6.69 9.70
C LYS A 56 6.00 7.83 8.71
N GLU A 57 7.28 8.22 8.68
CA GLU A 57 7.77 9.33 7.84
C GLU A 57 7.86 8.89 6.37
N SER A 58 8.15 7.58 6.15
CA SER A 58 8.13 6.96 4.81
C SER A 58 6.70 7.01 4.27
N ILE A 59 5.77 6.49 5.09
CA ILE A 59 4.33 6.42 4.80
C ILE A 59 3.78 7.81 4.42
N SER A 60 4.12 8.80 5.26
CA SER A 60 3.69 10.20 5.13
C SER A 60 4.03 10.76 3.74
N GLU A 61 5.33 10.70 3.36
CA GLU A 61 5.83 11.27 2.10
C GLU A 61 5.19 10.62 0.88
N ILE A 62 5.07 9.26 0.90
CA ILE A 62 4.41 8.49 -0.16
C ILE A 62 2.99 9.03 -0.41
N ILE A 63 2.17 9.08 0.67
CA ILE A 63 0.75 9.45 0.59
C ILE A 63 0.60 10.88 0.06
N LYS A 64 1.49 11.80 0.52
CA LYS A 64 1.52 13.21 0.07
C LYS A 64 1.63 13.29 -1.47
N GLN A 65 2.56 12.51 -2.05
CA GLN A 65 2.77 12.43 -3.51
C GLN A 65 1.49 11.90 -4.21
N VAL A 66 0.89 10.86 -3.60
CA VAL A 66 -0.33 10.18 -4.10
C VAL A 66 -1.54 11.15 -4.13
N LEU A 67 -1.64 12.02 -3.09
CA LEU A 67 -2.72 13.00 -2.94
C LEU A 67 -2.67 14.07 -4.05
N ASP A 68 -1.45 14.34 -4.52
CA ASP A 68 -1.20 15.21 -5.68
C ASP A 68 -1.43 14.45 -7.00
N SER A 69 -0.97 13.19 -7.05
CA SER A 69 -0.91 12.40 -8.30
C SER A 69 -2.28 11.81 -8.70
N GLY A 70 -3.25 11.85 -7.77
CA GLY A 70 -4.60 11.32 -8.03
C GLY A 70 -4.58 9.80 -8.17
N ALA A 71 -3.98 9.14 -7.17
CA ALA A 71 -3.77 7.68 -7.14
C ALA A 71 -4.38 7.08 -5.87
N LYS A 72 -4.43 5.74 -5.79
CA LYS A 72 -4.88 5.00 -4.59
C LYS A 72 -3.64 4.61 -3.77
N VAL A 73 -3.81 4.52 -2.44
CA VAL A 73 -2.73 4.13 -1.52
C VAL A 73 -3.29 3.26 -0.38
N LEU A 74 -2.61 2.12 -0.12
CA LEU A 74 -2.94 1.18 0.97
C LEU A 74 -1.73 1.07 1.90
N ILE A 75 -1.91 1.47 3.16
CA ILE A 75 -0.84 1.43 4.17
C ILE A 75 -1.12 0.28 5.14
N LEU A 76 -0.13 -0.60 5.25
CA LEU A 76 -0.15 -1.79 6.09
C LEU A 76 0.98 -1.65 7.12
N SER A 77 0.67 -1.91 8.38
CA SER A 77 1.64 -1.83 9.50
C SER A 77 1.17 -2.71 10.65
N SER A 78 2.12 -3.21 11.43
CA SER A 78 1.88 -4.15 12.54
C SER A 78 1.79 -3.41 13.89
N ASP A 79 1.71 -2.06 13.84
CA ASP A 79 1.61 -1.22 15.05
C ASP A 79 0.29 -0.41 15.04
N GLU A 80 -0.47 -0.51 16.16
CA GLU A 80 -1.77 0.16 16.36
C GLU A 80 -1.68 1.69 16.14
N ASN A 81 -0.70 2.33 16.83
CA ASN A 81 -0.56 3.81 16.90
C ASN A 81 -0.32 4.38 15.49
N ILE A 82 0.46 3.64 14.69
CA ILE A 82 0.85 4.02 13.34
C ILE A 82 -0.37 4.00 12.41
N ILE A 83 -1.07 2.84 12.32
CA ILE A 83 -2.29 2.70 11.48
C ILE A 83 -3.28 3.83 11.77
N GLU A 84 -3.56 4.04 13.08
CA GLU A 84 -4.48 5.07 13.57
C GLU A 84 -4.06 6.49 13.09
N SER A 85 -2.76 6.83 13.27
CA SER A 85 -2.20 8.13 12.87
C SER A 85 -2.44 8.40 11.38
N ILE A 86 -2.18 7.38 10.56
CA ILE A 86 -2.27 7.46 9.10
C ILE A 86 -3.75 7.68 8.64
N ARG A 87 -4.71 7.09 9.37
CA ARG A 87 -6.15 7.27 9.08
C ARG A 87 -6.59 8.73 9.34
N LYS A 88 -6.34 9.19 10.58
CA LYS A 88 -6.88 10.48 11.06
C LYS A 88 -6.18 11.70 10.41
N GLN A 89 -4.93 11.50 9.95
CA GLN A 89 -4.19 12.53 9.17
C GLN A 89 -4.63 12.53 7.69
N TYR A 90 -4.81 11.33 7.11
CA TYR A 90 -5.09 11.17 5.67
C TYR A 90 -6.45 10.45 5.46
N PRO A 91 -7.51 11.16 4.98
CA PRO A 91 -8.83 10.54 4.70
C PRO A 91 -8.84 9.66 3.42
N LYS A 92 -7.98 10.01 2.45
CA LYS A 92 -7.95 9.34 1.13
C LYS A 92 -7.22 7.98 1.16
N VAL A 93 -6.45 7.71 2.23
CA VAL A 93 -5.67 6.47 2.34
C VAL A 93 -6.57 5.32 2.82
N GLU A 94 -6.41 4.15 2.21
CA GLU A 94 -6.89 2.89 2.76
C GLU A 94 -5.82 2.36 3.71
N THR A 95 -6.17 1.99 4.94
CA THR A 95 -5.24 1.33 5.85
C THR A 95 -5.84 -0.01 6.29
N ARG A 96 -4.96 -0.93 6.66
CA ARG A 96 -5.33 -2.20 7.31
C ARG A 96 -4.16 -2.62 8.17
N ARG A 97 -4.42 -2.81 9.47
CA ARG A 97 -3.43 -3.34 10.39
C ARG A 97 -3.13 -4.80 10.00
N ALA A 98 -1.85 -5.10 9.79
CA ALA A 98 -1.40 -6.42 9.35
C ALA A 98 -0.09 -6.75 10.08
N GLN A 99 -0.20 -7.62 11.08
CA GLN A 99 0.93 -8.15 11.86
C GLN A 99 1.48 -9.41 11.19
N ASP A 100 0.64 -10.04 10.34
CA ASP A 100 1.01 -11.21 9.54
C ASP A 100 1.18 -10.80 8.08
N LYS A 101 2.26 -11.32 7.47
CA LYS A 101 2.55 -11.22 6.02
C LYS A 101 1.44 -11.88 5.16
N GLU A 102 0.69 -12.79 5.80
CA GLU A 102 -0.51 -13.43 5.24
C GLU A 102 -1.59 -12.38 5.00
N GLU A 103 -1.79 -11.57 6.04
CA GLU A 103 -2.77 -10.45 6.06
C GLU A 103 -2.36 -9.30 5.14
N VAL A 104 -1.03 -9.10 4.96
CA VAL A 104 -0.50 -8.06 4.06
C VAL A 104 -0.83 -8.41 2.60
N LYS A 105 -0.45 -9.63 2.16
CA LYS A 105 -0.70 -10.08 0.78
C LYS A 105 -2.21 -10.23 0.49
N ASP A 106 -2.98 -10.59 1.53
CA ASP A 106 -4.45 -10.65 1.49
C ASP A 106 -5.04 -9.26 1.23
N ALA A 107 -4.48 -8.24 1.92
CA ALA A 107 -4.91 -6.84 1.78
C ALA A 107 -4.65 -6.31 0.36
N VAL A 108 -3.51 -6.73 -0.22
CA VAL A 108 -3.11 -6.41 -1.60
C VAL A 108 -4.13 -6.97 -2.60
N GLU A 109 -4.43 -8.28 -2.47
CA GLU A 109 -5.37 -9.00 -3.35
C GLU A 109 -6.78 -8.38 -3.29
N GLU A 110 -7.26 -8.13 -2.06
CA GLU A 110 -8.59 -7.58 -1.78
C GLU A 110 -8.71 -6.11 -2.27
N PHE A 111 -7.58 -5.39 -2.31
CA PHE A 111 -7.48 -4.01 -2.82
C PHE A 111 -7.66 -4.02 -4.36
N LEU A 112 -7.08 -5.07 -4.99
CA LEU A 112 -7.09 -5.25 -6.45
C LEU A 112 -8.42 -5.81 -7.00
N LYS A 113 -9.15 -6.62 -6.18
CA LYS A 113 -10.49 -7.16 -6.55
C LYS A 113 -11.52 -6.03 -6.65
N GLU A 114 -11.38 -5.05 -5.74
CA GLU A 114 -12.21 -3.83 -5.74
C GLU A 114 -11.68 -2.81 -6.76
N GLY A 115 -10.37 -2.95 -7.11
CA GLY A 115 -9.69 -2.08 -8.06
C GLY A 115 -9.59 -0.63 -7.57
N GLY A 116 -9.42 -0.48 -6.26
CA GLY A 116 -9.39 0.83 -5.60
C GLY A 116 -9.43 0.66 -4.11
N SER A 117 -10.45 1.23 -3.45
CA SER A 117 -10.65 1.12 -1.97
C SER A 117 -10.79 -0.36 -1.51
N LEU A 118 -10.55 -0.64 -0.22
CA LEU A 118 -10.76 -2.00 0.36
C LEU A 118 -12.26 -2.36 0.43
N GLU A 119 -13.11 -1.33 0.53
CA GLU A 119 -14.56 -1.50 0.68
C GLU A 119 -15.34 -0.48 -0.20
N HIS A 120 -16.51 -0.91 -0.67
CA HIS A 120 -17.55 -0.03 -1.26
C HIS A 120 -18.92 -0.35 -0.64
N HIS A 121 -18.90 -1.35 0.28
CA HIS A 121 -20.00 -1.70 1.19
C HIS A 121 -19.37 -2.38 2.43
N HIS A 122 -19.55 -1.79 3.62
CA HIS A 122 -19.22 -2.46 4.90
C HIS A 122 -20.24 -3.59 5.13
N HIS A 123 -19.96 -4.72 4.48
CA HIS A 123 -20.87 -5.87 4.35
C HIS A 123 -20.16 -7.00 3.61
N HIS A 124 -19.70 -8.00 4.36
CA HIS A 124 -19.41 -9.34 3.84
C HIS A 124 -20.71 -10.16 3.99
N HIS A 125 -21.14 -10.26 5.27
CA HIS A 125 -22.47 -10.72 5.67
C HIS A 125 -22.91 -9.82 6.85
N MET A 1 -4.97 -0.31 -17.69
CA MET A 1 -3.67 -0.83 -17.26
C MET A 1 -3.73 -1.28 -15.79
N GLY A 2 -3.89 -0.30 -14.87
CA GLY A 2 -3.88 -0.57 -13.42
C GLY A 2 -2.49 -0.97 -12.94
N LYS A 3 -1.53 -0.03 -13.05
CA LYS A 3 -0.14 -0.26 -12.62
C LYS A 3 -0.03 -0.35 -11.10
N VAL A 4 0.25 -1.58 -10.61
CA VAL A 4 0.45 -1.86 -9.20
C VAL A 4 1.94 -1.94 -8.90
N VAL A 5 2.39 -1.15 -7.92
CA VAL A 5 3.76 -1.18 -7.40
C VAL A 5 3.71 -1.35 -5.88
N PHE A 6 4.25 -2.47 -5.37
CA PHE A 6 4.37 -2.71 -3.93
C PHE A 6 5.69 -2.16 -3.39
N LEU A 7 5.65 -1.71 -2.14
CA LEU A 7 6.80 -1.21 -1.40
C LEU A 7 6.73 -1.77 0.02
N SER A 8 7.86 -2.29 0.51
CA SER A 8 8.00 -2.73 1.90
C SER A 8 9.41 -2.43 2.37
N ASP A 9 9.56 -2.21 3.68
CA ASP A 9 10.87 -1.94 4.29
C ASP A 9 11.56 -3.28 4.64
N ASP A 10 10.80 -4.39 4.57
CA ASP A 10 11.30 -5.74 4.86
C ASP A 10 11.22 -6.65 3.61
N GLN A 11 12.28 -7.46 3.41
CA GLN A 11 12.44 -8.37 2.25
C GLN A 11 11.40 -9.52 2.24
N GLU A 12 11.15 -10.13 3.40
CA GLU A 12 10.29 -11.33 3.50
C GLU A 12 8.84 -11.01 3.10
N ILE A 13 8.42 -9.77 3.44
CA ILE A 13 7.10 -9.24 3.07
C ILE A 13 6.98 -9.09 1.53
N ILE A 14 8.06 -8.54 0.94
CA ILE A 14 8.19 -8.32 -0.53
C ILE A 14 7.94 -9.63 -1.29
N GLU A 15 8.56 -10.72 -0.79
CA GLU A 15 8.51 -12.05 -1.43
C GLU A 15 7.14 -12.74 -1.28
N GLU A 16 6.41 -12.43 -0.18
CA GLU A 16 5.04 -12.95 0.05
C GLU A 16 4.02 -12.30 -0.91
N VAL A 17 4.15 -10.98 -1.12
CA VAL A 17 3.30 -10.21 -2.03
C VAL A 17 3.67 -10.49 -3.51
N SER A 18 4.97 -10.72 -3.75
CA SER A 18 5.49 -11.15 -5.06
C SER A 18 4.92 -12.54 -5.43
N LYS A 19 4.80 -13.41 -4.39
CA LYS A 19 4.16 -14.71 -4.56
C LYS A 19 2.67 -14.54 -4.88
N LYS A 20 1.97 -13.68 -4.10
CA LYS A 20 0.53 -13.37 -4.30
C LYS A 20 0.28 -12.85 -5.73
N ALA A 21 1.24 -12.05 -6.23
CA ALA A 21 1.24 -11.54 -7.60
C ALA A 21 1.26 -12.68 -8.62
N GLU A 22 2.15 -13.66 -8.42
CA GLU A 22 2.28 -14.83 -9.30
C GLU A 22 1.01 -15.72 -9.27
N GLU A 23 0.52 -15.99 -8.04
CA GLU A 23 -0.66 -16.85 -7.81
C GLU A 23 -1.90 -16.34 -8.57
N GLU A 24 -2.17 -15.02 -8.46
CA GLU A 24 -3.39 -14.40 -9.02
C GLU A 24 -3.17 -13.85 -10.44
N GLY A 25 -1.91 -13.71 -10.86
CA GLY A 25 -1.58 -13.14 -12.18
C GLY A 25 -1.60 -11.62 -12.20
N TYR A 26 -1.23 -11.00 -11.06
CA TYR A 26 -1.10 -9.54 -10.92
C TYR A 26 0.33 -9.10 -11.29
N ASP A 27 0.47 -8.03 -12.09
CA ASP A 27 1.79 -7.38 -12.32
C ASP A 27 2.05 -6.37 -11.18
N ILE A 28 2.71 -6.86 -10.11
CA ILE A 28 3.06 -6.03 -8.94
C ILE A 28 4.58 -5.85 -8.89
N GLN A 29 5.05 -4.66 -9.27
CA GLN A 29 6.47 -4.31 -9.21
C GLN A 29 6.84 -4.01 -7.75
N THR A 30 7.67 -4.86 -7.16
CA THR A 30 8.04 -4.75 -5.73
C THR A 30 9.40 -4.04 -5.58
N SER A 31 9.59 -3.33 -4.46
CA SER A 31 10.85 -2.63 -4.13
C SER A 31 11.00 -2.47 -2.61
N ASN A 32 12.25 -2.19 -2.19
CA ASN A 32 12.60 -1.91 -0.79
C ASN A 32 12.86 -0.41 -0.58
N ASP A 33 13.35 0.25 -1.65
CA ASP A 33 13.78 1.66 -1.60
C ASP A 33 12.59 2.59 -1.83
N LYS A 34 12.11 3.18 -0.73
CA LYS A 34 10.96 4.10 -0.70
C LYS A 34 11.21 5.39 -1.51
N LYS A 35 12.49 5.80 -1.64
CA LYS A 35 12.89 7.06 -2.30
C LYS A 35 12.61 7.00 -3.81
N GLU A 36 12.93 5.83 -4.40
CA GLU A 36 12.70 5.55 -5.83
C GLU A 36 11.20 5.58 -6.14
N ILE A 37 10.42 4.98 -5.22
CA ILE A 37 8.98 4.87 -5.35
C ILE A 37 8.30 6.25 -5.22
N ILE A 38 8.83 7.11 -4.33
CA ILE A 38 8.40 8.52 -4.21
C ILE A 38 8.54 9.24 -5.57
N ASP A 39 9.68 9.00 -6.25
CA ASP A 39 9.98 9.61 -7.56
C ASP A 39 9.03 9.09 -8.66
N ARG A 40 8.61 7.83 -8.55
CA ARG A 40 7.66 7.22 -9.50
C ARG A 40 6.24 7.81 -9.31
N LEU A 41 5.89 8.12 -8.05
CA LEU A 41 4.64 8.83 -7.70
C LEU A 41 4.69 10.28 -8.22
N LYS A 42 5.91 10.87 -8.23
CA LYS A 42 6.19 12.19 -8.82
C LYS A 42 5.98 12.18 -10.36
N ARG A 43 6.23 11.00 -10.99
CA ARG A 43 5.96 10.77 -12.42
C ARG A 43 4.46 10.45 -12.65
N ARG A 44 3.75 10.14 -11.55
CA ARG A 44 2.34 9.67 -11.53
C ARG A 44 2.20 8.32 -12.28
N ASN A 45 3.33 7.61 -12.37
CA ASN A 45 3.47 6.38 -13.16
C ASN A 45 2.69 5.22 -12.52
N ILE A 46 2.48 5.31 -11.21
CA ILE A 46 1.84 4.25 -10.42
C ILE A 46 0.35 4.59 -10.28
N ASP A 47 -0.52 3.64 -10.67
CA ASP A 47 -1.98 3.82 -10.55
C ASP A 47 -2.43 3.60 -9.12
N MET A 48 -1.92 2.50 -8.56
CA MET A 48 -2.31 2.02 -7.25
C MET A 48 -1.09 1.38 -6.57
N ILE A 49 -0.83 1.80 -5.33
CA ILE A 49 0.40 1.49 -4.59
C ILE A 49 0.05 0.98 -3.19
N ILE A 50 0.89 0.08 -2.66
CA ILE A 50 0.71 -0.52 -1.33
C ILE A 50 2.05 -0.43 -0.59
N VAL A 51 2.06 0.15 0.62
CA VAL A 51 3.28 0.31 1.43
C VAL A 51 3.09 -0.38 2.79
N LYS A 52 3.83 -1.47 3.00
CA LYS A 52 3.89 -2.18 4.28
C LYS A 52 5.18 -1.79 5.01
N THR A 53 5.02 -1.03 6.11
CA THR A 53 6.11 -0.70 7.04
C THR A 53 5.54 0.00 8.28
N GLU A 54 6.32 0.00 9.36
CA GLU A 54 6.04 0.78 10.57
C GLU A 54 6.83 2.11 10.55
N ASP A 55 7.67 2.28 9.51
CA ASP A 55 8.48 3.50 9.31
C ASP A 55 7.54 4.66 8.92
N LYS A 56 7.10 5.42 9.95
CA LYS A 56 6.10 6.52 9.83
C LYS A 56 6.49 7.56 8.77
N GLU A 57 7.81 7.77 8.62
CA GLU A 57 8.36 8.74 7.64
C GLU A 57 8.13 8.26 6.20
N SER A 58 8.30 6.94 5.96
CA SER A 58 8.07 6.33 4.63
C SER A 58 6.59 6.46 4.28
N ILE A 59 5.74 6.01 5.22
CA ILE A 59 4.29 6.02 5.10
C ILE A 59 3.78 7.43 4.73
N SER A 60 4.15 8.42 5.56
CA SER A 60 3.69 9.80 5.43
C SER A 60 4.11 10.42 4.07
N GLU A 61 5.41 10.26 3.70
CA GLU A 61 5.98 10.83 2.46
C GLU A 61 5.28 10.27 1.21
N ILE A 62 5.12 8.93 1.17
CA ILE A 62 4.42 8.26 0.06
C ILE A 62 2.98 8.80 -0.08
N ILE A 63 2.25 8.92 1.06
CA ILE A 63 0.86 9.42 1.08
C ILE A 63 0.77 10.83 0.49
N LYS A 64 1.72 11.72 0.88
CA LYS A 64 1.81 13.11 0.38
C LYS A 64 1.89 13.11 -1.17
N GLN A 65 2.71 12.17 -1.69
CA GLN A 65 2.94 12.00 -3.12
C GLN A 65 1.72 11.38 -3.84
N VAL A 66 0.97 10.51 -3.13
CA VAL A 66 -0.24 9.87 -3.70
C VAL A 66 -1.44 10.84 -3.65
N LEU A 67 -1.42 11.79 -2.70
CA LEU A 67 -2.42 12.88 -2.61
C LEU A 67 -2.19 13.86 -3.77
N ASP A 68 -0.90 14.14 -4.04
CA ASP A 68 -0.45 15.01 -5.13
C ASP A 68 -0.78 14.38 -6.50
N SER A 69 -0.57 13.06 -6.63
CA SER A 69 -0.86 12.34 -7.87
C SER A 69 -2.37 12.03 -7.99
N GLY A 70 -3.05 12.00 -6.84
CA GLY A 70 -4.48 11.64 -6.78
C GLY A 70 -4.72 10.17 -7.13
N ALA A 71 -3.74 9.32 -6.76
CA ALA A 71 -3.78 7.87 -7.05
C ALA A 71 -4.42 7.10 -5.87
N LYS A 72 -4.42 5.76 -5.97
CA LYS A 72 -4.91 4.87 -4.89
C LYS A 72 -3.72 4.36 -4.07
N VAL A 73 -3.86 4.34 -2.72
CA VAL A 73 -2.79 3.84 -1.81
C VAL A 73 -3.39 3.04 -0.63
N LEU A 74 -2.71 1.93 -0.28
CA LEU A 74 -3.03 1.11 0.89
C LEU A 74 -1.82 1.11 1.84
N ILE A 75 -2.03 1.65 3.05
CA ILE A 75 -1.04 1.66 4.12
C ILE A 75 -1.28 0.47 5.05
N LEU A 76 -0.26 -0.38 5.17
CA LEU A 76 -0.27 -1.55 6.04
C LEU A 76 0.81 -1.36 7.11
N SER A 77 0.38 -1.37 8.38
CA SER A 77 1.27 -1.21 9.53
C SER A 77 0.77 -2.14 10.65
N SER A 78 1.71 -2.76 11.36
CA SER A 78 1.40 -3.66 12.49
C SER A 78 0.87 -2.85 13.68
N ASP A 79 1.38 -1.63 13.81
CA ASP A 79 1.10 -0.75 14.95
C ASP A 79 -0.20 0.04 14.74
N GLU A 80 -1.13 -0.14 15.69
CA GLU A 80 -2.47 0.48 15.69
C GLU A 80 -2.41 2.02 15.82
N ASN A 81 -1.39 2.54 16.53
CA ASN A 81 -1.27 4.00 16.78
C ASN A 81 -0.89 4.71 15.48
N ILE A 82 -0.12 4.01 14.61
CA ILE A 82 0.23 4.49 13.26
C ILE A 82 -1.04 4.52 12.40
N ILE A 83 -1.75 3.36 12.33
CA ILE A 83 -2.99 3.23 11.53
C ILE A 83 -3.99 4.33 11.88
N GLU A 84 -4.18 4.56 13.20
CA GLU A 84 -5.04 5.62 13.73
C GLU A 84 -4.59 7.01 13.25
N SER A 85 -3.29 7.32 13.44
CA SER A 85 -2.68 8.60 13.02
C SER A 85 -2.93 8.88 11.52
N ILE A 86 -2.75 7.85 10.72
CA ILE A 86 -2.85 7.93 9.26
C ILE A 86 -4.32 8.12 8.82
N ARG A 87 -5.28 7.55 9.58
CA ARG A 87 -6.72 7.73 9.30
C ARG A 87 -7.19 9.16 9.68
N LYS A 88 -6.80 9.61 10.88
CA LYS A 88 -7.32 10.88 11.45
C LYS A 88 -6.69 12.11 10.77
N GLN A 89 -5.44 11.99 10.29
CA GLN A 89 -4.75 13.07 9.55
C GLN A 89 -5.10 13.00 8.05
N TYR A 90 -5.07 11.78 7.49
CA TYR A 90 -5.35 11.54 6.06
C TYR A 90 -6.65 10.70 5.95
N PRO A 91 -7.84 11.34 5.74
CA PRO A 91 -9.12 10.59 5.58
C PRO A 91 -9.16 9.74 4.28
N LYS A 92 -8.58 10.32 3.22
CA LYS A 92 -8.68 9.81 1.84
C LYS A 92 -7.80 8.57 1.55
N VAL A 93 -7.01 8.13 2.53
CA VAL A 93 -6.13 6.94 2.37
C VAL A 93 -6.89 5.65 2.78
N GLU A 94 -6.55 4.55 2.11
CA GLU A 94 -6.94 3.20 2.56
C GLU A 94 -5.91 2.72 3.56
N THR A 95 -6.32 2.40 4.79
CA THR A 95 -5.45 1.75 5.77
C THR A 95 -6.04 0.40 6.17
N ARG A 96 -5.18 -0.49 6.64
CA ARG A 96 -5.55 -1.74 7.26
C ARG A 96 -4.40 -2.16 8.17
N ARG A 97 -4.70 -2.44 9.44
CA ARG A 97 -3.74 -3.02 10.37
C ARG A 97 -3.34 -4.41 9.84
N ALA A 98 -2.06 -4.58 9.52
CA ALA A 98 -1.53 -5.83 8.99
C ALA A 98 -0.27 -6.14 9.77
N GLN A 99 -0.38 -7.11 10.67
CA GLN A 99 0.71 -7.49 11.57
C GLN A 99 1.64 -8.46 10.85
N ASP A 100 1.10 -9.60 10.43
CA ASP A 100 1.87 -10.66 9.77
C ASP A 100 1.83 -10.47 8.23
N LYS A 101 2.82 -11.06 7.56
CA LYS A 101 2.99 -11.08 6.09
C LYS A 101 1.73 -11.59 5.34
N GLU A 102 0.98 -12.50 5.99
CA GLU A 102 -0.24 -13.08 5.41
C GLU A 102 -1.30 -11.99 5.23
N GLU A 103 -1.46 -11.16 6.28
CA GLU A 103 -2.41 -10.05 6.29
C GLU A 103 -2.06 -8.98 5.25
N VAL A 104 -0.75 -8.88 4.94
CA VAL A 104 -0.24 -7.96 3.94
C VAL A 104 -0.71 -8.40 2.54
N LYS A 105 -0.33 -9.64 2.15
CA LYS A 105 -0.60 -10.18 0.80
C LYS A 105 -2.12 -10.37 0.56
N ASP A 106 -2.87 -10.75 1.62
CA ASP A 106 -4.35 -10.76 1.59
C ASP A 106 -4.88 -9.37 1.22
N ALA A 107 -4.42 -8.34 1.98
CA ALA A 107 -4.84 -6.94 1.80
C ALA A 107 -4.49 -6.41 0.41
N VAL A 108 -3.37 -6.91 -0.14
CA VAL A 108 -2.92 -6.63 -1.50
C VAL A 108 -3.97 -7.11 -2.52
N GLU A 109 -4.37 -8.39 -2.39
CA GLU A 109 -5.37 -9.01 -3.26
C GLU A 109 -6.71 -8.24 -3.16
N GLU A 110 -7.09 -7.88 -1.91
CA GLU A 110 -8.31 -7.12 -1.62
C GLU A 110 -8.30 -5.76 -2.35
N PHE A 111 -7.15 -5.06 -2.22
CA PHE A 111 -6.93 -3.71 -2.78
C PHE A 111 -7.11 -3.71 -4.32
N LEU A 112 -6.55 -4.75 -4.97
CA LEU A 112 -6.53 -4.85 -6.44
C LEU A 112 -7.90 -5.29 -7.01
N LYS A 113 -8.60 -6.21 -6.31
CA LYS A 113 -9.94 -6.68 -6.73
C LYS A 113 -10.99 -5.56 -6.61
N GLU A 114 -10.82 -4.72 -5.56
CA GLU A 114 -11.68 -3.54 -5.33
C GLU A 114 -11.29 -2.37 -6.26
N GLY A 115 -10.06 -2.46 -6.83
CA GLY A 115 -9.55 -1.42 -7.74
C GLY A 115 -9.09 -0.17 -7.00
N GLY A 116 -8.91 -0.29 -5.67
CA GLY A 116 -8.51 0.81 -4.81
C GLY A 116 -9.12 0.67 -3.43
N SER A 117 -10.25 1.36 -3.19
CA SER A 117 -10.88 1.43 -1.88
C SER A 117 -11.37 0.04 -1.41
N LEU A 118 -10.70 -0.51 -0.38
CA LEU A 118 -11.07 -1.80 0.25
C LEU A 118 -12.41 -1.66 0.98
N GLU A 119 -12.88 -2.79 1.54
CA GLU A 119 -14.10 -2.84 2.36
C GLU A 119 -13.79 -2.46 3.83
N HIS A 120 -12.78 -1.59 4.04
CA HIS A 120 -12.34 -1.15 5.37
C HIS A 120 -13.36 -0.15 5.96
N HIS A 121 -14.47 -0.71 6.46
CA HIS A 121 -15.55 0.06 7.11
C HIS A 121 -15.00 0.78 8.34
N HIS A 122 -15.40 2.06 8.49
CA HIS A 122 -14.86 2.96 9.52
C HIS A 122 -15.12 2.40 10.93
N HIS A 123 -14.13 2.60 11.84
CA HIS A 123 -14.20 2.10 13.23
C HIS A 123 -15.48 2.58 13.95
N HIS A 124 -15.90 3.81 13.62
CA HIS A 124 -17.20 4.39 13.99
C HIS A 124 -17.61 5.42 12.93
N HIS A 125 -18.92 5.71 12.86
CA HIS A 125 -19.48 6.71 11.92
C HIS A 125 -19.40 8.13 12.55
N MET A 1 -4.00 2.96 -17.68
CA MET A 1 -3.63 1.59 -18.08
C MET A 1 -3.50 0.72 -16.83
N GLY A 2 -2.68 1.19 -15.87
CA GLY A 2 -2.39 0.48 -14.64
C GLY A 2 -0.92 0.51 -14.32
N LYS A 3 -0.60 0.41 -13.02
CA LYS A 3 0.76 0.31 -12.50
C LYS A 3 0.65 0.05 -11.01
N VAL A 4 0.59 -1.24 -10.65
CA VAL A 4 0.57 -1.69 -9.26
C VAL A 4 2.01 -1.79 -8.78
N VAL A 5 2.36 -1.03 -7.76
CA VAL A 5 3.70 -1.03 -7.17
C VAL A 5 3.59 -1.38 -5.69
N PHE A 6 4.23 -2.49 -5.27
CA PHE A 6 4.35 -2.84 -3.86
C PHE A 6 5.69 -2.31 -3.34
N LEU A 7 5.63 -1.63 -2.22
CA LEU A 7 6.78 -1.06 -1.53
C LEU A 7 6.76 -1.56 -0.09
N SER A 8 7.87 -2.13 0.38
CA SER A 8 8.01 -2.56 1.77
C SER A 8 9.47 -2.52 2.18
N ASP A 9 9.69 -2.33 3.49
CA ASP A 9 11.03 -2.33 4.09
C ASP A 9 11.41 -3.78 4.49
N ASP A 10 10.38 -4.61 4.70
CA ASP A 10 10.52 -5.96 5.26
C ASP A 10 10.62 -7.00 4.11
N GLN A 11 11.57 -7.96 4.24
CA GLN A 11 11.87 -8.95 3.19
C GLN A 11 10.71 -9.97 2.93
N GLU A 12 10.30 -10.74 3.98
CA GLU A 12 9.30 -11.84 3.81
C GLU A 12 7.97 -11.30 3.32
N ILE A 13 7.62 -10.11 3.80
CA ILE A 13 6.46 -9.35 3.34
C ILE A 13 6.43 -9.22 1.80
N ILE A 14 7.55 -8.72 1.21
CA ILE A 14 7.71 -8.59 -0.26
C ILE A 14 7.58 -9.96 -0.95
N GLU A 15 8.15 -11.01 -0.31
CA GLU A 15 8.13 -12.39 -0.84
C GLU A 15 6.70 -12.97 -0.91
N GLU A 16 5.90 -12.66 0.11
CA GLU A 16 4.50 -13.15 0.23
C GLU A 16 3.57 -12.47 -0.77
N VAL A 17 3.74 -11.14 -0.91
CA VAL A 17 2.98 -10.33 -1.88
C VAL A 17 3.39 -10.68 -3.32
N SER A 18 4.69 -10.95 -3.52
CA SER A 18 5.26 -11.38 -4.80
C SER A 18 4.63 -12.71 -5.24
N LYS A 19 4.53 -13.65 -4.27
CA LYS A 19 3.93 -14.97 -4.49
C LYS A 19 2.44 -14.82 -4.84
N LYS A 20 1.70 -14.12 -3.96
CA LYS A 20 0.25 -13.93 -4.07
C LYS A 20 -0.13 -13.32 -5.43
N ALA A 21 0.58 -12.25 -5.80
CA ALA A 21 0.38 -11.53 -7.06
C ALA A 21 0.62 -12.45 -8.27
N GLU A 22 1.76 -13.14 -8.24
CA GLU A 22 2.24 -13.97 -9.37
C GLU A 22 1.30 -15.17 -9.62
N GLU A 23 0.84 -15.81 -8.52
CA GLU A 23 -0.13 -16.91 -8.57
C GLU A 23 -1.49 -16.44 -9.14
N GLU A 24 -1.91 -15.20 -8.76
CA GLU A 24 -3.17 -14.60 -9.23
C GLU A 24 -3.01 -13.93 -10.62
N GLY A 25 -1.77 -13.79 -11.10
CA GLY A 25 -1.47 -13.23 -12.44
C GLY A 25 -1.25 -11.73 -12.46
N TYR A 26 -1.27 -11.08 -11.28
CA TYR A 26 -0.97 -9.64 -11.14
C TYR A 26 0.54 -9.40 -11.28
N ASP A 27 0.92 -8.54 -12.23
CA ASP A 27 2.30 -8.06 -12.37
C ASP A 27 2.48 -6.81 -11.51
N ILE A 28 3.04 -7.00 -10.30
CA ILE A 28 3.30 -5.91 -9.35
C ILE A 28 4.80 -5.60 -9.34
N GLN A 29 5.16 -4.31 -9.52
CA GLN A 29 6.54 -3.84 -9.39
C GLN A 29 6.89 -3.77 -7.90
N THR A 30 7.74 -4.68 -7.44
CA THR A 30 8.15 -4.77 -6.03
C THR A 30 9.50 -4.08 -5.84
N SER A 31 9.64 -3.34 -4.72
CA SER A 31 10.87 -2.58 -4.39
C SER A 31 11.00 -2.38 -2.87
N ASN A 32 12.23 -2.06 -2.46
CA ASN A 32 12.59 -1.74 -1.06
C ASN A 32 13.02 -0.27 -0.97
N ASP A 33 13.71 0.25 -2.01
CA ASP A 33 14.18 1.64 -2.06
C ASP A 33 13.00 2.57 -2.45
N LYS A 34 12.41 3.19 -1.42
CA LYS A 34 11.23 4.08 -1.55
C LYS A 34 11.55 5.36 -2.34
N LYS A 35 12.84 5.69 -2.45
CA LYS A 35 13.34 6.84 -3.26
C LYS A 35 12.87 6.72 -4.73
N GLU A 36 12.88 5.48 -5.27
CA GLU A 36 12.42 5.19 -6.63
C GLU A 36 10.90 5.39 -6.75
N ILE A 37 10.18 4.85 -5.77
CA ILE A 37 8.72 4.74 -5.78
C ILE A 37 8.03 6.11 -5.58
N ILE A 38 8.52 6.88 -4.58
CA ILE A 38 8.10 8.28 -4.32
C ILE A 38 8.28 9.15 -5.59
N ASP A 39 9.39 8.89 -6.30
CA ASP A 39 9.76 9.63 -7.52
C ASP A 39 8.75 9.36 -8.65
N ARG A 40 8.33 8.08 -8.81
CA ARG A 40 7.37 7.68 -9.87
C ARG A 40 5.92 8.09 -9.51
N LEU A 41 5.64 8.27 -8.20
CA LEU A 41 4.38 8.91 -7.73
C LEU A 41 4.31 10.36 -8.26
N LYS A 42 5.43 11.09 -8.09
CA LYS A 42 5.58 12.49 -8.53
C LYS A 42 5.48 12.62 -10.07
N ARG A 43 5.85 11.56 -10.80
CA ARG A 43 5.75 11.50 -12.27
C ARG A 43 4.34 11.09 -12.74
N ARG A 44 3.48 10.67 -11.78
CA ARG A 44 2.10 10.14 -12.03
C ARG A 44 2.15 8.83 -12.86
N ASN A 45 3.32 8.16 -12.83
CA ASN A 45 3.59 6.91 -13.56
C ASN A 45 2.99 5.70 -12.80
N ILE A 46 2.78 5.86 -11.48
CA ILE A 46 2.17 4.83 -10.62
C ILE A 46 0.66 5.08 -10.53
N ASP A 47 -0.13 4.02 -10.76
CA ASP A 47 -1.60 4.07 -10.73
C ASP A 47 -2.10 3.75 -9.32
N MET A 48 -1.50 2.71 -8.73
CA MET A 48 -1.89 2.21 -7.40
C MET A 48 -0.66 1.64 -6.69
N ILE A 49 -0.53 1.97 -5.41
CA ILE A 49 0.64 1.64 -4.61
C ILE A 49 0.19 1.08 -3.25
N ILE A 50 0.80 -0.03 -2.82
CA ILE A 50 0.53 -0.66 -1.52
C ILE A 50 1.84 -0.67 -0.73
N VAL A 51 1.86 0.06 0.39
CA VAL A 51 3.06 0.24 1.23
C VAL A 51 2.91 -0.55 2.53
N LYS A 52 3.97 -1.29 2.90
CA LYS A 52 4.08 -1.93 4.20
C LYS A 52 5.37 -1.44 4.88
N THR A 53 5.19 -0.58 5.89
CA THR A 53 6.28 -0.10 6.76
C THR A 53 5.66 0.36 8.08
N GLU A 54 6.39 0.15 9.18
CA GLU A 54 5.96 0.54 10.54
C GLU A 54 6.48 1.96 10.87
N ASP A 55 7.12 2.62 9.89
CA ASP A 55 7.65 3.99 10.08
C ASP A 55 6.58 5.02 9.62
N LYS A 56 5.88 5.61 10.60
CA LYS A 56 4.76 6.55 10.37
C LYS A 56 5.17 7.81 9.58
N GLU A 57 6.46 8.20 9.65
CA GLU A 57 6.99 9.37 8.95
C GLU A 57 7.16 9.09 7.43
N SER A 58 7.63 7.87 7.09
CA SER A 58 7.81 7.45 5.69
C SER A 58 6.44 7.20 5.04
N ILE A 59 5.50 6.61 5.82
CA ILE A 59 4.09 6.45 5.41
C ILE A 59 3.50 7.81 4.99
N SER A 60 3.68 8.81 5.88
CA SER A 60 3.23 10.19 5.67
C SER A 60 3.75 10.75 4.34
N GLU A 61 5.07 10.53 4.07
CA GLU A 61 5.74 11.02 2.83
C GLU A 61 5.07 10.46 1.56
N ILE A 62 4.89 9.12 1.51
CA ILE A 62 4.24 8.44 0.36
C ILE A 62 2.85 9.05 0.10
N ILE A 63 2.02 9.15 1.17
CA ILE A 63 0.62 9.63 1.06
C ILE A 63 0.56 11.06 0.52
N LYS A 64 1.50 11.93 0.95
CA LYS A 64 1.61 13.32 0.48
C LYS A 64 1.88 13.36 -1.03
N GLN A 65 2.73 12.43 -1.50
CA GLN A 65 3.08 12.31 -2.93
C GLN A 65 2.00 11.54 -3.73
N VAL A 66 1.11 10.81 -3.02
CA VAL A 66 -0.10 10.21 -3.60
C VAL A 66 -1.25 11.25 -3.65
N LEU A 67 -1.20 12.25 -2.76
CA LEU A 67 -2.11 13.42 -2.80
C LEU A 67 -1.67 14.34 -3.95
N ASP A 68 -0.34 14.35 -4.20
CA ASP A 68 0.27 15.08 -5.33
C ASP A 68 -0.05 14.39 -6.67
N SER A 69 0.04 13.05 -6.71
CA SER A 69 -0.17 12.28 -7.96
C SER A 69 -1.67 12.14 -8.29
N GLY A 70 -2.44 11.73 -7.28
CA GLY A 70 -3.83 11.33 -7.44
C GLY A 70 -3.97 9.84 -7.71
N ALA A 71 -3.01 9.05 -7.17
CA ALA A 71 -3.01 7.57 -7.30
C ALA A 71 -3.92 6.92 -6.23
N LYS A 72 -4.18 5.61 -6.38
CA LYS A 72 -4.78 4.77 -5.33
C LYS A 72 -3.66 4.29 -4.38
N VAL A 73 -3.94 4.20 -3.07
CA VAL A 73 -2.93 3.81 -2.06
C VAL A 73 -3.56 2.97 -0.93
N LEU A 74 -2.82 1.94 -0.49
CA LEU A 74 -3.13 1.12 0.69
C LEU A 74 -1.95 1.18 1.66
N ILE A 75 -2.19 1.73 2.86
CA ILE A 75 -1.21 1.77 3.93
C ILE A 75 -1.39 0.57 4.87
N LEU A 76 -0.30 -0.19 5.03
CA LEU A 76 -0.21 -1.35 5.91
C LEU A 76 0.94 -1.09 6.89
N SER A 77 0.64 -1.15 8.19
CA SER A 77 1.65 -0.95 9.25
C SER A 77 1.41 -1.97 10.36
N SER A 78 2.48 -2.36 11.05
CA SER A 78 2.44 -3.40 12.09
C SER A 78 1.99 -2.86 13.46
N ASP A 79 1.49 -1.61 13.49
CA ASP A 79 1.06 -0.93 14.72
C ASP A 79 -0.25 -0.14 14.45
N GLU A 80 -1.26 -0.39 15.30
CA GLU A 80 -2.62 0.20 15.15
C GLU A 80 -2.69 1.68 15.55
N ASN A 81 -1.76 2.12 16.41
CA ASN A 81 -1.71 3.52 16.90
C ASN A 81 -1.10 4.42 15.82
N ILE A 82 -0.19 3.81 15.03
CA ILE A 82 0.40 4.41 13.83
C ILE A 82 -0.69 4.54 12.75
N ILE A 83 -1.44 3.44 12.50
CA ILE A 83 -2.59 3.44 11.56
C ILE A 83 -3.62 4.53 11.97
N GLU A 84 -3.89 4.61 13.29
CA GLU A 84 -4.82 5.60 13.88
C GLU A 84 -4.36 7.04 13.56
N SER A 85 -3.05 7.27 13.72
CA SER A 85 -2.40 8.56 13.42
C SER A 85 -2.53 8.90 11.92
N ILE A 86 -2.30 7.89 11.08
CA ILE A 86 -2.35 8.03 9.62
C ILE A 86 -3.77 8.36 9.14
N ARG A 87 -4.80 7.86 9.87
CA ARG A 87 -6.21 8.13 9.57
C ARG A 87 -6.61 9.56 9.96
N LYS A 88 -6.19 10.04 11.15
CA LYS A 88 -6.59 11.37 11.65
C LYS A 88 -5.96 12.49 10.80
N GLN A 89 -4.70 12.26 10.36
CA GLN A 89 -3.97 13.19 9.46
C GLN A 89 -4.52 13.10 8.03
N TYR A 90 -4.70 11.86 7.54
CA TYR A 90 -5.13 11.57 6.15
C TYR A 90 -6.35 10.60 6.19
N PRO A 91 -7.61 11.12 6.16
CA PRO A 91 -8.83 10.26 6.16
C PRO A 91 -9.12 9.61 4.78
N LYS A 92 -8.53 10.20 3.71
CA LYS A 92 -8.75 9.76 2.31
C LYS A 92 -8.09 8.42 1.97
N VAL A 93 -7.04 8.04 2.71
CA VAL A 93 -6.24 6.83 2.40
C VAL A 93 -6.89 5.54 2.96
N GLU A 94 -6.89 4.46 2.14
CA GLU A 94 -7.25 3.11 2.60
C GLU A 94 -6.17 2.64 3.60
N THR A 95 -6.54 2.48 4.86
CA THR A 95 -5.62 2.05 5.93
C THR A 95 -6.07 0.70 6.49
N ARG A 96 -5.11 -0.14 6.85
CA ARG A 96 -5.35 -1.45 7.43
C ARG A 96 -4.10 -1.87 8.19
N ARG A 97 -4.26 -2.33 9.44
CA ARG A 97 -3.14 -2.89 10.21
C ARG A 97 -2.79 -4.26 9.63
N ALA A 98 -1.51 -4.49 9.41
CA ALA A 98 -0.97 -5.75 8.88
C ALA A 98 0.37 -6.01 9.55
N GLN A 99 0.38 -6.97 10.47
CA GLN A 99 1.57 -7.39 11.23
C GLN A 99 2.13 -8.64 10.59
N ASP A 100 1.21 -9.59 10.34
CA ASP A 100 1.50 -10.87 9.72
C ASP A 100 1.74 -10.66 8.20
N LYS A 101 2.67 -11.43 7.63
CA LYS A 101 2.97 -11.41 6.19
C LYS A 101 1.79 -11.97 5.36
N GLU A 102 0.99 -12.84 6.00
CA GLU A 102 -0.28 -13.34 5.44
C GLU A 102 -1.35 -12.24 5.40
N GLU A 103 -1.41 -11.40 6.47
CA GLU A 103 -2.30 -10.22 6.54
C GLU A 103 -2.00 -9.20 5.42
N VAL A 104 -0.69 -9.07 5.08
CA VAL A 104 -0.25 -8.14 4.04
C VAL A 104 -0.68 -8.63 2.65
N LYS A 105 -0.33 -9.89 2.29
CA LYS A 105 -0.60 -10.44 0.94
C LYS A 105 -2.12 -10.58 0.68
N ASP A 106 -2.89 -10.93 1.73
CA ASP A 106 -4.37 -10.92 1.73
C ASP A 106 -4.92 -9.51 1.44
N ALA A 107 -4.35 -8.50 2.12
CA ALA A 107 -4.75 -7.08 1.95
C ALA A 107 -4.48 -6.58 0.53
N VAL A 108 -3.35 -7.04 -0.04
CA VAL A 108 -2.93 -6.71 -1.42
C VAL A 108 -3.93 -7.31 -2.42
N GLU A 109 -4.11 -8.65 -2.34
CA GLU A 109 -5.02 -9.41 -3.22
C GLU A 109 -6.44 -8.81 -3.26
N GLU A 110 -6.94 -8.44 -2.07
CA GLU A 110 -8.28 -7.88 -1.89
C GLU A 110 -8.38 -6.49 -2.52
N PHE A 111 -7.33 -5.66 -2.32
CA PHE A 111 -7.25 -4.26 -2.85
C PHE A 111 -7.25 -4.26 -4.39
N LEU A 112 -6.66 -5.32 -4.97
CA LEU A 112 -6.54 -5.53 -6.42
C LEU A 112 -7.87 -5.99 -7.03
N LYS A 113 -8.52 -6.98 -6.38
CA LYS A 113 -9.81 -7.55 -6.85
C LYS A 113 -10.97 -6.57 -6.69
N GLU A 114 -10.83 -5.63 -5.75
CA GLU A 114 -11.79 -4.52 -5.57
C GLU A 114 -11.34 -3.27 -6.35
N GLY A 115 -10.44 -3.48 -7.35
CA GLY A 115 -10.00 -2.43 -8.27
C GLY A 115 -8.84 -1.62 -7.71
N GLY A 116 -9.14 -0.79 -6.71
CA GLY A 116 -8.15 0.01 -6.01
C GLY A 116 -8.70 0.55 -4.71
N SER A 117 -9.36 -0.36 -3.97
CA SER A 117 -10.00 -0.05 -2.68
C SER A 117 -10.16 -1.35 -1.88
N LEU A 118 -10.51 -1.22 -0.59
CA LEU A 118 -10.94 -2.34 0.26
C LEU A 118 -12.43 -2.17 0.61
N GLU A 119 -13.04 -3.24 1.13
CA GLU A 119 -14.43 -3.21 1.63
C GLU A 119 -14.54 -2.35 2.91
N HIS A 120 -14.61 -1.02 2.66
CA HIS A 120 -14.63 0.02 3.70
C HIS A 120 -13.37 -0.07 4.59
N HIS A 121 -12.24 -0.51 3.99
CA HIS A 121 -10.95 -0.81 4.68
C HIS A 121 -11.17 -1.50 6.04
N HIS A 122 -11.47 -2.82 5.97
CA HIS A 122 -11.88 -3.62 7.13
C HIS A 122 -10.74 -3.83 8.14
N HIS A 123 -11.08 -3.65 9.43
CA HIS A 123 -10.23 -3.96 10.59
C HIS A 123 -11.02 -4.87 11.54
N HIS A 124 -10.30 -5.52 12.46
CA HIS A 124 -10.91 -6.16 13.64
C HIS A 124 -11.11 -5.06 14.72
N HIS A 125 -10.02 -4.33 15.01
CA HIS A 125 -10.05 -3.08 15.79
C HIS A 125 -8.85 -2.21 15.36
N MET A 1 -4.03 -2.67 -16.48
CA MET A 1 -3.25 -1.53 -17.00
C MET A 1 -2.67 -0.68 -15.85
N GLY A 2 -3.47 -0.51 -14.77
CA GLY A 2 -3.08 0.29 -13.61
C GLY A 2 -1.86 -0.29 -12.90
N LYS A 3 -0.74 0.45 -12.95
CA LYS A 3 0.54 -0.01 -12.43
C LYS A 3 0.48 -0.18 -10.90
N VAL A 4 0.66 -1.42 -10.45
CA VAL A 4 0.73 -1.75 -9.03
C VAL A 4 2.21 -1.82 -8.63
N VAL A 5 2.57 -1.16 -7.53
CA VAL A 5 3.92 -1.22 -6.96
C VAL A 5 3.81 -1.49 -5.45
N PHE A 6 4.43 -2.59 -4.99
CA PHE A 6 4.50 -2.93 -3.57
C PHE A 6 5.85 -2.46 -3.00
N LEU A 7 5.80 -1.40 -2.21
CA LEU A 7 6.93 -0.92 -1.41
C LEU A 7 6.80 -1.52 -0.01
N SER A 8 7.92 -1.96 0.60
CA SER A 8 7.90 -2.56 1.94
C SER A 8 9.23 -2.32 2.69
N ASP A 9 9.18 -2.66 3.97
CA ASP A 9 10.29 -2.56 4.92
C ASP A 9 11.03 -3.91 5.05
N ASP A 10 10.28 -5.02 4.93
CA ASP A 10 10.81 -6.37 5.19
C ASP A 10 10.63 -7.29 3.97
N GLN A 11 11.63 -8.19 3.76
CA GLN A 11 11.71 -9.11 2.62
C GLN A 11 10.63 -10.21 2.65
N GLU A 12 10.42 -10.83 3.84
CA GLU A 12 9.48 -11.97 4.00
C GLU A 12 8.03 -11.54 3.70
N ILE A 13 7.78 -10.24 3.84
CA ILE A 13 6.52 -9.60 3.47
C ILE A 13 6.39 -9.58 1.92
N ILE A 14 7.46 -9.05 1.28
CA ILE A 14 7.57 -8.85 -0.18
C ILE A 14 7.39 -10.18 -0.95
N GLU A 15 8.02 -11.25 -0.42
CA GLU A 15 8.03 -12.59 -1.04
C GLU A 15 6.63 -13.17 -1.16
N GLU A 16 5.85 -13.02 -0.09
CA GLU A 16 4.47 -13.54 0.00
C GLU A 16 3.51 -12.75 -0.90
N VAL A 17 3.69 -11.43 -0.95
CA VAL A 17 2.91 -10.55 -1.82
C VAL A 17 3.21 -10.83 -3.32
N SER A 18 4.50 -11.02 -3.63
CA SER A 18 4.97 -11.33 -4.99
C SER A 18 4.44 -12.69 -5.45
N LYS A 19 4.35 -13.65 -4.50
CA LYS A 19 3.78 -14.98 -4.74
C LYS A 19 2.30 -14.86 -5.12
N LYS A 20 1.54 -14.08 -4.33
CA LYS A 20 0.10 -13.79 -4.61
C LYS A 20 -0.07 -13.13 -5.99
N ALA A 21 0.84 -12.19 -6.30
CA ALA A 21 0.84 -11.45 -7.57
C ALA A 21 1.11 -12.37 -8.77
N GLU A 22 1.98 -13.38 -8.56
CA GLU A 22 2.36 -14.35 -9.60
C GLU A 22 1.18 -15.28 -9.91
N GLU A 23 0.65 -15.91 -8.84
CA GLU A 23 -0.46 -16.88 -8.92
C GLU A 23 -1.71 -16.29 -9.59
N GLU A 24 -2.01 -15.01 -9.31
CA GLU A 24 -3.19 -14.32 -9.88
C GLU A 24 -2.86 -13.62 -11.21
N GLY A 25 -1.57 -13.33 -11.46
CA GLY A 25 -1.12 -12.69 -12.72
C GLY A 25 -1.23 -11.17 -12.72
N TYR A 26 -1.08 -10.56 -11.52
CA TYR A 26 -1.02 -9.09 -11.38
C TYR A 26 0.42 -8.59 -11.60
N ASP A 27 0.53 -7.36 -12.12
CA ASP A 27 1.83 -6.70 -12.40
C ASP A 27 2.20 -5.79 -11.22
N ILE A 28 2.86 -6.37 -10.22
CA ILE A 28 3.27 -5.65 -9.00
C ILE A 28 4.81 -5.54 -8.95
N GLN A 29 5.34 -4.34 -9.17
CA GLN A 29 6.77 -4.06 -9.03
C GLN A 29 7.10 -3.92 -7.54
N THR A 30 7.96 -4.80 -7.03
CA THR A 30 8.32 -4.85 -5.60
C THR A 30 9.64 -4.11 -5.37
N SER A 31 9.69 -3.29 -4.31
CA SER A 31 10.85 -2.42 -4.00
C SER A 31 11.00 -2.24 -2.48
N ASN A 32 12.23 -1.89 -2.08
CA ASN A 32 12.61 -1.54 -0.69
C ASN A 32 13.10 -0.07 -0.64
N ASP A 33 13.37 0.51 -1.84
CA ASP A 33 13.88 1.90 -1.97
C ASP A 33 12.72 2.87 -2.25
N LYS A 34 12.32 3.63 -1.22
CA LYS A 34 11.23 4.63 -1.31
C LYS A 34 11.59 5.83 -2.20
N LYS A 35 12.91 6.12 -2.31
CA LYS A 35 13.41 7.32 -3.04
C LYS A 35 13.00 7.26 -4.52
N GLU A 36 13.11 6.04 -5.10
CA GLU A 36 12.65 5.76 -6.46
C GLU A 36 11.14 5.97 -6.55
N ILE A 37 10.41 5.35 -5.61
CA ILE A 37 8.95 5.22 -5.63
C ILE A 37 8.23 6.58 -5.55
N ILE A 38 8.70 7.46 -4.66
CA ILE A 38 8.25 8.86 -4.51
C ILE A 38 8.34 9.61 -5.86
N ASP A 39 9.48 9.40 -6.53
CA ASP A 39 9.79 10.02 -7.83
C ASP A 39 8.83 9.50 -8.92
N ARG A 40 8.42 8.23 -8.79
CA ARG A 40 7.50 7.56 -9.75
C ARG A 40 6.05 8.05 -9.54
N LEU A 41 5.68 8.29 -8.25
CA LEU A 41 4.36 8.85 -7.88
C LEU A 41 4.16 10.24 -8.53
N LYS A 42 5.24 11.05 -8.55
CA LYS A 42 5.26 12.36 -9.26
C LYS A 42 4.93 12.20 -10.76
N ARG A 43 5.45 11.12 -11.36
CA ARG A 43 5.38 10.86 -12.82
C ARG A 43 4.02 10.30 -13.25
N ARG A 44 3.20 9.86 -12.27
CA ARG A 44 1.99 9.04 -12.52
C ARG A 44 2.40 7.70 -13.16
N ASN A 45 3.62 7.25 -12.80
CA ASN A 45 4.19 5.97 -13.22
C ASN A 45 3.47 4.83 -12.49
N ILE A 46 2.94 5.14 -11.29
CA ILE A 46 2.20 4.20 -10.42
C ILE A 46 0.75 4.69 -10.29
N ASP A 47 -0.22 3.78 -10.53
CA ASP A 47 -1.67 4.07 -10.38
C ASP A 47 -2.19 3.67 -9.00
N MET A 48 -1.60 2.60 -8.45
CA MET A 48 -2.00 2.07 -7.15
C MET A 48 -0.78 1.42 -6.47
N ILE A 49 -0.55 1.80 -5.22
CA ILE A 49 0.67 1.50 -4.47
C ILE A 49 0.29 1.01 -3.06
N ILE A 50 1.10 0.07 -2.53
CA ILE A 50 0.92 -0.48 -1.18
C ILE A 50 2.26 -0.38 -0.44
N VAL A 51 2.27 0.28 0.72
CA VAL A 51 3.48 0.48 1.54
C VAL A 51 3.31 -0.21 2.91
N LYS A 52 4.08 -1.29 3.13
CA LYS A 52 4.15 -1.99 4.41
C LYS A 52 5.42 -1.52 5.16
N THR A 53 5.22 -0.71 6.20
CA THR A 53 6.29 -0.26 7.11
C THR A 53 5.66 0.37 8.36
N GLU A 54 6.45 0.43 9.44
CA GLU A 54 6.05 1.06 10.71
C GLU A 54 6.65 2.46 10.85
N ASP A 55 7.55 2.84 9.91
CA ASP A 55 8.19 4.16 9.95
C ASP A 55 7.19 5.21 9.45
N LYS A 56 6.66 5.98 10.41
CA LYS A 56 5.57 6.95 10.22
C LYS A 56 5.92 8.03 9.16
N GLU A 57 7.22 8.39 9.09
CA GLU A 57 7.73 9.44 8.18
C GLU A 57 7.86 8.91 6.73
N SER A 58 8.16 7.59 6.58
CA SER A 58 8.20 6.92 5.26
C SER A 58 6.79 6.88 4.67
N ILE A 59 5.85 6.45 5.52
CA ILE A 59 4.42 6.37 5.22
C ILE A 59 3.91 7.76 4.78
N SER A 60 4.23 8.77 5.61
CA SER A 60 3.79 10.16 5.43
C SER A 60 4.15 10.71 4.03
N GLU A 61 5.44 10.57 3.65
CA GLU A 61 5.97 11.11 2.39
C GLU A 61 5.26 10.50 1.16
N ILE A 62 5.11 9.16 1.14
CA ILE A 62 4.41 8.46 0.05
C ILE A 62 2.97 8.99 -0.12
N ILE A 63 2.22 9.08 1.02
CA ILE A 63 0.81 9.53 1.01
C ILE A 63 0.71 10.96 0.46
N LYS A 64 1.65 11.83 0.87
CA LYS A 64 1.72 13.24 0.42
C LYS A 64 1.84 13.31 -1.12
N GLN A 65 2.66 12.41 -1.68
CA GLN A 65 2.85 12.30 -3.15
C GLN A 65 1.59 11.75 -3.83
N VAL A 66 0.89 10.82 -3.15
CA VAL A 66 -0.31 10.12 -3.69
C VAL A 66 -1.56 11.02 -3.64
N LEU A 67 -1.62 11.93 -2.63
CA LEU A 67 -2.72 12.92 -2.51
C LEU A 67 -2.63 13.92 -3.68
N ASP A 68 -1.37 14.23 -4.05
CA ASP A 68 -1.03 15.19 -5.11
C ASP A 68 -1.18 14.56 -6.50
N SER A 69 -0.75 13.31 -6.66
CA SER A 69 -0.77 12.61 -7.95
C SER A 69 -2.18 12.11 -8.29
N GLY A 70 -2.89 11.60 -7.26
CA GLY A 70 -4.22 11.06 -7.40
C GLY A 70 -4.22 9.56 -7.66
N ALA A 71 -3.39 8.83 -6.91
CA ALA A 71 -3.34 7.35 -6.95
C ALA A 71 -4.14 6.76 -5.77
N LYS A 72 -4.27 5.43 -5.76
CA LYS A 72 -4.79 4.67 -4.61
C LYS A 72 -3.58 4.21 -3.80
N VAL A 73 -3.61 4.38 -2.47
CA VAL A 73 -2.50 3.94 -1.59
C VAL A 73 -3.04 3.16 -0.39
N LEU A 74 -2.50 1.96 -0.19
CA LEU A 74 -2.82 1.10 0.95
C LEU A 74 -1.62 1.07 1.90
N ILE A 75 -1.78 1.70 3.06
CA ILE A 75 -0.78 1.69 4.13
C ILE A 75 -1.06 0.53 5.08
N LEU A 76 -0.12 -0.40 5.13
CA LEU A 76 -0.17 -1.57 6.00
C LEU A 76 0.91 -1.41 7.09
N SER A 77 0.50 -1.51 8.35
CA SER A 77 1.40 -1.39 9.50
C SER A 77 0.92 -2.32 10.61
N SER A 78 1.86 -2.80 11.44
CA SER A 78 1.56 -3.76 12.51
C SER A 78 0.86 -3.08 13.69
N ASP A 79 1.25 -1.83 13.96
CA ASP A 79 0.69 -1.06 15.09
C ASP A 79 -0.57 -0.29 14.64
N GLU A 80 -1.66 -0.50 15.41
CA GLU A 80 -2.98 0.09 15.14
C GLU A 80 -3.01 1.59 15.48
N ASN A 81 -2.04 2.06 16.29
CA ASN A 81 -1.95 3.48 16.68
C ASN A 81 -1.26 4.29 15.57
N ILE A 82 -0.35 3.62 14.80
CA ILE A 82 0.21 4.17 13.56
C ILE A 82 -0.93 4.33 12.54
N ILE A 83 -1.65 3.20 12.29
CA ILE A 83 -2.80 3.16 11.36
C ILE A 83 -3.81 4.28 11.71
N GLU A 84 -4.13 4.40 13.01
CA GLU A 84 -5.11 5.39 13.50
C GLU A 84 -4.65 6.84 13.24
N SER A 85 -3.35 7.10 13.53
CA SER A 85 -2.73 8.43 13.31
C SER A 85 -2.76 8.79 11.81
N ILE A 86 -2.54 7.79 10.95
CA ILE A 86 -2.53 7.98 9.50
C ILE A 86 -3.97 8.24 8.97
N ARG A 87 -4.99 7.69 9.67
CA ARG A 87 -6.41 7.90 9.31
C ARG A 87 -6.88 9.32 9.67
N LYS A 88 -6.39 9.88 10.79
CA LYS A 88 -6.83 11.22 11.26
C LYS A 88 -6.10 12.35 10.52
N GLN A 89 -4.79 12.14 10.23
CA GLN A 89 -3.98 13.09 9.45
C GLN A 89 -4.42 13.10 7.99
N TYR A 90 -4.60 11.89 7.42
CA TYR A 90 -4.98 11.70 6.02
C TYR A 90 -6.26 10.83 5.98
N PRO A 91 -7.47 11.44 5.93
CA PRO A 91 -8.73 10.67 5.76
C PRO A 91 -8.85 9.94 4.40
N LYS A 92 -8.24 10.51 3.34
CA LYS A 92 -8.38 9.99 1.95
C LYS A 92 -7.45 8.78 1.64
N VAL A 93 -6.63 8.36 2.61
CA VAL A 93 -5.76 7.17 2.45
C VAL A 93 -6.56 5.88 2.75
N GLU A 94 -6.21 4.77 2.07
CA GLU A 94 -6.65 3.43 2.46
C GLU A 94 -5.63 2.89 3.46
N THR A 95 -6.07 2.56 4.68
CA THR A 95 -5.23 1.93 5.71
C THR A 95 -5.88 0.63 6.15
N ARG A 96 -5.04 -0.31 6.56
CA ARG A 96 -5.47 -1.59 7.09
C ARG A 96 -4.31 -2.15 7.93
N ARG A 97 -4.61 -2.51 9.19
CA ARG A 97 -3.63 -3.09 10.10
C ARG A 97 -3.24 -4.49 9.59
N ALA A 98 -1.95 -4.65 9.28
CA ALA A 98 -1.39 -5.89 8.76
C ALA A 98 -0.06 -6.13 9.46
N GLN A 99 -0.06 -7.08 10.39
CA GLN A 99 1.09 -7.33 11.27
C GLN A 99 2.03 -8.34 10.62
N ASP A 100 1.47 -9.50 10.29
CA ASP A 100 2.20 -10.63 9.71
C ASP A 100 2.05 -10.60 8.17
N LYS A 101 2.98 -11.26 7.47
CA LYS A 101 3.05 -11.34 5.99
C LYS A 101 1.74 -11.92 5.38
N GLU A 102 1.06 -12.81 6.14
CA GLU A 102 -0.22 -13.40 5.74
C GLU A 102 -1.30 -12.31 5.58
N GLU A 103 -1.41 -11.43 6.60
CA GLU A 103 -2.35 -10.30 6.60
C GLU A 103 -2.05 -9.31 5.46
N VAL A 104 -0.75 -9.12 5.17
CA VAL A 104 -0.28 -8.19 4.14
C VAL A 104 -0.70 -8.68 2.74
N LYS A 105 -0.33 -9.94 2.41
CA LYS A 105 -0.58 -10.53 1.07
C LYS A 105 -2.09 -10.63 0.78
N ASP A 106 -2.90 -10.88 1.83
CA ASP A 106 -4.38 -10.85 1.75
C ASP A 106 -4.89 -9.44 1.43
N ALA A 107 -4.32 -8.43 2.12
CA ALA A 107 -4.70 -7.02 1.95
C ALA A 107 -4.39 -6.53 0.53
N VAL A 108 -3.26 -7.00 -0.01
CA VAL A 108 -2.82 -6.70 -1.39
C VAL A 108 -3.84 -7.24 -2.40
N GLU A 109 -4.19 -8.53 -2.24
CA GLU A 109 -5.18 -9.22 -3.07
C GLU A 109 -6.52 -8.44 -3.10
N GLU A 110 -6.98 -8.06 -1.90
CA GLU A 110 -8.27 -7.37 -1.69
C GLU A 110 -8.21 -5.89 -2.09
N PHE A 111 -7.00 -5.32 -2.19
CA PHE A 111 -6.78 -3.95 -2.71
C PHE A 111 -7.03 -3.93 -4.22
N LEU A 112 -6.58 -5.00 -4.89
CA LEU A 112 -6.67 -5.14 -6.35
C LEU A 112 -8.08 -5.59 -6.80
N LYS A 113 -8.63 -6.64 -6.17
CA LYS A 113 -9.90 -7.28 -6.59
C LYS A 113 -11.12 -6.42 -6.24
N GLU A 114 -11.06 -5.70 -5.10
CA GLU A 114 -12.15 -4.78 -4.69
C GLU A 114 -11.96 -3.40 -5.36
N GLY A 115 -10.77 -3.16 -5.94
CA GLY A 115 -10.50 -1.97 -6.75
C GLY A 115 -10.28 -0.71 -5.92
N GLY A 116 -9.05 -0.57 -5.37
CA GLY A 116 -8.67 0.58 -4.56
C GLY A 116 -9.25 0.51 -3.15
N SER A 117 -10.57 0.75 -3.05
CA SER A 117 -11.31 0.59 -1.79
C SER A 117 -11.48 -0.92 -1.49
N LEU A 118 -10.71 -1.40 -0.48
CA LEU A 118 -10.77 -2.82 -0.05
C LEU A 118 -12.15 -3.12 0.53
N GLU A 119 -12.60 -2.23 1.42
CA GLU A 119 -13.94 -2.23 2.01
C GLU A 119 -14.58 -0.85 1.82
N HIS A 120 -15.87 -0.76 2.12
CA HIS A 120 -16.58 0.52 2.28
C HIS A 120 -16.38 1.01 3.74
N HIS A 121 -17.22 1.96 4.21
CA HIS A 121 -17.29 2.28 5.66
C HIS A 121 -17.84 1.05 6.39
N HIS A 122 -16.95 0.40 7.17
CA HIS A 122 -17.18 -0.94 7.75
C HIS A 122 -18.07 -0.82 9.02
N HIS A 123 -19.35 -0.46 8.81
CA HIS A 123 -20.34 -0.22 9.88
C HIS A 123 -21.70 -0.80 9.47
N HIS A 124 -22.54 -1.04 10.47
CA HIS A 124 -23.98 -1.40 10.29
C HIS A 124 -24.85 -0.43 11.12
N HIS A 125 -24.29 0.75 11.43
CA HIS A 125 -24.97 1.83 12.16
C HIS A 125 -24.70 3.15 11.38
#